data_7KFO
# 
_entry.id   7KFO 
# 
_audit_conform.dict_name       mmcif_pdbx.dic 
_audit_conform.dict_version    5.380 
_audit_conform.dict_location   http://mmcif.pdb.org/dictionaries/ascii/mmcif_pdbx.dic 
# 
loop_
_database_2.database_id 
_database_2.database_code 
_database_2.pdbx_database_accession 
_database_2.pdbx_DOI 
PDB   7KFO         pdb_00007kfo 10.2210/pdb7kfo/pdb 
WWPDB D_1000252034 ?            ?                   
# 
_pdbx_database_status.status_code                     REL 
_pdbx_database_status.status_code_sf                  REL 
_pdbx_database_status.status_code_mr                  ? 
_pdbx_database_status.entry_id                        7KFO 
_pdbx_database_status.recvd_initial_deposition_date   2020-10-14 
_pdbx_database_status.SG_entry                        N 
_pdbx_database_status.deposit_site                    RCSB 
_pdbx_database_status.process_site                    RCSB 
_pdbx_database_status.status_code_cs                  ? 
_pdbx_database_status.status_code_nmr_data            ? 
_pdbx_database_status.methods_development_category    ? 
_pdbx_database_status.pdb_format_compatible           Y 
# 
loop_
_audit_author.name 
_audit_author.pdbx_ordinal 
_audit_author.identifier_ORCID 
'Walton, W.G.'  1 0000-0001-6745-534X 
'Redinbo, M.R.' 2 0000-0003-0814-5346 
'Dangl, J.L.'   3 0000-0003-3199-8654 
# 
_citation.abstract                  ? 
_citation.abstract_id_CAS           ? 
_citation.book_id_ISBN              ? 
_citation.book_publisher            ? 
_citation.book_publisher_city       ? 
_citation.book_title                ? 
_citation.coordinate_linkage        ? 
_citation.country                   UK 
_citation.database_id_Medline       ? 
_citation.details                   ? 
_citation.id                        primary 
_citation.journal_abbrev            'Nat Microbiol' 
_citation.journal_id_ASTM           ? 
_citation.journal_id_CSD            ? 
_citation.journal_id_ISSN           2058-5276 
_citation.journal_full              ? 
_citation.journal_issue             ? 
_citation.journal_volume            7 
_citation.language                  ? 
_citation.page_first                1817 
_citation.page_last                 1833 
_citation.title                     'Diverse MarR bacterial regulators of auxin catabolism in the plant microbiome.' 
_citation.year                      2022 
_citation.database_id_CSD           ? 
_citation.pdbx_database_id_DOI      10.1038/s41564-022-01244-3 
_citation.pdbx_database_id_PubMed   36266335 
_citation.unpublished_flag          ? 
# 
loop_
_citation_author.citation_id 
_citation_author.name 
_citation_author.ordinal 
_citation_author.identifier_ORCID 
primary 'Conway, J.M.'       1  0000-0002-2715-2149 
primary 'Walton, W.G.'       2  ?                   
primary 'Salas-Gonzalez, I.' 3  0000-0002-0347-5058 
primary 'Law, T.F.'          4  ?                   
primary 'Lindberg, C.A.'     5  ?                   
primary 'Crook, L.E.'        6  ?                   
primary 'Kosina, S.M.'       7  0000-0003-2885-1248 
primary 'Fitzpatrick, C.R.'  8  ?                   
primary 'Lietzan, A.D.'      9  0000-0001-6388-2491 
primary 'Northen, T.R.'      10 0000-0001-8404-3259 
primary 'Jones, C.D.'        11 ?                   
primary 'Finkel, O.M.'       12 0000-0003-4770-0402 
primary 'Redinbo, M.R.'      13 0000-0003-0814-5346 
primary 'Dangl, J.L.'        14 0000-0003-3199-8654 
# 
_cell.angle_alpha                  90.000 
_cell.angle_alpha_esd              ? 
_cell.angle_beta                   90.000 
_cell.angle_beta_esd               ? 
_cell.angle_gamma                  90.000 
_cell.angle_gamma_esd              ? 
_cell.entry_id                     7KFO 
_cell.details                      ? 
_cell.formula_units_Z              ? 
_cell.length_a                     55.042 
_cell.length_a_esd                 ? 
_cell.length_b                     114.337 
_cell.length_b_esd                 ? 
_cell.length_c                     115.094 
_cell.length_c_esd                 ? 
_cell.volume                       724325.346 
_cell.volume_esd                   ? 
_cell.Z_PDB                        16 
_cell.reciprocal_angle_alpha       ? 
_cell.reciprocal_angle_beta        ? 
_cell.reciprocal_angle_gamma       ? 
_cell.reciprocal_angle_alpha_esd   ? 
_cell.reciprocal_angle_beta_esd    ? 
_cell.reciprocal_angle_gamma_esd   ? 
_cell.reciprocal_length_a          ? 
_cell.reciprocal_length_b          ? 
_cell.reciprocal_length_c          ? 
_cell.reciprocal_length_a_esd      ? 
_cell.reciprocal_length_b_esd      ? 
_cell.reciprocal_length_c_esd      ? 
_cell.pdbx_unique_axis             ? 
# 
_symmetry.entry_id                         7KFO 
_symmetry.cell_setting                     ? 
_symmetry.Int_Tables_number                22 
_symmetry.space_group_name_Hall            'F 2 2' 
_symmetry.space_group_name_H-M             'F 2 2 2' 
_symmetry.pdbx_full_space_group_name_H-M   ? 
# 
loop_
_entity.id 
_entity.type 
_entity.src_method 
_entity.pdbx_description 
_entity.formula_weight 
_entity.pdbx_number_of_molecules 
_entity.pdbx_ec 
_entity.pdbx_mutation 
_entity.pdbx_fragment 
_entity.details 
1 polymer     man 'Transcriptional regulator, MarR family' 20969.717 1   ? ? ? ? 
2 non-polymer syn '1H-INDOL-3-YLACETIC ACID'               175.184   1   ? ? ? ? 
3 non-polymer syn 'SULFATE ION'                            96.063    4   ? ? ? ? 
4 water       nat water                                    18.015    127 ? ? ? ? 
# 
_entity_poly.entity_id                      1 
_entity_poly.type                           'polypeptide(L)' 
_entity_poly.nstd_linkage                   no 
_entity_poly.nstd_monomer                   no 
_entity_poly.pdbx_seq_one_letter_code       
;MHHHHHHSSGVDLGTENLYFQSNAMAEQPPETHRFVDDYLPALLAQASQLISSEFHEVARQHGFSVSEWRVMASLAGSEP
ISIGQLAQVTVTKQPTVTRLLDRMEARGQVERLPHESDRRITLVRITRKGLKAVEHLMELAREHERRVLEPFGLRRAEEL
KQTLRQMIDLHVHVPVEEPEED
;
_entity_poly.pdbx_seq_one_letter_code_can   
;MHHHHHHSSGVDLGTENLYFQSNAMAEQPPETHRFVDDYLPALLAQASQLISSEFHEVARQHGFSVSEWRVMASLAGSEP
ISIGQLAQVTVTKQPTVTRLLDRMEARGQVERLPHESDRRITLVRITRKGLKAVEHLMELAREHERRVLEPFGLRRAEEL
KQTLRQMIDLHVHVPVEEPEED
;
_entity_poly.pdbx_strand_id                 A 
_entity_poly.pdbx_target_identifier         ? 
# 
loop_
_entity_poly_seq.entity_id 
_entity_poly_seq.num 
_entity_poly_seq.mon_id 
_entity_poly_seq.hetero 
1 1   MET n 
1 2   HIS n 
1 3   HIS n 
1 4   HIS n 
1 5   HIS n 
1 6   HIS n 
1 7   HIS n 
1 8   SER n 
1 9   SER n 
1 10  GLY n 
1 11  VAL n 
1 12  ASP n 
1 13  LEU n 
1 14  GLY n 
1 15  THR n 
1 16  GLU n 
1 17  ASN n 
1 18  LEU n 
1 19  TYR n 
1 20  PHE n 
1 21  GLN n 
1 22  SER n 
1 23  ASN n 
1 24  ALA n 
1 25  MET n 
1 26  ALA n 
1 27  GLU n 
1 28  GLN n 
1 29  PRO n 
1 30  PRO n 
1 31  GLU n 
1 32  THR n 
1 33  HIS n 
1 34  ARG n 
1 35  PHE n 
1 36  VAL n 
1 37  ASP n 
1 38  ASP n 
1 39  TYR n 
1 40  LEU n 
1 41  PRO n 
1 42  ALA n 
1 43  LEU n 
1 44  LEU n 
1 45  ALA n 
1 46  GLN n 
1 47  ALA n 
1 48  SER n 
1 49  GLN n 
1 50  LEU n 
1 51  ILE n 
1 52  SER n 
1 53  SER n 
1 54  GLU n 
1 55  PHE n 
1 56  HIS n 
1 57  GLU n 
1 58  VAL n 
1 59  ALA n 
1 60  ARG n 
1 61  GLN n 
1 62  HIS n 
1 63  GLY n 
1 64  PHE n 
1 65  SER n 
1 66  VAL n 
1 67  SER n 
1 68  GLU n 
1 69  TRP n 
1 70  ARG n 
1 71  VAL n 
1 72  MET n 
1 73  ALA n 
1 74  SER n 
1 75  LEU n 
1 76  ALA n 
1 77  GLY n 
1 78  SER n 
1 79  GLU n 
1 80  PRO n 
1 81  ILE n 
1 82  SER n 
1 83  ILE n 
1 84  GLY n 
1 85  GLN n 
1 86  LEU n 
1 87  ALA n 
1 88  GLN n 
1 89  VAL n 
1 90  THR n 
1 91  VAL n 
1 92  THR n 
1 93  LYS n 
1 94  GLN n 
1 95  PRO n 
1 96  THR n 
1 97  VAL n 
1 98  THR n 
1 99  ARG n 
1 100 LEU n 
1 101 LEU n 
1 102 ASP n 
1 103 ARG n 
1 104 MET n 
1 105 GLU n 
1 106 ALA n 
1 107 ARG n 
1 108 GLY n 
1 109 GLN n 
1 110 VAL n 
1 111 GLU n 
1 112 ARG n 
1 113 LEU n 
1 114 PRO n 
1 115 HIS n 
1 116 GLU n 
1 117 SER n 
1 118 ASP n 
1 119 ARG n 
1 120 ARG n 
1 121 ILE n 
1 122 THR n 
1 123 LEU n 
1 124 VAL n 
1 125 ARG n 
1 126 ILE n 
1 127 THR n 
1 128 ARG n 
1 129 LYS n 
1 130 GLY n 
1 131 LEU n 
1 132 LYS n 
1 133 ALA n 
1 134 VAL n 
1 135 GLU n 
1 136 HIS n 
1 137 LEU n 
1 138 MET n 
1 139 GLU n 
1 140 LEU n 
1 141 ALA n 
1 142 ARG n 
1 143 GLU n 
1 144 HIS n 
1 145 GLU n 
1 146 ARG n 
1 147 ARG n 
1 148 VAL n 
1 149 LEU n 
1 150 GLU n 
1 151 PRO n 
1 152 PHE n 
1 153 GLY n 
1 154 LEU n 
1 155 ARG n 
1 156 ARG n 
1 157 ALA n 
1 158 GLU n 
1 159 GLU n 
1 160 LEU n 
1 161 LYS n 
1 162 GLN n 
1 163 THR n 
1 164 LEU n 
1 165 ARG n 
1 166 GLN n 
1 167 MET n 
1 168 ILE n 
1 169 ASP n 
1 170 LEU n 
1 171 HIS n 
1 172 VAL n 
1 173 HIS n 
1 174 VAL n 
1 175 PRO n 
1 176 VAL n 
1 177 GLU n 
1 178 GLU n 
1 179 PRO n 
1 180 GLU n 
1 181 GLU n 
1 182 ASP n 
# 
_entity_src_gen.entity_id                          1 
_entity_src_gen.pdbx_src_id                        1 
_entity_src_gen.pdbx_alt_source_flag               sample 
_entity_src_gen.pdbx_seq_type                      'Biological sequence' 
_entity_src_gen.pdbx_beg_seq_num                   1 
_entity_src_gen.pdbx_end_seq_num                   182 
_entity_src_gen.gene_src_common_name               ? 
_entity_src_gen.gene_src_genus                     ? 
_entity_src_gen.pdbx_gene_src_gene                 Vapar_1489 
_entity_src_gen.gene_src_species                   ? 
_entity_src_gen.gene_src_strain                    ? 
_entity_src_gen.gene_src_tissue                    ? 
_entity_src_gen.gene_src_tissue_fraction           ? 
_entity_src_gen.gene_src_details                   ? 
_entity_src_gen.pdbx_gene_src_fragment             ? 
_entity_src_gen.pdbx_gene_src_scientific_name      'Variovorax paradoxus' 
_entity_src_gen.pdbx_gene_src_ncbi_taxonomy_id     34073 
_entity_src_gen.pdbx_gene_src_variant              ? 
_entity_src_gen.pdbx_gene_src_cell_line            ? 
_entity_src_gen.pdbx_gene_src_atcc                 ? 
_entity_src_gen.pdbx_gene_src_organ                ? 
_entity_src_gen.pdbx_gene_src_organelle            ? 
_entity_src_gen.pdbx_gene_src_cell                 ? 
_entity_src_gen.pdbx_gene_src_cellular_location    ? 
_entity_src_gen.host_org_common_name               ? 
_entity_src_gen.pdbx_host_org_scientific_name      'Escherichia coli' 
_entity_src_gen.pdbx_host_org_ncbi_taxonomy_id     562 
_entity_src_gen.host_org_genus                     ? 
_entity_src_gen.pdbx_host_org_gene                 ? 
_entity_src_gen.pdbx_host_org_organ                ? 
_entity_src_gen.host_org_species                   ? 
_entity_src_gen.pdbx_host_org_tissue               ? 
_entity_src_gen.pdbx_host_org_tissue_fraction      ? 
_entity_src_gen.pdbx_host_org_strain               ? 
_entity_src_gen.pdbx_host_org_variant              ? 
_entity_src_gen.pdbx_host_org_cell_line            ? 
_entity_src_gen.pdbx_host_org_atcc                 ? 
_entity_src_gen.pdbx_host_org_culture_collection   ? 
_entity_src_gen.pdbx_host_org_cell                 ? 
_entity_src_gen.pdbx_host_org_organelle            ? 
_entity_src_gen.pdbx_host_org_cellular_location    ? 
_entity_src_gen.pdbx_host_org_vector_type          ? 
_entity_src_gen.pdbx_host_org_vector               ? 
_entity_src_gen.host_org_details                   ? 
_entity_src_gen.expression_system_id               ? 
_entity_src_gen.plasmid_name                       ? 
_entity_src_gen.plasmid_details                    ? 
_entity_src_gen.pdbx_description                   ? 
# 
_struct_ref.id                         1 
_struct_ref.db_name                    UNP 
_struct_ref.db_code                    C5CSP2_VARPS 
_struct_ref.pdbx_db_accession          C5CSP2 
_struct_ref.pdbx_db_isoform            ? 
_struct_ref.entity_id                  1 
_struct_ref.pdbx_seq_one_letter_code   
;MAEQPPETHRFVDDYLPALLAQASQLISSEFHEVARQHGFSVSEWRVMASLAGSEPISIGQLAQVTVTKQPTVTRLLDRM
EARGQVERLPHESDRRITLVRITRKGLKAVEHLMELAREHERRVLEPFGLRRAEELKQTLRQMIDLHVHVPVEEPEED
;
_struct_ref.pdbx_align_begin           1 
# 
_struct_ref_seq.align_id                      1 
_struct_ref_seq.ref_id                        1 
_struct_ref_seq.pdbx_PDB_id_code              7KFO 
_struct_ref_seq.pdbx_strand_id                A 
_struct_ref_seq.seq_align_beg                 25 
_struct_ref_seq.pdbx_seq_align_beg_ins_code   ? 
_struct_ref_seq.seq_align_end                 182 
_struct_ref_seq.pdbx_seq_align_end_ins_code   ? 
_struct_ref_seq.pdbx_db_accession             C5CSP2 
_struct_ref_seq.db_align_beg                  1 
_struct_ref_seq.pdbx_db_align_beg_ins_code    ? 
_struct_ref_seq.db_align_end                  158 
_struct_ref_seq.pdbx_db_align_end_ins_code    ? 
_struct_ref_seq.pdbx_auth_seq_align_beg       1 
_struct_ref_seq.pdbx_auth_seq_align_end       158 
# 
loop_
_struct_ref_seq_dif.align_id 
_struct_ref_seq_dif.pdbx_pdb_id_code 
_struct_ref_seq_dif.mon_id 
_struct_ref_seq_dif.pdbx_pdb_strand_id 
_struct_ref_seq_dif.seq_num 
_struct_ref_seq_dif.pdbx_pdb_ins_code 
_struct_ref_seq_dif.pdbx_seq_db_name 
_struct_ref_seq_dif.pdbx_seq_db_accession_code 
_struct_ref_seq_dif.db_mon_id 
_struct_ref_seq_dif.pdbx_seq_db_seq_num 
_struct_ref_seq_dif.details 
_struct_ref_seq_dif.pdbx_auth_seq_num 
_struct_ref_seq_dif.pdbx_ordinal 
1 7KFO MET A 1  ? UNP C5CSP2 ? ? 'initiating methionine' -23 1  
1 7KFO HIS A 2  ? UNP C5CSP2 ? ? 'expression tag'        -22 2  
1 7KFO HIS A 3  ? UNP C5CSP2 ? ? 'expression tag'        -21 3  
1 7KFO HIS A 4  ? UNP C5CSP2 ? ? 'expression tag'        -20 4  
1 7KFO HIS A 5  ? UNP C5CSP2 ? ? 'expression tag'        -19 5  
1 7KFO HIS A 6  ? UNP C5CSP2 ? ? 'expression tag'        -18 6  
1 7KFO HIS A 7  ? UNP C5CSP2 ? ? 'expression tag'        -17 7  
1 7KFO SER A 8  ? UNP C5CSP2 ? ? 'expression tag'        -16 8  
1 7KFO SER A 9  ? UNP C5CSP2 ? ? 'expression tag'        -15 9  
1 7KFO GLY A 10 ? UNP C5CSP2 ? ? 'expression tag'        -14 10 
1 7KFO VAL A 11 ? UNP C5CSP2 ? ? 'expression tag'        -13 11 
1 7KFO ASP A 12 ? UNP C5CSP2 ? ? 'expression tag'        -12 12 
1 7KFO LEU A 13 ? UNP C5CSP2 ? ? 'expression tag'        -11 13 
1 7KFO GLY A 14 ? UNP C5CSP2 ? ? 'expression tag'        -10 14 
1 7KFO THR A 15 ? UNP C5CSP2 ? ? 'expression tag'        -9  15 
1 7KFO GLU A 16 ? UNP C5CSP2 ? ? 'expression tag'        -8  16 
1 7KFO ASN A 17 ? UNP C5CSP2 ? ? 'expression tag'        -7  17 
1 7KFO LEU A 18 ? UNP C5CSP2 ? ? 'expression tag'        -6  18 
1 7KFO TYR A 19 ? UNP C5CSP2 ? ? 'expression tag'        -5  19 
1 7KFO PHE A 20 ? UNP C5CSP2 ? ? 'expression tag'        -4  20 
1 7KFO GLN A 21 ? UNP C5CSP2 ? ? 'expression tag'        -3  21 
1 7KFO SER A 22 ? UNP C5CSP2 ? ? 'expression tag'        -2  22 
1 7KFO ASN A 23 ? UNP C5CSP2 ? ? 'expression tag'        -1  23 
1 7KFO ALA A 24 ? UNP C5CSP2 ? ? 'expression tag'        0   24 
# 
loop_
_chem_comp.id 
_chem_comp.type 
_chem_comp.mon_nstd_flag 
_chem_comp.name 
_chem_comp.pdbx_synonyms 
_chem_comp.formula 
_chem_comp.formula_weight 
ALA 'L-peptide linking' y ALANINE                    ?                    'C3 H7 N O2'     89.093  
ARG 'L-peptide linking' y ARGININE                   ?                    'C6 H15 N4 O2 1' 175.209 
ASN 'L-peptide linking' y ASPARAGINE                 ?                    'C4 H8 N2 O3'    132.118 
ASP 'L-peptide linking' y 'ASPARTIC ACID'            ?                    'C4 H7 N O4'     133.103 
GLN 'L-peptide linking' y GLUTAMINE                  ?                    'C5 H10 N2 O3'   146.144 
GLU 'L-peptide linking' y 'GLUTAMIC ACID'            ?                    'C5 H9 N O4'     147.129 
GLY 'peptide linking'   y GLYCINE                    ?                    'C2 H5 N O2'     75.067  
HIS 'L-peptide linking' y HISTIDINE                  ?                    'C6 H10 N3 O2 1' 156.162 
HOH non-polymer         . WATER                      ?                    'H2 O'           18.015  
IAC non-polymer         . '1H-INDOL-3-YLACETIC ACID' 'INDOLE ACETIC ACID' 'C10 H9 N O2'    175.184 
ILE 'L-peptide linking' y ISOLEUCINE                 ?                    'C6 H13 N O2'    131.173 
LEU 'L-peptide linking' y LEUCINE                    ?                    'C6 H13 N O2'    131.173 
LYS 'L-peptide linking' y LYSINE                     ?                    'C6 H15 N2 O2 1' 147.195 
MET 'L-peptide linking' y METHIONINE                 ?                    'C5 H11 N O2 S'  149.211 
PHE 'L-peptide linking' y PHENYLALANINE              ?                    'C9 H11 N O2'    165.189 
PRO 'L-peptide linking' y PROLINE                    ?                    'C5 H9 N O2'     115.130 
SER 'L-peptide linking' y SERINE                     ?                    'C3 H7 N O3'     105.093 
SO4 non-polymer         . 'SULFATE ION'              ?                    'O4 S -2'        96.063  
THR 'L-peptide linking' y THREONINE                  ?                    'C4 H9 N O3'     119.119 
TRP 'L-peptide linking' y TRYPTOPHAN                 ?                    'C11 H12 N2 O2'  204.225 
TYR 'L-peptide linking' y TYROSINE                   ?                    'C9 H11 N O3'    181.189 
VAL 'L-peptide linking' y VALINE                     ?                    'C5 H11 N O2'    117.146 
# 
_exptl.absorpt_coefficient_mu     ? 
_exptl.absorpt_correction_T_max   ? 
_exptl.absorpt_correction_T_min   ? 
_exptl.absorpt_correction_type    ? 
_exptl.absorpt_process_details    ? 
_exptl.entry_id                   7KFO 
_exptl.crystals_number            1 
_exptl.details                    ? 
_exptl.method                     'X-RAY DIFFRACTION' 
_exptl.method_details             ? 
# 
_exptl_crystal.colour                      ? 
_exptl_crystal.density_diffrn              ? 
_exptl_crystal.density_Matthews            2.16 
_exptl_crystal.density_method              ? 
_exptl_crystal.density_percent_sol         43.03 
_exptl_crystal.description                 ? 
_exptl_crystal.F_000                       ? 
_exptl_crystal.id                          1 
_exptl_crystal.preparation                 ? 
_exptl_crystal.size_max                    ? 
_exptl_crystal.size_mid                    ? 
_exptl_crystal.size_min                    ? 
_exptl_crystal.size_rad                    ? 
_exptl_crystal.colour_lustre               ? 
_exptl_crystal.colour_modifier             ? 
_exptl_crystal.colour_primary              ? 
_exptl_crystal.density_meas                ? 
_exptl_crystal.density_meas_esd            ? 
_exptl_crystal.density_meas_gt             ? 
_exptl_crystal.density_meas_lt             ? 
_exptl_crystal.density_meas_temp           ? 
_exptl_crystal.density_meas_temp_esd       ? 
_exptl_crystal.density_meas_temp_gt        ? 
_exptl_crystal.density_meas_temp_lt        ? 
_exptl_crystal.pdbx_crystal_image_url      ? 
_exptl_crystal.pdbx_crystal_image_format   ? 
_exptl_crystal.pdbx_mosaicity              ? 
_exptl_crystal.pdbx_mosaicity_esd          ? 
# 
_exptl_crystal_grow.apparatus       ? 
_exptl_crystal_grow.atmosphere      ? 
_exptl_crystal_grow.crystal_id      1 
_exptl_crystal_grow.details         ? 
_exptl_crystal_grow.method          'VAPOR DIFFUSION, SITTING DROP' 
_exptl_crystal_grow.method_ref      ? 
_exptl_crystal_grow.pH              ? 
_exptl_crystal_grow.pressure        ? 
_exptl_crystal_grow.pressure_esd    ? 
_exptl_crystal_grow.seeding         ? 
_exptl_crystal_grow.seeding_ref     ? 
_exptl_crystal_grow.temp            293 
_exptl_crystal_grow.temp_details    ? 
_exptl_crystal_grow.temp_esd        ? 
_exptl_crystal_grow.time            ? 
_exptl_crystal_grow.pdbx_details    '0.1 M Sodium Chloride, 0.1 M Bis-Tris: HCl, pH 6.5, 1.5 M Ammonium Sulfate' 
_exptl_crystal_grow.pdbx_pH_range   ? 
# 
_diffrn.ambient_environment              ? 
_diffrn.ambient_temp                     100 
_diffrn.ambient_temp_details             ? 
_diffrn.ambient_temp_esd                 ? 
_diffrn.crystal_id                       1 
_diffrn.crystal_support                  ? 
_diffrn.crystal_treatment                ? 
_diffrn.details                          ? 
_diffrn.id                               1 
_diffrn.ambient_pressure                 ? 
_diffrn.ambient_pressure_esd             ? 
_diffrn.ambient_pressure_gt              ? 
_diffrn.ambient_pressure_lt              ? 
_diffrn.ambient_temp_gt                  ? 
_diffrn.ambient_temp_lt                  ? 
_diffrn.pdbx_serial_crystal_experiment   N 
# 
_diffrn_detector.details                      ? 
_diffrn_detector.detector                     PIXEL 
_diffrn_detector.diffrn_id                    1 
_diffrn_detector.type                         'DECTRIS PILATUS3 6M' 
_diffrn_detector.area_resol_mean              ? 
_diffrn_detector.dtime                        ? 
_diffrn_detector.pdbx_frames_total            ? 
_diffrn_detector.pdbx_collection_time_total   ? 
_diffrn_detector.pdbx_collection_date         2019-12-15 
_diffrn_detector.pdbx_frequency               ? 
# 
_diffrn_radiation.collimation                      ? 
_diffrn_radiation.diffrn_id                        1 
_diffrn_radiation.filter_edge                      ? 
_diffrn_radiation.inhomogeneity                    ? 
_diffrn_radiation.monochromator                    ? 
_diffrn_radiation.polarisn_norm                    ? 
_diffrn_radiation.polarisn_ratio                   ? 
_diffrn_radiation.probe                            ? 
_diffrn_radiation.type                             ? 
_diffrn_radiation.xray_symbol                      ? 
_diffrn_radiation.wavelength_id                    1 
_diffrn_radiation.pdbx_monochromatic_or_laue_m_l   M 
_diffrn_radiation.pdbx_wavelength_list             ? 
_diffrn_radiation.pdbx_wavelength                  ? 
_diffrn_radiation.pdbx_diffrn_protocol             'SINGLE WAVELENGTH' 
_diffrn_radiation.pdbx_analyzer                    ? 
_diffrn_radiation.pdbx_scattering_type             x-ray 
# 
_diffrn_radiation_wavelength.id           1 
_diffrn_radiation_wavelength.wavelength   1.0332 
_diffrn_radiation_wavelength.wt           1.0 
# 
_diffrn_source.current                     ? 
_diffrn_source.details                     ? 
_diffrn_source.diffrn_id                   1 
_diffrn_source.power                       ? 
_diffrn_source.size                        ? 
_diffrn_source.source                      SYNCHROTRON 
_diffrn_source.target                      ? 
_diffrn_source.type                        'APS BEAMLINE 23-ID-D' 
_diffrn_source.voltage                     ? 
_diffrn_source.take-off_angle              ? 
_diffrn_source.pdbx_wavelength_list        1.0332 
_diffrn_source.pdbx_wavelength             ? 
_diffrn_source.pdbx_synchrotron_beamline   23-ID-D 
_diffrn_source.pdbx_synchrotron_site       APS 
# 
_reflns.B_iso_Wilson_estimate            16.79 
_reflns.entry_id                         7KFO 
_reflns.data_reduction_details           ? 
_reflns.data_reduction_method            ? 
_reflns.d_resolution_high                1.3 
_reflns.d_resolution_low                 45.55 
_reflns.details                          ? 
_reflns.limit_h_max                      ? 
_reflns.limit_h_min                      ? 
_reflns.limit_k_max                      ? 
_reflns.limit_k_min                      ? 
_reflns.limit_l_max                      ? 
_reflns.limit_l_min                      ? 
_reflns.number_all                       ? 
_reflns.number_obs                       43274 
_reflns.observed_criterion               ? 
_reflns.observed_criterion_F_max         ? 
_reflns.observed_criterion_F_min         ? 
_reflns.observed_criterion_I_max         ? 
_reflns.observed_criterion_I_min         ? 
_reflns.observed_criterion_sigma_F       ? 
_reflns.observed_criterion_sigma_I       ? 
_reflns.percent_possible_obs             96.82 
_reflns.R_free_details                   ? 
_reflns.Rmerge_F_all                     ? 
_reflns.Rmerge_F_obs                     ? 
_reflns.Friedel_coverage                 ? 
_reflns.number_gt                        ? 
_reflns.threshold_expression             ? 
_reflns.pdbx_redundancy                  6.2 
_reflns.pdbx_Rmerge_I_obs                ? 
_reflns.pdbx_Rmerge_I_all                ? 
_reflns.pdbx_Rsym_value                  ? 
_reflns.pdbx_netI_over_av_sigmaI         ? 
_reflns.pdbx_netI_over_sigmaI            24.27 
_reflns.pdbx_res_netI_over_av_sigmaI_2   ? 
_reflns.pdbx_res_netI_over_sigmaI_2      ? 
_reflns.pdbx_chi_squared                 ? 
_reflns.pdbx_scaling_rejects             ? 
_reflns.pdbx_d_res_high_opt              ? 
_reflns.pdbx_d_res_low_opt               ? 
_reflns.pdbx_d_res_opt_method            ? 
_reflns.phase_calculation_details        ? 
_reflns.pdbx_Rrim_I_all                  ? 
_reflns.pdbx_Rpim_I_all                  ? 
_reflns.pdbx_d_opt                       ? 
_reflns.pdbx_number_measured_all         ? 
_reflns.pdbx_diffrn_id                   1 
_reflns.pdbx_ordinal                     1 
_reflns.pdbx_CC_half                     0.999 
_reflns.pdbx_CC_star                     ? 
_reflns.pdbx_R_split                     ? 
# 
_reflns_shell.d_res_high                  1.3 
_reflns_shell.d_res_low                   1.346 
_reflns_shell.meanI_over_sigI_all         ? 
_reflns_shell.meanI_over_sigI_obs         ? 
_reflns_shell.number_measured_all         ? 
_reflns_shell.number_measured_obs         ? 
_reflns_shell.number_possible             ? 
_reflns_shell.number_unique_all           ? 
_reflns_shell.number_unique_obs           13958 
_reflns_shell.percent_possible_all        ? 
_reflns_shell.percent_possible_obs        ? 
_reflns_shell.Rmerge_F_all                ? 
_reflns_shell.Rmerge_F_obs                ? 
_reflns_shell.Rmerge_I_all                ? 
_reflns_shell.Rmerge_I_obs                ? 
_reflns_shell.meanI_over_sigI_gt          ? 
_reflns_shell.meanI_over_uI_all           ? 
_reflns_shell.meanI_over_uI_gt            ? 
_reflns_shell.number_measured_gt          ? 
_reflns_shell.number_unique_gt            ? 
_reflns_shell.percent_possible_gt         ? 
_reflns_shell.Rmerge_F_gt                 ? 
_reflns_shell.Rmerge_I_gt                 ? 
_reflns_shell.pdbx_redundancy             ? 
_reflns_shell.pdbx_Rsym_value             ? 
_reflns_shell.pdbx_chi_squared            ? 
_reflns_shell.pdbx_netI_over_sigmaI_all   ? 
_reflns_shell.pdbx_netI_over_sigmaI_obs   ? 
_reflns_shell.pdbx_Rrim_I_all             ? 
_reflns_shell.pdbx_Rpim_I_all             ? 
_reflns_shell.pdbx_rejects                ? 
_reflns_shell.pdbx_ordinal                1 
_reflns_shell.pdbx_diffrn_id              1 
_reflns_shell.pdbx_CC_half                0.796 
_reflns_shell.pdbx_CC_star                ? 
_reflns_shell.pdbx_R_split                ? 
# 
_refine.aniso_B[1][1]                            ? 
_refine.aniso_B[1][2]                            ? 
_refine.aniso_B[1][3]                            ? 
_refine.aniso_B[2][2]                            ? 
_refine.aniso_B[2][3]                            ? 
_refine.aniso_B[3][3]                            ? 
_refine.B_iso_max                                ? 
_refine.B_iso_mean                               23.79 
_refine.B_iso_min                                ? 
_refine.correlation_coeff_Fo_to_Fc               ? 
_refine.correlation_coeff_Fo_to_Fc_free          ? 
_refine.details                                  ? 
_refine.diff_density_max                         ? 
_refine.diff_density_max_esd                     ? 
_refine.diff_density_min                         ? 
_refine.diff_density_min_esd                     ? 
_refine.diff_density_rms                         ? 
_refine.diff_density_rms_esd                     ? 
_refine.entry_id                                 7KFO 
_refine.pdbx_refine_id                           'X-RAY DIFFRACTION' 
_refine.ls_abs_structure_details                 ? 
_refine.ls_abs_structure_Flack                   ? 
_refine.ls_abs_structure_Flack_esd               ? 
_refine.ls_abs_structure_Rogers                  ? 
_refine.ls_abs_structure_Rogers_esd              ? 
_refine.ls_d_res_high                            1.30 
_refine.ls_d_res_low                             45.55 
_refine.ls_extinction_coef                       ? 
_refine.ls_extinction_coef_esd                   ? 
_refine.ls_extinction_expression                 ? 
_refine.ls_extinction_method                     ? 
_refine.ls_goodness_of_fit_all                   ? 
_refine.ls_goodness_of_fit_all_esd               ? 
_refine.ls_goodness_of_fit_obs                   ? 
_refine.ls_goodness_of_fit_obs_esd               ? 
_refine.ls_hydrogen_treatment                    ? 
_refine.ls_matrix_type                           ? 
_refine.ls_number_constraints                    ? 
_refine.ls_number_parameters                     ? 
_refine.ls_number_reflns_all                     ? 
_refine.ls_number_reflns_obs                     43274 
_refine.ls_number_reflns_R_free                  1996 
_refine.ls_number_reflns_R_work                  41273 
_refine.ls_number_restraints                     ? 
_refine.ls_percent_reflns_obs                    96.82 
_refine.ls_percent_reflns_R_free                 4.61 
_refine.ls_R_factor_all                          ? 
_refine.ls_R_factor_obs                          0.1814 
_refine.ls_R_factor_R_free                       0.1924 
_refine.ls_R_factor_R_free_error                 ? 
_refine.ls_R_factor_R_free_error_details         ? 
_refine.ls_R_factor_R_work                       0.1808 
_refine.ls_R_Fsqd_factor_obs                     ? 
_refine.ls_R_I_factor_obs                        ? 
_refine.ls_redundancy_reflns_all                 ? 
_refine.ls_redundancy_reflns_obs                 ? 
_refine.ls_restrained_S_all                      ? 
_refine.ls_restrained_S_obs                      ? 
_refine.ls_shift_over_esd_max                    ? 
_refine.ls_shift_over_esd_mean                   ? 
_refine.ls_structure_factor_coef                 ? 
_refine.ls_weighting_details                     ? 
_refine.ls_weighting_scheme                      ? 
_refine.ls_wR_factor_all                         ? 
_refine.ls_wR_factor_obs                         ? 
_refine.ls_wR_factor_R_free                      ? 
_refine.ls_wR_factor_R_work                      ? 
_refine.occupancy_max                            ? 
_refine.occupancy_min                            ? 
_refine.solvent_model_details                    'FLAT BULK SOLVENT MODEL' 
_refine.solvent_model_param_bsol                 ? 
_refine.solvent_model_param_ksol                 ? 
_refine.pdbx_R_complete                          ? 
_refine.ls_R_factor_gt                           ? 
_refine.ls_goodness_of_fit_gt                    ? 
_refine.ls_goodness_of_fit_ref                   ? 
_refine.ls_shift_over_su_max                     ? 
_refine.ls_shift_over_su_max_lt                  ? 
_refine.ls_shift_over_su_mean                    ? 
_refine.ls_shift_over_su_mean_lt                 ? 
_refine.pdbx_ls_sigma_I                          ? 
_refine.pdbx_ls_sigma_F                          1.36 
_refine.pdbx_ls_sigma_Fsqd                       ? 
_refine.pdbx_data_cutoff_high_absF               ? 
_refine.pdbx_data_cutoff_high_rms_absF           ? 
_refine.pdbx_data_cutoff_low_absF                ? 
_refine.pdbx_isotropic_thermal_model             ? 
_refine.pdbx_ls_cross_valid_method               'FREE R-VALUE' 
_refine.pdbx_method_to_determine_struct          'MOLECULAR REPLACEMENT' 
_refine.pdbx_starting_model                      3CDH 
_refine.pdbx_stereochemistry_target_values       'GeoStd + Monomer Library + CDL v1.2' 
_refine.pdbx_R_Free_selection_details            ? 
_refine.pdbx_stereochem_target_val_spec_case     ? 
_refine.pdbx_overall_ESU_R                       ? 
_refine.pdbx_overall_ESU_R_Free                  ? 
_refine.pdbx_solvent_vdw_probe_radii             1.1100 
_refine.pdbx_solvent_ion_probe_radii             ? 
_refine.pdbx_solvent_shrinkage_radii             0.9000 
_refine.pdbx_real_space_R                        ? 
_refine.pdbx_density_correlation                 ? 
_refine.pdbx_pd_number_of_powder_patterns        ? 
_refine.pdbx_pd_number_of_points                 ? 
_refine.pdbx_pd_meas_number_of_points            ? 
_refine.pdbx_pd_proc_ls_prof_R_factor            ? 
_refine.pdbx_pd_proc_ls_prof_wR_factor           ? 
_refine.pdbx_pd_Marquardt_correlation_coeff      ? 
_refine.pdbx_pd_Fsqrd_R_factor                   ? 
_refine.pdbx_pd_ls_matrix_band_width             ? 
_refine.pdbx_overall_phase_error                 21.6284 
_refine.pdbx_overall_SU_R_free_Cruickshank_DPI   ? 
_refine.pdbx_overall_SU_R_free_Blow_DPI          ? 
_refine.pdbx_overall_SU_R_Blow_DPI               ? 
_refine.pdbx_TLS_residual_ADP_flag               ? 
_refine.pdbx_diffrn_id                           1 
_refine.overall_SU_B                             ? 
_refine.overall_SU_ML                            0.1410 
_refine.overall_SU_R_Cruickshank_DPI             ? 
_refine.overall_SU_R_free                        ? 
_refine.overall_FOM_free_R_set                   ? 
_refine.overall_FOM_work_R_set                   ? 
_refine.pdbx_average_fsc_overall                 ? 
_refine.pdbx_average_fsc_work                    ? 
_refine.pdbx_average_fsc_free                    ? 
# 
_refine_hist.pdbx_refine_id                   'X-RAY DIFFRACTION' 
_refine_hist.cycle_id                         LAST 
_refine_hist.details                          ? 
_refine_hist.d_res_high                       1.30 
_refine_hist.d_res_low                        45.55 
_refine_hist.number_atoms_solvent             127 
_refine_hist.number_atoms_total               1240 
_refine_hist.number_reflns_all                ? 
_refine_hist.number_reflns_obs                ? 
_refine_hist.number_reflns_R_free             ? 
_refine_hist.number_reflns_R_work             ? 
_refine_hist.R_factor_all                     ? 
_refine_hist.R_factor_obs                     ? 
_refine_hist.R_factor_R_free                  ? 
_refine_hist.R_factor_R_work                  ? 
_refine_hist.pdbx_number_residues_total       ? 
_refine_hist.pdbx_B_iso_mean_ligand           ? 
_refine_hist.pdbx_B_iso_mean_solvent          ? 
_refine_hist.pdbx_number_atoms_protein        1080 
_refine_hist.pdbx_number_atoms_nucleic_acid   0 
_refine_hist.pdbx_number_atoms_ligand         33 
_refine_hist.pdbx_number_atoms_lipid          ? 
_refine_hist.pdbx_number_atoms_carb           ? 
_refine_hist.pdbx_pseudo_atom_details         ? 
# 
loop_
_refine_ls_restr.pdbx_refine_id 
_refine_ls_restr.criterion 
_refine_ls_restr.dev_ideal 
_refine_ls_restr.dev_ideal_target 
_refine_ls_restr.number 
_refine_ls_restr.rejects 
_refine_ls_restr.type 
_refine_ls_restr.weight 
_refine_ls_restr.pdbx_restraint_function 
'X-RAY DIFFRACTION' ? 0.0063  ? 1345 ? f_bond_d           ? ? 
'X-RAY DIFFRACTION' ? 0.9002  ? 1846 ? f_angle_d          ? ? 
'X-RAY DIFFRACTION' ? 0.0792  ? 205  ? f_chiral_restr     ? ? 
'X-RAY DIFFRACTION' ? 0.0050  ? 244  ? f_plane_restr      ? ? 
'X-RAY DIFFRACTION' ? 22.4441 ? 200  ? f_dihedral_angle_d ? ? 
# 
loop_
_refine_ls_shell.pdbx_refine_id 
_refine_ls_shell.d_res_high 
_refine_ls_shell.d_res_low 
_refine_ls_shell.number_reflns_all 
_refine_ls_shell.number_reflns_obs 
_refine_ls_shell.number_reflns_R_free 
_refine_ls_shell.number_reflns_R_work 
_refine_ls_shell.percent_reflns_obs 
_refine_ls_shell.percent_reflns_R_free 
_refine_ls_shell.R_factor_all 
_refine_ls_shell.R_factor_obs 
_refine_ls_shell.R_factor_R_free 
_refine_ls_shell.R_factor_R_free_error 
_refine_ls_shell.R_factor_R_work 
_refine_ls_shell.redundancy_reflns_all 
_refine_ls_shell.redundancy_reflns_obs 
_refine_ls_shell.wR_factor_all 
_refine_ls_shell.wR_factor_obs 
_refine_ls_shell.wR_factor_R_free 
_refine_ls_shell.wR_factor_R_work 
_refine_ls_shell.pdbx_R_complete 
_refine_ls_shell.pdbx_total_number_of_bins_used 
_refine_ls_shell.pdbx_phase_error 
_refine_ls_shell.pdbx_fsc_work 
_refine_ls_shell.pdbx_fsc_free 
'X-RAY DIFFRACTION' 1.30 1.33  . . 103 2134 70.97  . . . 0.3042 . 0.2887 . . . . . . . . . . . 
'X-RAY DIFFRACTION' 1.33 1.37  . . 122 2579 85.50  . . . 0.3403 . 0.2586 . . . . . . . . . . . 
'X-RAY DIFFRACTION' 1.37 1.41  . . 144 3017 99.72  . . . 0.2635 . 0.2334 . . . . . . . . . . . 
'X-RAY DIFFRACTION' 1.41 1.45  . . 149 3012 99.91  . . . 0.2154 . 0.2187 . . . . . . . . . . . 
'X-RAY DIFFRACTION' 1.45 1.51  . . 146 3026 100.00 . . . 0.2166 . 0.1985 . . . . . . . . . . . 
'X-RAY DIFFRACTION' 1.51 1.57  . . 143 3007 100.00 . . . 0.2120 . 0.1841 . . . . . . . . . . . 
'X-RAY DIFFRACTION' 1.57 1.64  . . 149 3035 100.00 . . . 0.1935 . 0.1921 . . . . . . . . . . . 
'X-RAY DIFFRACTION' 1.64 1.72  . . 150 3031 99.94  . . . 0.2029 . 0.1922 . . . . . . . . . . . 
'X-RAY DIFFRACTION' 1.72 1.83  . . 142 3023 99.97  . . . 0.2165 . 0.1877 . . . . . . . . . . . 
'X-RAY DIFFRACTION' 1.83 1.97  . . 149 3043 99.97  . . . 0.1868 . 0.1861 . . . . . . . . . . . 
'X-RAY DIFFRACTION' 1.97 2.17  . . 149 3039 99.97  . . . 0.2047 . 0.1711 . . . . . . . . . . . 
'X-RAY DIFFRACTION' 2.17 2.49  . . 145 3062 99.75  . . . 0.1822 . 0.1675 . . . . . . . . . . . 
'X-RAY DIFFRACTION' 2.49 3.13  . . 151 3088 99.88  . . . 0.1907 . 0.1816 . . . . . . . . . . . 
'X-RAY DIFFRACTION' 3.13 45.55 . . 154 3177 99.49  . . . 0.1721 . 0.1698 . . . . . . . . . . . 
# 
_struct.entry_id                     7KFO 
_struct.title                        
'Crystal structure of the MarR family transcriptional regulator from Variovorax paradoxus bound to Indole 3 acetic acid' 
_struct.pdbx_model_details           ? 
_struct.pdbx_formula_weight          ? 
_struct.pdbx_formula_weight_method   ? 
_struct.pdbx_model_type_details      ? 
_struct.pdbx_CASP_flag               N 
# 
_struct_keywords.entry_id        7KFO 
_struct_keywords.text            'Transcriptional Regulator, Ligand Binding, DNA BINDING PROTEIN' 
_struct_keywords.pdbx_keywords   'DNA BINDING PROTEIN' 
# 
loop_
_struct_asym.id 
_struct_asym.pdbx_blank_PDB_chainid_flag 
_struct_asym.pdbx_modified 
_struct_asym.entity_id 
_struct_asym.details 
A N N 1 ? 
B N N 2 ? 
C N N 3 ? 
D N N 3 ? 
E N N 3 ? 
F N N 3 ? 
G N N 4 ? 
# 
loop_
_struct_conf.conf_type_id 
_struct_conf.id 
_struct_conf.pdbx_PDB_helix_id 
_struct_conf.beg_label_comp_id 
_struct_conf.beg_label_asym_id 
_struct_conf.beg_label_seq_id 
_struct_conf.pdbx_beg_PDB_ins_code 
_struct_conf.end_label_comp_id 
_struct_conf.end_label_asym_id 
_struct_conf.end_label_seq_id 
_struct_conf.pdbx_end_PDB_ins_code 
_struct_conf.beg_auth_comp_id 
_struct_conf.beg_auth_asym_id 
_struct_conf.beg_auth_seq_id 
_struct_conf.end_auth_comp_id 
_struct_conf.end_auth_asym_id 
_struct_conf.end_auth_seq_id 
_struct_conf.pdbx_PDB_helix_class 
_struct_conf.details 
_struct_conf.pdbx_PDB_helix_length 
HELX_P HELX_P1 AA1 ARG A 34  ? TYR A 39  ? ARG A 10  TYR A 15  1 ? 6  
HELX_P HELX_P2 AA2 TYR A 39  ? HIS A 62  ? TYR A 15  HIS A 38  1 ? 24 
HELX_P HELX_P3 AA3 SER A 65  ? ALA A 76  ? SER A 41  ALA A 52  1 ? 12 
HELX_P HELX_P4 AA4 ILE A 83  ? THR A 90  ? ILE A 59  THR A 66  1 ? 8  
HELX_P HELX_P5 AA5 LYS A 93  ? ARG A 107 ? LYS A 69  ARG A 83  1 ? 15 
HELX_P HELX_P6 AA6 THR A 127 ? GLU A 150 ? THR A 103 GLU A 126 1 ? 24 
HELX_P HELX_P7 AA7 PHE A 152 ? VAL A 172 ? PHE A 128 VAL A 148 1 ? 21 
# 
_struct_conf_type.id          HELX_P 
_struct_conf_type.criteria    ? 
_struct_conf_type.reference   ? 
# 
_struct_sheet.id               AA1 
_struct_sheet.type             ? 
_struct_sheet.number_strands   3 
_struct_sheet.details          ? 
# 
loop_
_struct_sheet_order.sheet_id 
_struct_sheet_order.range_id_1 
_struct_sheet_order.range_id_2 
_struct_sheet_order.offset 
_struct_sheet_order.sense 
AA1 1 2 ? anti-parallel 
AA1 2 3 ? anti-parallel 
# 
loop_
_struct_sheet_range.sheet_id 
_struct_sheet_range.id 
_struct_sheet_range.beg_label_comp_id 
_struct_sheet_range.beg_label_asym_id 
_struct_sheet_range.beg_label_seq_id 
_struct_sheet_range.pdbx_beg_PDB_ins_code 
_struct_sheet_range.end_label_comp_id 
_struct_sheet_range.end_label_asym_id 
_struct_sheet_range.end_label_seq_id 
_struct_sheet_range.pdbx_end_PDB_ins_code 
_struct_sheet_range.beg_auth_comp_id 
_struct_sheet_range.beg_auth_asym_id 
_struct_sheet_range.beg_auth_seq_id 
_struct_sheet_range.end_auth_comp_id 
_struct_sheet_range.end_auth_asym_id 
_struct_sheet_range.end_auth_seq_id 
AA1 1 ILE A 81  ? SER A 82  ? ILE A 57 SER A 58  
AA1 2 LEU A 123 ? ILE A 126 ? LEU A 99 ILE A 102 
AA1 3 VAL A 110 ? LEU A 113 ? VAL A 86 LEU A 89  
# 
loop_
_pdbx_struct_sheet_hbond.sheet_id 
_pdbx_struct_sheet_hbond.range_id_1 
_pdbx_struct_sheet_hbond.range_id_2 
_pdbx_struct_sheet_hbond.range_1_label_atom_id 
_pdbx_struct_sheet_hbond.range_1_label_comp_id 
_pdbx_struct_sheet_hbond.range_1_label_asym_id 
_pdbx_struct_sheet_hbond.range_1_label_seq_id 
_pdbx_struct_sheet_hbond.range_1_PDB_ins_code 
_pdbx_struct_sheet_hbond.range_1_auth_atom_id 
_pdbx_struct_sheet_hbond.range_1_auth_comp_id 
_pdbx_struct_sheet_hbond.range_1_auth_asym_id 
_pdbx_struct_sheet_hbond.range_1_auth_seq_id 
_pdbx_struct_sheet_hbond.range_2_label_atom_id 
_pdbx_struct_sheet_hbond.range_2_label_comp_id 
_pdbx_struct_sheet_hbond.range_2_label_asym_id 
_pdbx_struct_sheet_hbond.range_2_label_seq_id 
_pdbx_struct_sheet_hbond.range_2_PDB_ins_code 
_pdbx_struct_sheet_hbond.range_2_auth_atom_id 
_pdbx_struct_sheet_hbond.range_2_auth_comp_id 
_pdbx_struct_sheet_hbond.range_2_auth_asym_id 
_pdbx_struct_sheet_hbond.range_2_auth_seq_id 
AA1 1 2 N ILE A 81  ? N ILE A 57 O VAL A 124 ? O VAL A 100 
AA1 2 3 O LEU A 123 ? O LEU A 99 N LEU A 113 ? N LEU A 89  
# 
loop_
_struct_site.id 
_struct_site.pdbx_evidence_code 
_struct_site.pdbx_auth_asym_id 
_struct_site.pdbx_auth_comp_id 
_struct_site.pdbx_auth_seq_id 
_struct_site.pdbx_auth_ins_code 
_struct_site.pdbx_num_residues 
_struct_site.details 
AC1 Software A IAC 201 ? 10 'binding site for residue IAC A 201' 
AC2 Software A SO4 202 ? 7  'binding site for residue SO4 A 202' 
AC3 Software A SO4 203 ? 7  'binding site for residue SO4 A 203' 
AC4 Software A SO4 204 ? 11 'binding site for residue SO4 A 204' 
AC5 Software A SO4 205 ? 6  'binding site for residue SO4 A 205' 
# 
loop_
_struct_site_gen.id 
_struct_site_gen.site_id 
_struct_site_gen.pdbx_num_res 
_struct_site_gen.label_comp_id 
_struct_site_gen.label_asym_id 
_struct_site_gen.label_seq_id 
_struct_site_gen.pdbx_auth_ins_code 
_struct_site_gen.auth_comp_id 
_struct_site_gen.auth_asym_id 
_struct_site_gen.auth_seq_id 
_struct_site_gen.label_atom_id 
_struct_site_gen.label_alt_id 
_struct_site_gen.symmetry 
_struct_site_gen.details 
1  AC1 10 VAL A 36  ? VAL A 12  . ? 2_565  ? 
2  AC1 10 PRO A 41  ? PRO A 17  . ? 2_565  ? 
3  AC1 10 ALA A 42  ? ALA A 18  . ? 2_565  ? 
4  AC1 10 ALA A 45  ? ALA A 21  . ? 2_565  ? 
5  AC1 10 SER A 52  ? SER A 28  . ? 1_555  ? 
6  AC1 10 HIS A 56  ? HIS A 32  . ? 1_555  ? 
7  AC1 10 ARG A 70  ? ARG A 46  . ? 1_555  ? 
8  AC1 10 SER A 74  ? SER A 50  . ? 1_555  ? 
9  AC1 10 VAL A 89  ? VAL A 65  . ? 1_555  ? 
10 AC1 10 HOH G .   ? HOH A 350 . ? 1_555  ? 
11 AC2 7  ARG A 60  ? ARG A 36  . ? 1_555  ? 
12 AC2 7  SER A 65  ? SER A 41  . ? 1_555  ? 
13 AC2 7  VAL A 66  ? VAL A 42  . ? 1_555  ? 
14 AC2 7  ARG A 103 ? ARG A 79  . ? 3_556  ? 
15 AC2 7  HOH G .   ? HOH A 315 . ? 1_555  ? 
16 AC2 7  HOH G .   ? HOH A 319 . ? 1_555  ? 
17 AC2 7  HOH G .   ? HOH A 382 . ? 1_555  ? 
18 AC3 7  SER A 53  ? SER A 29  . ? 1_555  ? 
19 AC3 7  HIS A 56  ? HIS A 32  . ? 1_555  ? 
20 AC3 7  ARG A 60  ? ARG A 36  . ? 1_555  ? 
21 AC3 7  ARG A 99  ? ARG A 75  . ? 3_556  ? 
22 AC3 7  HOH G .   ? HOH A 320 . ? 1_555  ? 
23 AC3 7  HOH G .   ? HOH A 366 . ? 1_555  ? 
24 AC3 7  HOH G .   ? HOH A 370 . ? 1_555  ? 
25 AC4 11 ARG A 125 ? ARG A 101 . ? 1_555  ? 
26 AC4 11 ARG A 125 ? ARG A 101 . ? 14_555 ? 
27 AC4 11 THR A 127 ? THR A 103 . ? 14_555 ? 
28 AC4 11 THR A 127 ? THR A 103 . ? 1_555  ? 
29 AC4 11 ARG A 128 ? ARG A 104 . ? 1_555  ? 
30 AC4 11 ARG A 128 ? ARG A 104 . ? 14_555 ? 
31 AC4 11 HOH G .   ? HOH A 312 . ? 14_555 ? 
32 AC4 11 HOH G .   ? HOH A 312 . ? 1_555  ? 
33 AC4 11 HOH G .   ? HOH A 383 . ? 1_555  ? 
34 AC4 11 HOH G .   ? HOH A 386 . ? 14_555 ? 
35 AC4 11 HOH G .   ? HOH A 386 . ? 1_555  ? 
36 AC5 6  GLY A 63  ? GLY A 39  . ? 1_555  ? 
37 AC5 6  PHE A 64  ? PHE A 40  . ? 1_555  ? 
38 AC5 6  ARG A 107 ? ARG A 83  . ? 3_556  ? 
39 AC5 6  ARG A 107 ? ARG A 83  . ? 1_555  ? 
40 AC5 6  GLN A 109 ? GLN A 85  . ? 1_555  ? 
41 AC5 6  HOH G .   ? HOH A 303 . ? 1_555  ? 
# 
_atom_sites.entry_id                    7KFO 
_atom_sites.Cartn_transf_matrix[1][1]   ? 
_atom_sites.Cartn_transf_matrix[1][2]   ? 
_atom_sites.Cartn_transf_matrix[1][3]   ? 
_atom_sites.Cartn_transf_matrix[2][1]   ? 
_atom_sites.Cartn_transf_matrix[2][2]   ? 
_atom_sites.Cartn_transf_matrix[2][3]   ? 
_atom_sites.Cartn_transf_matrix[3][1]   ? 
_atom_sites.Cartn_transf_matrix[3][2]   ? 
_atom_sites.Cartn_transf_matrix[3][3]   ? 
_atom_sites.Cartn_transf_vector[1]      ? 
_atom_sites.Cartn_transf_vector[2]      ? 
_atom_sites.Cartn_transf_vector[3]      ? 
_atom_sites.fract_transf_matrix[1][1]   0.00346363 
_atom_sites.fract_transf_matrix[1][2]   0.01574083 
_atom_sites.fract_transf_matrix[1][3]   -0.00838485 
_atom_sites.fract_transf_matrix[2][1]   0.00181562 
_atom_sites.fract_transf_matrix[2][2]   -0.00433006 
_atom_sites.fract_transf_matrix[2][3]   -0.00737880 
_atom_sites.fract_transf_matrix[3][1]   -0.00833673 
_atom_sites.fract_transf_matrix[3][2]   0.00056508 
_atom_sites.fract_transf_matrix[3][3]   -0.00238293 
_atom_sites.fract_transf_vector[1]      0.061875 
_atom_sites.fract_transf_vector[2]      0.411067 
_atom_sites.fract_transf_vector[3]      0.374053 
_atom_sites.solution_primary            ? 
_atom_sites.solution_secondary          ? 
_atom_sites.solution_hydrogens          ? 
_atom_sites.special_details             ? 
# 
loop_
_atom_type.symbol 
_atom_type.scat_dispersion_real 
_atom_type.scat_dispersion_imag 
_atom_type.scat_Cromer_Mann_a1 
_atom_type.scat_Cromer_Mann_a2 
_atom_type.scat_Cromer_Mann_a3 
_atom_type.scat_Cromer_Mann_a4 
_atom_type.scat_Cromer_Mann_b1 
_atom_type.scat_Cromer_Mann_b2 
_atom_type.scat_Cromer_Mann_b3 
_atom_type.scat_Cromer_Mann_b4 
_atom_type.scat_Cromer_Mann_c 
_atom_type.scat_source 
_atom_type.scat_dispersion_source 
C   ? ? 3.54356 2.42580 ? ? 25.62398 1.50364  ? ? 0.0 
;2-Gaussian fit: Grosse-Kunstleve RW, Sauter NK, Adams PD: Newsletter of the IUCr Commission on Crystallographic Computing 2004, 3, 22-31.
;
? 
N   ? ? 4.01032 2.96436 ? ? 19.97189 1.75589  ? ? 0.0 
;2-Gaussian fit: Grosse-Kunstleve RW, Sauter NK, Adams PD: Newsletter of the IUCr Commission on Crystallographic Computing 2004, 3, 22-31.
;
? 
O   ? ? 4.49882 3.47563 ? ? 15.80542 1.70748  ? ? 0.0 
;2-Gaussian fit: Grosse-Kunstleve RW, Sauter NK, Adams PD: Newsletter of the IUCr Commission on Crystallographic Computing 2004, 3, 22-31.
;
? 
O1- ? ? 5.12366 3.84317 ? ? 3.49406  27.47979 ? ? 0.0 
;2-Gaussian fit: Grosse-Kunstleve RW, Sauter NK, Adams PD: Newsletter of the IUCr Commission on Crystallographic Computing 2004, 3, 22-31.
;
? 
S   ? ? 9.55732 6.39887 ? ? 1.23737  29.19336 ? ? 0.0 
;2-Gaussian fit: Grosse-Kunstleve RW, Sauter NK, Adams PD: Newsletter of the IUCr Commission on Crystallographic Computing 2004, 3, 22-31.
;
? 
# 
loop_
_atom_site.group_PDB 
_atom_site.id 
_atom_site.type_symbol 
_atom_site.label_atom_id 
_atom_site.label_alt_id 
_atom_site.label_comp_id 
_atom_site.label_asym_id 
_atom_site.label_entity_id 
_atom_site.label_seq_id 
_atom_site.pdbx_PDB_ins_code 
_atom_site.Cartn_x 
_atom_site.Cartn_y 
_atom_site.Cartn_z 
_atom_site.occupancy 
_atom_site.B_iso_or_equiv 
_atom_site.pdbx_formal_charge 
_atom_site.auth_seq_id 
_atom_site.auth_comp_id 
_atom_site.auth_asym_id 
_atom_site.auth_atom_id 
_atom_site.pdbx_PDB_model_num 
ATOM   1    N N   . ARG A 1 34  ? 11.35059  -25.93865 -14.68512 1.000 48.49648 ?  10  ARG A N   1 
ATOM   2    C CA  A ARG A 1 34  ? 10.11828  -25.24196 -15.10408 0.552 39.58107 ?  10  ARG A CA  1 
ATOM   3    C CA  B ARG A 1 34  ? 10.24667  -25.26806 -15.33112 0.448 39.57303 ?  10  ARG A CA  1 
ATOM   4    C C   . ARG A 1 34  ? 10.29827  -23.74358 -15.24492 1.000 25.47801 ?  10  ARG A C   1 
ATOM   5    O O   . ARG A 1 34  ? 10.78748  -23.13315 -14.30761 1.000 28.36631 ?  10  ARG A O   1 
ATOM   6    C CB  A ARG A 1 34  ? 9.03880   -25.40954 -14.03948 0.552 42.50149 ?  10  ARG A CB  1 
ATOM   7    C CB  B ARG A 1 34  ? 8.90239   -25.85006 -14.88213 0.448 42.60384 ?  10  ARG A CB  1 
ATOM   8    C CG  A ARG A 1 34  ? 8.42713   -26.75651 -13.90282 0.552 47.41891 ?  10  ARG A CG  1 
ATOM   9    C CG  B ARG A 1 34  ? 8.37084   -25.31140 -13.58391 0.448 42.77985 ?  10  ARG A CG  1 
ATOM   10   C CD  A ARG A 1 34  ? 6.96617   -26.53180 -13.58803 0.552 45.22190 ?  10  ARG A CD  1 
ATOM   11   C CD  B ARG A 1 34  ? 7.31515   -26.24227 -13.01565 0.448 44.88529 ?  10  ARG A CD  1 
ATOM   12   N NE  A ARG A 1 34  ? 6.71380   -26.14742 -12.19902 0.552 47.27231 ?  10  ARG A NE  1 
ATOM   13   N NE  B ARG A 1 34  ? 5.96502   -25.72678 -13.21672 0.448 42.63592 ?  10  ARG A NE  1 
ATOM   14   C CZ  A ARG A 1 34  ? 7.13381   -26.81242 -11.12462 0.552 54.93503 ?  10  ARG A CZ  1 
ATOM   15   C CZ  B ARG A 1 34  ? 5.03630   -25.67791 -12.26887 0.448 51.27355 ?  10  ARG A CZ  1 
ATOM   16   N NH1 A ARG A 1 34  ? 7.81874   -27.94520 -11.23807 0.552 57.01712 ?  10  ARG A NH1 1 
ATOM   17   N NH1 B ARG A 1 34  ? 5.30218   -26.12975 -11.05052 0.448 53.89353 ?  10  ARG A NH1 1 
ATOM   18   N NH2 A ARG A 1 34  ? 6.84187   -26.35112 -9.91695  0.552 51.40377 ?  10  ARG A NH2 1 
ATOM   19   N NH2 B ARG A 1 34  ? 3.83393   -25.19230 -12.54102 0.448 46.42179 ?  10  ARG A NH2 1 
ATOM   20   N N   . PHE A 1 35  ? 9.81156   -23.16032 -16.33671 1.000 29.18929 ?  11  PHE A N   1 
ATOM   21   C CA  . PHE A 1 35  ? 9.93672   -21.72459 -16.56414 1.000 27.27200 ?  11  PHE A CA  1 
ATOM   22   C C   . PHE A 1 35  ? 9.43784   -20.90992 -15.37469 1.000 19.90363 ?  11  PHE A C   1 
ATOM   23   O O   . PHE A 1 35  ? 10.10614  -19.97712 -14.92198 1.000 23.18581 ?  11  PHE A O   1 
ATOM   24   C CB  . PHE A 1 35  ? 9.14504   -21.37549 -17.81657 1.000 26.84724 ?  11  PHE A CB  1 
ATOM   25   C CG  . PHE A 1 35  ? 8.93690   -19.90762 -18.01948 1.000 24.43957 ?  11  PHE A CG  1 
ATOM   26   C CD1 . PHE A 1 35  ? 9.92523   -19.11962 -18.58729 1.000 29.14829 ?  11  PHE A CD1 1 
ATOM   27   C CD2 . PHE A 1 35  ? 7.73855   -19.31544 -17.66191 1.000 22.47623 ?  11  PHE A CD2 1 
ATOM   28   C CE1 . PHE A 1 35  ? 9.71977   -17.76024 -18.77709 1.000 27.00800 ?  11  PHE A CE1 1 
ATOM   29   C CE2 . PHE A 1 35  ? 7.53590   -17.96577 -17.84906 1.000 20.04487 ?  11  PHE A CE2 1 
ATOM   30   C CZ  . PHE A 1 35  ? 8.51437   -17.19107 -18.41406 1.000 22.82129 ?  11  PHE A CZ  1 
ATOM   31   N N   . VAL A 1 36  ? 8.26110   -21.25811 -14.85119 1.000 19.37370 ?  12  VAL A N   1 
ATOM   32   C CA  . VAL A 1 36  ? 7.61591   -20.38350 -13.88243 1.000 18.02752 ?  12  VAL A CA  1 
ATOM   33   C C   . VAL A 1 36  ? 8.31944   -20.39491 -12.53499 1.000 20.77045 ?  12  VAL A C   1 
ATOM   34   O O   . VAL A 1 36  ? 8.18638   -19.43335 -11.76431 1.000 18.63060 ?  12  VAL A O   1 
ATOM   35   C CB  . VAL A 1 36  ? 6.12426   -20.73560 -13.77281 1.000 17.65142 ?  12  VAL A CB  1 
ATOM   36   C CG1 . VAL A 1 36  ? 5.92656   -22.01720 -12.96955 1.000 21.26161 ?  12  VAL A CG1 1 
ATOM   37   C CG2 . VAL A 1 36  ? 5.33574   -19.58055 -13.16440 1.000 18.90294 ?  12  VAL A CG2 1 
ATOM   38   N N   . ASP A 1 37  ? 9.10235   -21.43905 -12.23637 1.000 21.03285 ?  13  ASP A N   1 
ATOM   39   C CA  . ASP A 1 37  ? 9.73266   -21.54562 -10.92266 1.000 21.39347 ?  13  ASP A CA  1 
ATOM   40   C C   . ASP A 1 37  ? 10.71673  -20.41354 -10.65403 1.000 21.36475 ?  13  ASP A C   1 
ATOM   41   O O   . ASP A 1 37  ? 10.91207  -20.02956 -9.49427  1.000 21.97078 ?  13  ASP A O   1 
ATOM   42   C CB  . ASP A 1 37  ? 10.45878  -22.88753 -10.79739 1.000 23.35665 ?  13  ASP A CB  1 
ATOM   43   C CG  . ASP A 1 37  ? 9.51126   -24.06162 -10.61343 1.000 39.17430 ?  13  ASP A CG  1 
ATOM   44   O OD1 . ASP A 1 37  ? 8.35217   -23.85725 -10.19270 1.000 37.05036 ?  13  ASP A OD1 1 
ATOM   45   O OD2 . ASP A 1 37  ? 9.93507   -25.20219 -10.89730 1.000 39.73364 -1 13  ASP A OD2 1 
ATOM   46   N N   A ASP A 1 38  ? 11.34174  -19.86267 -11.69593 0.475 19.36264 ?  14  ASP A N   1 
ATOM   47   N N   B ASP A 1 38  ? 11.33219  -19.86207 -11.70007 0.525 19.34254 ?  14  ASP A N   1 
ATOM   48   C CA  A ASP A 1 38  ? 12.35593  -18.82964 -11.52380 0.475 21.94545 ?  14  ASP A CA  1 
ATOM   49   C CA  B ASP A 1 38  ? 12.34777  -18.82973 -11.53626 0.525 21.92621 ?  14  ASP A CA  1 
ATOM   50   C C   A ASP A 1 38  ? 12.00695  -17.50444 -12.19155 0.475 18.84976 ?  14  ASP A C   1 
ATOM   51   C C   B ASP A 1 38  ? 12.09380  -17.63505 -12.44966 0.525 21.35590 ?  14  ASP A C   1 
ATOM   52   O O   A ASP A 1 38  ? 12.80363  -16.56319 -12.11865 0.475 18.78820 ?  14  ASP A O   1 
ATOM   53   O O   B ASP A 1 38  ? 13.02964  -16.93086 -12.83674 0.525 20.59828 ?  14  ASP A O   1 
ATOM   54   C CB  A ASP A 1 38  ? 13.72256  -19.33204 -12.02046 0.475 24.95273 ?  14  ASP A CB  1 
ATOM   55   C CB  B ASP A 1 38  ? 13.74840  -19.39979 -11.75385 0.525 25.17284 ?  14  ASP A CB  1 
ATOM   56   C CG  A ASP A 1 38  ? 14.88853  -18.61267 -11.36108 0.475 31.36806 ?  14  ASP A CG  1 
ATOM   57   C CG  B ASP A 1 38  ? 14.04827  -19.64463 -13.21280 0.525 26.55690 ?  14  ASP A CG  1 
ATOM   58   O OD1 A ASP A 1 38  ? 15.79412  -18.16322 -12.09450 0.475 40.26839 ?  14  ASP A OD1 1 
ATOM   59   O OD1 B ASP A 1 38  ? 13.14146  -20.10376 -13.93234 0.525 31.39366 ?  14  ASP A OD1 1 
ATOM   60   O OD2 A ASP A 1 38  ? 14.89882  -18.49572 -10.11555 0.475 33.65801 -1 14  ASP A OD2 1 
ATOM   61   O OD2 B ASP A 1 38  ? 15.19140  -19.37340 -13.64134 0.525 45.61153 -1 14  ASP A OD2 1 
ATOM   62   N N   . TYR A 1 39  ? 10.83691  -17.39414 -12.81396 1.000 17.26667 ?  15  TYR A N   1 
ATOM   63   C CA  . TYR A 1 39  ? 10.48656  -16.23818 -13.63551 1.000 16.46278 ?  15  TYR A CA  1 
ATOM   64   C C   . TYR A 1 39  ? 10.15955  -15.06813 -12.70608 1.000 15.58108 ?  15  TYR A C   1 
ATOM   65   O O   . TYR A 1 39  ? 9.17596   -15.11501 -11.95782 1.000 14.68520 ?  15  TYR A O   1 
ATOM   66   C CB  . TYR A 1 39  ? 9.31632   -16.61172 -14.54681 1.000 15.20347 ?  15  TYR A CB  1 
ATOM   67   C CG  . TYR A 1 39  ? 8.80946   -15.50074 -15.42418 1.000 14.68205 ?  15  TYR A CG  1 
ATOM   68   C CD1 . TYR A 1 39  ? 9.65704   -14.78046 -16.26596 1.000 15.29354 ?  15  TYR A CD1 1 
ATOM   69   C CD2 . TYR A 1 39  ? 7.46027   -15.15296 -15.40102 1.000 14.54943 ?  15  TYR A CD2 1 
ATOM   70   C CE1 . TYR A 1 39  ? 9.17382   -13.75394 -17.06492 1.000 14.43908 ?  15  TYR A CE1 1 
ATOM   71   C CE2 . TYR A 1 39  ? 6.96933   -14.14588 -16.20489 1.000 15.20510 ?  15  TYR A CE2 1 
ATOM   72   C CZ  . TYR A 1 39  ? 7.82261   -13.44175 -17.03258 1.000 13.54438 ?  15  TYR A CZ  1 
ATOM   73   O OH  . TYR A 1 39  ? 7.30580   -12.42149 -17.78375 1.000 14.96400 ?  15  TYR A OH  1 
ATOM   74   N N   . LEU A 1 40  ? 10.98151  -14.02329 -12.75235 1.000 15.01781 ?  16  LEU A N   1 
ATOM   75   C CA  . LEU A 1 40  ? 10.86939  -12.92279 -11.79033 1.000 14.92537 ?  16  LEU A CA  1 
ATOM   76   C C   . LEU A 1 40  ? 9.46438   -12.34817 -11.65456 1.000 14.18100 ?  16  LEU A C   1 
ATOM   77   O O   . LEU A 1 40  ? 9.01636   -12.15313 -10.51154 1.000 13.03673 ?  16  LEU A O   1 
ATOM   78   C CB  . LEU A 1 40  ? 11.87545  -11.80906 -12.10972 1.000 17.74053 ?  16  LEU A CB  1 
ATOM   79   C CG  . LEU A 1 40  ? 11.76539  -10.58825 -11.18975 1.000 17.43556 ?  16  LEU A CG  1 
ATOM   80   C CD1 . LEU A 1 40  ? 12.25182  -10.89288 -9.76870  1.000 21.02881 ?  16  LEU A CD1 1 
ATOM   81   C CD2 . LEU A 1 40  ? 12.48952  -9.39316  -11.78752 1.000 23.46514 ?  16  LEU A CD2 1 
ATOM   82   N N   . PRO A 1 41  ? 8.74143   -12.01038 -12.72803 1.000 12.52712 ?  17  PRO A N   1 
ATOM   83   C CA  . PRO A 1 41  ? 7.40878   -11.42895 -12.51311 1.000 13.10060 ?  17  PRO A CA  1 
ATOM   84   C C   . PRO A 1 41  ? 6.47163   -12.37830 -11.78979 1.000 12.51758 ?  17  PRO A C   1 
ATOM   85   O O   . PRO A 1 41  ? 5.65018   -11.93355 -10.97162 1.000 12.48284 ?  17  PRO A O   1 
ATOM   86   C CB  . PRO A 1 41  ? 6.93848   -11.06682 -13.93329 1.000 15.16498 ?  17  PRO A CB  1 
ATOM   87   C CG  . PRO A 1 41  ? 8.24846   -10.92099 -14.72817 1.000 15.31502 ?  17  PRO A CG  1 
ATOM   88   C CD  . PRO A 1 41  ? 9.11342   -12.00266 -14.16069 1.000 15.23844 ?  17  PRO A CD  1 
ATOM   89   N N   . ALA A 1 42  ? 6.55957   -13.68344 -12.05941 1.000 12.91181 ?  18  ALA A N   1 
ATOM   90   C CA  . ALA A 1 42  ? 5.73024   -14.62190 -11.31715 1.000 12.81814 ?  18  ALA A CA  1 
ATOM   91   C C   . ALA A 1 42  ? 6.12271   -14.66166 -9.84474  1.000 13.12961 ?  18  ALA A C   1 
ATOM   92   O O   . ALA A 1 42  ? 5.24961   -14.73737 -8.97167  1.000 12.90017 ?  18  ALA A O   1 
ATOM   93   C CB  . ALA A 1 42  ? 5.77273   -16.01169 -11.95679 1.000 14.18403 ?  18  ALA A CB  1 
ATOM   94   N N   . LEU A 1 43  ? 7.42718   -14.61526 -9.54727  1.000 13.18539 ?  19  LEU A N   1 
ATOM   95   C CA  . LEU A 1 43  ? 7.86942   -14.65841 -8.15797  1.000 13.05839 ?  19  LEU A CA  1 
ATOM   96   C C   . LEU A 1 43  ? 7.41488   -13.42286 -7.40478  1.000 12.91251 ?  19  LEU A C   1 
ATOM   97   O O   . LEU A 1 43  ? 6.91598   -13.52592 -6.28304  1.000 13.54993 ?  19  LEU A O   1 
ATOM   98   C CB  . LEU A 1 43  ? 9.39527   -14.76962 -8.10284  1.000 15.56979 ?  19  LEU A CB  1 
ATOM   99   C CG  . LEU A 1 43  ? 10.02222  -16.03574 -8.67901  1.000 16.20134 ?  19  LEU A CG  1 
ATOM   100  C CD1 . LEU A 1 43  ? 11.54566  -15.85264 -8.70675  1.000 21.40299 ?  19  LEU A CD1 1 
ATOM   101  C CD2 . LEU A 1 43  ? 9.64548   -17.20432 -7.80853  1.000 19.15181 ?  19  LEU A CD2 1 
ATOM   102  N N   . LEU A 1 44  ? 7.58455   -12.24673 -8.00862  1.000 12.36387 ?  20  LEU A N   1 
ATOM   103  C CA  . LEU A 1 44  ? 7.13948   -11.01302 -7.36338  1.000 13.81302 ?  20  LEU A CA  1 
ATOM   104  C C   . LEU A 1 44  ? 5.64943   -11.05184 -7.08860  1.000 12.49239 ?  20  LEU A C   1 
ATOM   105  O O   . LEU A 1 44  ? 5.20725   -10.66428 -5.99869  1.000 13.36050 ?  20  LEU A O   1 
ATOM   106  C CB  . LEU A 1 44  ? 7.45329   -9.80563  -8.23142  1.000 14.84623 ?  20  LEU A CB  1 
ATOM   107  C CG  . LEU A 1 44  ? 8.90066   -9.32005  -8.28693  1.000 14.33032 ?  20  LEU A CG  1 
ATOM   108  C CD1 . LEU A 1 44  ? 9.07362   -8.33116  -9.44166  1.000 17.21716 ?  20  LEU A CD1 1 
ATOM   109  C CD2 . LEU A 1 44  ? 9.32566   -8.67718  -6.95121  1.000 16.06343 ?  20  LEU A CD2 1 
ATOM   110  N N   . ALA A 1 45  ? 4.84994   -11.48604 -8.07458  1.000 12.69149 ?  21  ALA A N   1 
ATOM   111  C CA  . ALA A 1 45  ? 3.40313   -11.44023 -7.92233  1.000 11.94837 ?  21  ALA A CA  1 
ATOM   112  C C   . ALA A 1 45  ? 2.92911   -12.41563 -6.85983  1.000 12.19143 ?  21  ALA A C   1 
ATOM   113  O O   . ALA A 1 45  ? 2.02005   -12.09974 -6.09072  1.000 12.65871 ?  21  ALA A O   1 
ATOM   114  C CB  . ALA A 1 45  ? 2.74659   -11.71926 -9.27513  1.000 13.13744 ?  21  ALA A CB  1 
ATOM   115  N N   . GLN A 1 46  ? 3.53054   -13.60801 -6.78745  1.000 11.40451 ?  22  GLN A N   1 
ATOM   116  C CA  . GLN A 1 46  ? 3.12005   -14.56249 -5.76617  1.000 11.61965 ?  22  GLN A CA  1 
ATOM   117  C C   . GLN A 1 46  ? 3.51864   -14.08936 -4.37881  1.000 12.30354 ?  22  GLN A C   1 
ATOM   118  O O   . GLN A 1 46  ? 2.70952   -14.15248 -3.44113  1.000 13.05762 ?  22  GLN A O   1 
ATOM   119  C CB  . GLN A 1 46  ? 3.75896   -15.92065 -6.03710  1.000 12.41305 ?  22  GLN A CB  1 
ATOM   120  C CG  . GLN A 1 46  ? 3.23536   -16.66002 -7.26503  1.000 13.66669 ?  22  GLN A CG  1 
ATOM   121  C CD  . GLN A 1 46  ? 4.12965   -17.81439 -7.60527  1.000 14.64604 ?  22  GLN A CD  1 
ATOM   122  O OE1 . GLN A 1 46  ? 4.99402   -17.71264 -8.49470  1.000 18.52911 ?  22  GLN A OE1 1 
ATOM   123  N NE2 . GLN A 1 46  ? 3.96874   -18.90495 -6.88559  1.000 15.20651 ?  22  GLN A NE2 1 
ATOM   124  N N   . ALA A 1 47  ? 4.77504   -13.64966 -4.21160  1.000 12.69403 ?  23  ALA A N   1 
ATOM   125  C CA  . ALA A 1 47  ? 5.19766   -13.17283 -2.89619  1.000 12.05035 ?  23  ALA A CA  1 
ATOM   126  C C   . ALA A 1 47  ? 4.33065   -12.01224 -2.43397  1.000 13.12130 ?  23  ALA A C   1 
ATOM   127  O O   . ALA A 1 47  ? 3.88593   -11.96983 -1.27230  1.000 13.89241 ?  23  ALA A O   1 
ATOM   128  C CB  . ALA A 1 47  ? 6.66183   -12.76609 -2.95109  1.000 15.17304 ?  23  ALA A CB  1 
ATOM   129  N N   . SER A 1 48  ? 4.04471   -11.08864 -3.34948  1.000 11.98276 ?  24  SER A N   1 
ATOM   130  C CA  . SER A 1 48  ? 3.23523   -9.92998  -3.01886  1.000 11.92792 ?  24  SER A CA  1 
ATOM   131  C C   . SER A 1 48  ? 1.83687   -10.35299 -2.60027  1.000 12.12406 ?  24  SER A C   1 
ATOM   132  O O   . SER A 1 48  ? 1.33595   -9.91738  -1.56246  1.000 13.65146 ?  24  SER A O   1 
ATOM   133  C CB  . SER A 1 48  ? 3.20313   -9.00498  -4.23071  1.000 13.12958 ?  24  SER A CB  1 
ATOM   134  O OG  . SER A 1 48  ? 2.33552   -7.89197  -4.03322  1.000 14.52251 ?  24  SER A OG  1 
ATOM   135  N N   . GLN A 1 49  ? 1.18711   -11.22626 -3.38383  1.000 13.00197 ?  25  GLN A N   1 
ATOM   136  C CA  . GLN A 1 49  ? -0.17644  -11.62469 -3.02875  1.000 12.87856 ?  25  GLN A CA  1 
ATOM   137  C C   . GLN A 1 49  ? -0.22835  -12.32461 -1.68005  1.000 11.93673 ?  25  GLN A C   1 
ATOM   138  O O   . GLN A 1 49  ? -1.10188  -12.03699 -0.85455  1.000 12.58570 ?  25  GLN A O   1 
ATOM   139  C CB  . GLN A 1 49  ? -0.75862  -12.53422 -4.10641  1.000 14.62941 ?  25  GLN A CB  1 
ATOM   140  C CG  . GLN A 1 49  ? -2.17333  -13.03307 -3.75746  1.000 16.97627 ?  25  GLN A CG  1 
ATOM   141  C CD  . GLN A 1 49  ? -2.15629  -14.36742 -3.04844  1.000 19.76702 ?  25  GLN A CD  1 
ATOM   142  O OE1 . GLN A 1 49  ? -1.47553  -15.30030 -3.47585  1.000 20.97031 ?  25  GLN A OE1 1 
ATOM   143  N NE2 . GLN A 1 49  ? -2.87615  -14.46712 -1.94182  1.000 21.11166 ?  25  GLN A NE2 1 
ATOM   144  N N   . LEU A 1 50  ? 0.71832   -13.22722 -1.41552  1.000 12.58560 ?  26  LEU A N   1 
ATOM   145  C CA  . LEU A 1 50  ? 0.65027   -14.01545 -0.18874  1.000 13.55016 ?  26  LEU A CA  1 
ATOM   146  C C   . LEU A 1 50  ? 0.87695   -13.14073 1.04382   1.000 14.84127 ?  26  LEU A C   1 
ATOM   147  O O   . LEU A 1 50  ? 0.11954   -13.22174 2.03125   1.000 15.18547 ?  26  LEU A O   1 
ATOM   148  C CB  . LEU A 1 50  ? 1.67620   -15.15795 -0.26705  1.000 15.19109 ?  26  LEU A CB  1 
ATOM   149  C CG  . LEU A 1 50  ? 1.39046   -16.22543 -1.32213  1.000 14.33571 ?  26  LEU A CG  1 
ATOM   150  C CD1 . LEU A 1 50  ? 2.65005   -17.07251 -1.56701  1.000 19.02293 ?  26  LEU A CD1 1 
ATOM   151  C CD2 . LEU A 1 50  ? 0.22628   -17.09129 -0.86846  1.000 18.37080 ?  26  LEU A CD2 1 
ATOM   152  N N   A ILE A 1 51  ? 1.88109   -12.26501 0.99649   0.686 13.87322 ?  27  ILE A N   1 
ATOM   153  N N   B ILE A 1 51  ? 1.89371   -12.27107 0.99968   0.314 14.04936 ?  27  ILE A N   1 
ATOM   154  C CA  A ILE A 1 51  ? 2.14328   -11.43410 2.17299   0.686 13.92165 ?  27  ILE A CA  1 
ATOM   155  C CA  B ILE A 1 51  ? 2.16909   -11.38891 2.14027   0.314 14.07689 ?  27  ILE A CA  1 
ATOM   156  C C   A ILE A 1 51  ? 1.02132   -10.40898 2.38672   0.686 14.30578 ?  27  ILE A C   1 
ATOM   157  C C   B ILE A 1 51  ? 0.99783   -10.43467 2.37602   0.314 14.16218 ?  27  ILE A C   1 
ATOM   158  O O   A ILE A 1 51  ? 0.54982   -10.17906 3.52376   0.686 14.79745 ?  27  ILE A O   1 
ATOM   159  O O   B ILE A 1 51  ? 0.48975   -10.26063 3.50878   0.314 15.16224 ?  27  ILE A O   1 
ATOM   160  C CB  A ILE A 1 51  ? 3.54694   -10.80475 2.05565   0.686 15.11738 ?  27  ILE A CB  1 
ATOM   161  C CB  B ILE A 1 51  ? 3.48393   -10.62424 1.88760   0.314 15.14605 ?  27  ILE A CB  1 
ATOM   162  C CG1 A ILE A 1 51  ? 4.64180   -11.88365 2.15763   0.686 15.71536 ?  27  ILE A CG1 1 
ATOM   163  C CG1 B ILE A 1 51  ? 4.67269   -11.58532 1.89186   0.314 16.34103 ?  27  ILE A CG1 1 
ATOM   164  C CG2 A ILE A 1 51  ? 3.75115   -9.74051  3.10814   0.686 17.58561 ?  27  ILE A CG2 1 
ATOM   165  C CG2 B ILE A 1 51  ? 3.68575   -9.52048  2.91675   0.314 17.02050 ?  27  ILE A CG2 1 
ATOM   166  C CD1 A ILE A 1 51  ? 5.98922   -11.44073 1.59921   0.686 19.58351 ?  27  ILE A CD1 1 
ATOM   167  C CD1 B ILE A 1 51  ? 4.63846   -12.53995 3.03913   0.314 16.84863 ?  27  ILE A CD1 1 
ATOM   168  N N   . SER A 1 52  ? 0.55175   -9.79659  1.29813   1.000 12.85141 ?  28  SER A N   1 
ATOM   169  C CA  . SER A 1 52  ? -0.51026  -8.81883  1.40817   1.000 14.59511 ?  28  SER A CA  1 
ATOM   170  C C   . SER A 1 52  ? -1.79733  -9.44731  1.90760   1.000 13.94610 ?  28  SER A C   1 
ATOM   171  O O   . SER A 1 52  ? -2.51154  -8.83180  2.70449   1.000 15.03811 ?  28  SER A O   1 
ATOM   172  C CB  . SER A 1 52  ? -0.74144  -8.14722  0.05952   1.000 14.62594 ?  28  SER A CB  1 
ATOM   173  O OG  . SER A 1 52  ? 0.30611   -7.23441  -0.20923  1.000 15.86290 ?  28  SER A OG  1 
ATOM   174  N N   A SER A 1 53  ? -2.12003  -10.65989 1.45567   0.617 14.24032 ?  29  SER A N   1 
ATOM   175  N N   B SER A 1 53  ? -2.12229  -10.65859 1.44858   0.103 14.71246 ?  29  SER A N   1 
ATOM   176  N N   C SER A 1 53  ? -2.10704  -10.65883 1.44151   0.280 14.56441 ?  29  SER A N   1 
ATOM   177  C CA  A SER A 1 53  ? -3.37075  -11.27826 1.87644   0.617 15.23577 ?  29  SER A CA  1 
ATOM   178  C CA  B SER A 1 53  ? -3.37148  -11.28433 1.87051   0.103 15.48629 ?  29  SER A CA  1 
ATOM   179  C CA  C SER A 1 53  ? -3.34516  -11.30640 1.86020   0.280 15.41735 ?  29  SER A CA  1 
ATOM   180  C C   A SER A 1 53  ? -3.38170  -11.49252 3.38204   0.617 14.94187 ?  29  SER A C   1 
ATOM   181  C C   B SER A 1 53  ? -3.38557  -11.55132 3.36845   0.103 15.32382 ?  29  SER A C   1 
ATOM   182  C C   C SER A 1 53  ? -3.37317  -11.50197 3.36801   0.280 15.19019 ?  29  SER A C   1 
ATOM   183  O O   A SER A 1 53  ? -4.42459  -11.32522 4.03793   0.617 15.54637 ?  29  SER A O   1 
ATOM   184  O O   B SER A 1 53  ? -4.45245  -11.51859 3.99351   0.103 16.27229 ?  29  SER A O   1 
ATOM   185  O O   C SER A 1 53  ? -4.42764  -11.35993 4.00401   0.280 15.93579 ?  29  SER A O   1 
ATOM   186  C CB  A SER A 1 53  ? -3.58450  -12.59592 1.13093   0.617 16.78793 ?  29  SER A CB  1 
ATOM   187  C CB  B SER A 1 53  ? -3.60612  -12.57963 1.09765   0.103 16.88179 ?  29  SER A CB  1 
ATOM   188  C CB  C SER A 1 53  ? -3.50110  -12.64904 1.15122   0.280 16.84448 ?  29  SER A CB  1 
ATOM   189  O OG  A SER A 1 53  ? -3.98202  -12.36458 -0.21443  0.617 16.38466 ?  29  SER A OG  1 
ATOM   190  O OG  B SER A 1 53  ? -2.62861  -13.54464 1.42980   0.103 15.45520 ?  29  SER A OG  1 
ATOM   191  O OG  C SER A 1 53  ? -4.61359  -13.35578 1.66650   0.280 18.83328 ?  29  SER A OG  1 
ATOM   192  N N   . GLU A 1 54  ? -2.22051  -11.83104 3.95749   1.000 14.72290 ?  30  GLU A N   1 
ATOM   193  C CA  . GLU A 1 54  ? -2.14307  -11.94595 5.41527   1.000 16.43992 ?  30  GLU A CA  1 
ATOM   194  C C   . GLU A 1 54  ? -2.52953  -10.63343 6.08005   1.000 15.20547 ?  30  GLU A C   1 
ATOM   195  O O   . GLU A 1 54  ? -3.35355  -10.61413 7.01464   1.000 16.82913 ?  30  GLU A O   1 
ATOM   196  C CB  . GLU A 1 54  ? -0.72622  -12.32481 5.85112   1.000 16.20009 ?  30  GLU A CB  1 
ATOM   197  C CG  . GLU A 1 54  ? -0.32948  -13.72373 5.41885   1.000 17.94191 ?  30  GLU A CG  1 
ATOM   198  C CD  . GLU A 1 54  ? 1.07622   -14.09641 5.82657   1.000 20.33520 ?  30  GLU A CD  1 
ATOM   199  O OE1 . GLU A 1 54  ? 1.80104   -13.25953 6.40749   1.000 20.84116 ?  30  GLU A OE1 1 
ATOM   200  O OE2 . GLU A 1 54  ? 1.46095   -15.24950 5.53291   1.000 20.81259 -1 30  GLU A OE2 1 
ATOM   201  N N   . PHE A 1 55  ? -1.92314  -9.52068  5.63137   1.000 14.62787 ?  31  PHE A N   1 
ATOM   202  C CA  . PHE A 1 55  ? -2.28886  -8.27378  6.31929   1.000 15.27728 ?  31  PHE A CA  1 
ATOM   203  C C   . PHE A 1 55  ? -3.71705  -7.80518  6.01040   1.000 13.67906 ?  31  PHE A C   1 
ATOM   204  O O   . PHE A 1 55  ? -4.37619  -7.16117  6.85251   1.000 14.65929 ?  31  PHE A O   1 
ATOM   205  C CB  . PHE A 1 55  ? -1.30279  -7.13894  6.11455   1.000 14.52172 ?  31  PHE A CB  1 
ATOM   206  C CG  . PHE A 1 55  ? -1.53550  -6.05475  7.11291   1.000 15.03837 ?  31  PHE A CG  1 
ATOM   207  C CD1 . PHE A 1 55  ? -1.22061  -6.29492  8.44175   1.000 15.52704 ?  31  PHE A CD1 1 
ATOM   208  C CD2 . PHE A 1 55  ? -2.16235  -4.85608  6.77251   1.000 16.61869 ?  31  PHE A CD2 1 
ATOM   209  C CE1 . PHE A 1 55  ? -1.48975  -5.35927  9.42604   1.000 17.44830 ?  31  PHE A CE1 1 
ATOM   210  C CE2 . PHE A 1 55  ? -2.42815  -3.89617  7.75487   1.000 16.56729 ?  31  PHE A CE2 1 
ATOM   211  C CZ  . PHE A 1 55  ? -2.07579  -4.15258  9.08035   1.000 17.46128 ?  31  PHE A CZ  1 
ATOM   212  N N   . HIS A 1 56  ? -4.22913  -8.10592  4.83264   1.000 13.47614 ?  32  HIS A N   1 
ATOM   213  C CA  . HIS A 1 56  ? -5.58113  -7.67573  4.50477   1.000 14.65103 ?  32  HIS A CA  1 
ATOM   214  C C   . HIS A 1 56  ? -6.61752  -8.26753  5.45197   1.000 15.72709 ?  32  HIS A C   1 
ATOM   215  O O   . HIS A 1 56  ? -7.62952  -7.61563  5.74274   1.000 14.92541 ?  32  HIS A O   1 
ATOM   216  C CB  . HIS A 1 56  ? -5.90854  -8.05184  3.06818   1.000 15.09243 ?  32  HIS A CB  1 
ATOM   217  C CG  . HIS A 1 56  ? -5.10628  -7.29997  2.05259   1.000 14.98149 ?  32  HIS A CG  1 
ATOM   218  N ND1 . HIS A 1 56  ? -5.09260  -7.63616  0.71809   1.000 15.37280 ?  32  HIS A ND1 1 
ATOM   219  C CD2 . HIS A 1 56  ? -4.30265  -6.21872  2.17941   1.000 15.30501 ?  32  HIS A CD2 1 
ATOM   220  C CE1 . HIS A 1 56  ? -4.30433  -6.80008  0.06127   1.000 15.42709 ?  32  HIS A CE1 1 
ATOM   221  N NE2 . HIS A 1 56  ? -3.81480  -5.92896  0.92667   1.000 15.87866 ?  32  HIS A NE2 1 
ATOM   222  N N   A GLU A 1 57  ? -6.38834  -9.48804  5.94281   0.452 15.12106 ?  33  GLU A N   1 
ATOM   223  N N   B GLU A 1 57  ? -6.38687  -9.48466  5.95772   0.548 15.06475 ?  33  GLU A N   1 
ATOM   224  C CA  A GLU A 1 57  ? -7.26233  -10.06232 6.96202   0.452 16.85681 ?  33  GLU A CA  1 
ATOM   225  C CA  B GLU A 1 57  ? -7.28281  -10.05053 6.96550   0.548 16.77574 ?  33  GLU A CA  1 
ATOM   226  C C   A GLU A 1 57  ? -7.32018  -9.16774  8.19416   0.452 16.58390 ?  33  GLU A C   1 
ATOM   227  C C   B GLU A 1 57  ? -7.32092  -9.17788  8.21073   0.548 16.58606 ?  33  GLU A C   1 
ATOM   228  O O   A GLU A 1 57  ? -8.40621  -8.89740  8.73375   0.452 17.78600 ?  33  GLU A O   1 
ATOM   229  O O   B GLU A 1 57  ? -8.39505  -8.93458  8.77986   0.548 17.70411 ?  33  GLU A O   1 
ATOM   230  C CB  A GLU A 1 57  ? -6.74451  -11.45583 7.32721   0.452 21.65516 ?  33  GLU A CB  1 
ATOM   231  C CB  B GLU A 1 57  ? -6.83765  -11.47152 7.32028   0.548 21.79174 ?  33  GLU A CB  1 
ATOM   232  C CG  A GLU A 1 57  ? -7.54769  -12.17227 8.39145   0.452 23.96929 ?  33  GLU A CG  1 
ATOM   233  C CG  B GLU A 1 57  ? -6.84147  -12.42121 6.14646   0.548 22.13256 ?  33  GLU A CG  1 
ATOM   234  C CD  A GLU A 1 57  ? -8.88956  -12.65131 7.88446   0.452 32.68137 ?  33  GLU A CD  1 
ATOM   235  C CD  B GLU A 1 57  ? -6.78203  -13.88065 6.55984   0.548 36.80080 ?  33  GLU A CD  1 
ATOM   236  O OE1 A GLU A 1 57  ? -9.02450  -12.86969 6.66268   0.452 36.36056 ?  33  GLU A OE1 1 
ATOM   237  O OE1 B GLU A 1 57  ? -6.50205  -14.16330 7.74442   0.548 39.58215 ?  33  GLU A OE1 1 
ATOM   238  O OE2 A GLU A 1 57  ? -9.81459  -12.80156 8.71065   0.452 33.03548 -1 33  GLU A OE2 1 
ATOM   239  O OE2 B GLU A 1 57  ? -7.01337  -14.74838 5.69193   0.548 43.53829 -1 33  GLU A OE2 1 
ATOM   240  N N   . VAL A 1 58  ? -6.16240  -8.67301  8.63556   1.000 16.01865 ?  34  VAL A N   1 
ATOM   241  C CA  . VAL A 1 58  ? -6.11600  -7.77761  9.78887   1.000 16.02407 ?  34  VAL A CA  1 
ATOM   242  C C   . VAL A 1 58  ? -6.85866  -6.48032  9.48476   1.000 16.28681 ?  34  VAL A C   1 
ATOM   243  O O   . VAL A 1 58  ? -7.63292  -5.96650  10.31095  1.000 16.70576 ?  34  VAL A O   1 
ATOM   244  C CB  . VAL A 1 58  ? -4.65264  -7.51194  10.20132  1.000 16.55349 ?  34  VAL A CB  1 
ATOM   245  C CG1 . VAL A 1 58  ? -4.59359  -6.57826  11.39496  1.000 18.12012 ?  34  VAL A CG1 1 
ATOM   246  C CG2 . VAL A 1 58  ? -3.91425  -8.82157  10.50171  1.000 20.48910 ?  34  VAL A CG2 1 
ATOM   247  N N   . ALA A 1 59  ? -6.61004  -5.90735  8.30520   1.000 16.13642 ?  35  ALA A N   1 
ATOM   248  C CA  . ALA A 1 59  ? -7.27807  -4.66033  7.93935   1.000 15.01298 ?  35  ALA A CA  1 
ATOM   249  C C   . ALA A 1 59  ? -8.79224  -4.81542  8.00054   1.000 15.62583 ?  35  ALA A C   1 
ATOM   250  O O   . ALA A 1 59  ? -9.48937  -3.96643  8.57972   1.000 14.76764 ?  35  ALA A O   1 
ATOM   251  C CB  . ALA A 1 59  ? -6.81984  -4.20079  6.55559   1.000 14.95885 ?  35  ALA A CB  1 
ATOM   252  N N   A ARG A 1 60  ? -9.32133  -5.90097  7.43517   0.553 14.78186 ?  36  ARG A N   1 
ATOM   253  N N   B ARG A 1 60  ? -9.31777  -5.91326  7.45333   0.447 14.79463 ?  36  ARG A N   1 
ATOM   254  C CA  A ARG A 1 60  ? -10.77001 -6.09240  7.44121   0.553 14.98018 ?  36  ARG A CA  1 
ATOM   255  C CA  B ARG A 1 60  ? -10.76575 -6.10996  7.43813   0.447 15.01127 ?  36  ARG A CA  1 
ATOM   256  C C   A ARG A 1 60  ? -11.29283 -6.25169  8.85884   0.553 16.00665 ?  36  ARG A C   1 
ATOM   257  C C   B ARG A 1 60  ? -11.31100 -6.42789  8.82307   0.447 15.84318 ?  36  ARG A C   1 
ATOM   258  O O   A ARG A 1 60  ? -12.32294 -5.66174  9.22046   0.553 15.08706 ?  36  ARG A O   1 
ATOM   259  O O   B ARG A 1 60  ? -12.47746 -6.12699  9.10984   0.447 16.41369 ?  36  ARG A O   1 
ATOM   260  C CB  A ARG A 1 60  ? -11.17349 -7.29312  6.59055   0.553 16.52853 ?  36  ARG A CB  1 
ATOM   261  C CB  B ARG A 1 60  ? -11.16622 -7.19865  6.44641   0.447 16.67405 ?  36  ARG A CB  1 
ATOM   262  C CG  A ARG A 1 60  ? -10.90076 -7.09450  5.12511   0.553 15.87294 ?  36  ARG A CG  1 
ATOM   263  C CG  B ARG A 1 60  ? -10.94149 -6.81377  4.99918   0.447 16.57459 ?  36  ARG A CG  1 
ATOM   264  C CD  A ARG A 1 60  ? -11.52189 -8.17824  4.27957   0.553 18.44954 ?  36  ARG A CD  1 
ATOM   265  C CD  B ARG A 1 60  ? -11.51358 -7.86269  4.06808   0.447 17.67828 ?  36  ARG A CD  1 
ATOM   266  N NE  A ARG A 1 60  ? -10.93610 -8.12795  2.94653   0.553 17.21242 ?  36  ARG A NE  1 
ATOM   267  N NE  B ARG A 1 60  ? -10.76798 -9.11752  4.13693   0.447 18.77090 ?  36  ARG A NE  1 
ATOM   268  C CZ  A ARG A 1 60  ? -9.87720  -8.83651  2.56611   0.553 18.93159 ?  36  ARG A CZ  1 
ATOM   269  C CZ  B ARG A 1 60  ? -9.80362  -9.46660  3.28907   0.447 18.25180 ?  36  ARG A CZ  1 
ATOM   270  N NH1 A ARG A 1 60  ? -9.39001  -8.68787  1.34619   0.553 20.47995 ?  36  ARG A NH1 1 
ATOM   271  N NH1 B ARG A 1 60  ? -9.46516  -8.66403  2.28686   0.447 20.41291 ?  36  ARG A NH1 1 
ATOM   272  N NH2 A ARG A 1 60  ? -9.30945  -9.70460  3.39064   0.553 19.28172 ?  36  ARG A NH2 1 
ATOM   273  N NH2 B ARG A 1 60  ? -9.17305  -10.62034 3.45373   0.447 19.59391 ?  36  ARG A NH2 1 
ATOM   274  N N   A GLN A 1 61  ? -10.59749 -7.04351  9.68427   0.553 17.55576 ?  37  GLN A N   1 
ATOM   275  N N   B GLN A 1 61  ? -10.49927 -7.03607  9.69403   0.447 17.64774 ?  37  GLN A N   1 
ATOM   276  C CA  A GLN A 1 61  ? -11.02000 -7.18962  11.07157  0.553 20.62567 ?  37  GLN A CA  1 
ATOM   277  C CA  B GLN A 1 61  ? -10.92793 -7.22004  11.07492  0.447 20.76999 ?  37  GLN A CA  1 
ATOM   278  C C   A GLN A 1 61  ? -11.06632 -5.85215  11.79376  0.553 17.83976 ?  37  GLN A C   1 
ATOM   279  C C   B GLN A 1 61  ? -10.93629 -5.91023  11.85427  0.447 17.92655 ?  37  GLN A C   1 
ATOM   280  O O   A GLN A 1 61  ? -11.78748 -5.71837  12.79436  0.553 19.99181 ?  37  GLN A O   1 
ATOM   281  O O   B GLN A 1 61  ? -11.50508 -5.85842  12.95410  0.447 22.38226 ?  37  GLN A O   1 
ATOM   282  C CB  A GLN A 1 61  ? -10.09884 -8.16677  11.80657  0.553 22.96168 ?  37  GLN A CB  1 
ATOM   283  C CB  B GLN A 1 61  ? -10.05925 -8.28512  11.75966  0.447 22.73430 ?  37  GLN A CB  1 
ATOM   284  C CG  A GLN A 1 61  ? -10.33121 -9.62399  11.43551  0.553 23.34114 ?  37  GLN A CG  1 
ATOM   285  C CG  B GLN A 1 61  ? -8.86776  -7.75016  12.53319  0.447 33.34540 ?  37  GLN A CG  1 
ATOM   286  C CD  A GLN A 1 61  ? -11.80727 -10.01118 11.40715  0.553 28.92710 ?  37  GLN A CD  1 
ATOM   287  C CD  B GLN A 1 61  ? -7.86226  -8.83519  12.89708  0.447 33.57917 ?  37  GLN A CD  1 
ATOM   288  O OE1 A GLN A 1 61  ? -12.57771 -9.63868  12.29302  0.553 32.89945 ?  37  GLN A OE1 1 
ATOM   289  O OE1 B GLN A 1 61  ? -7.91225  -9.94937  12.37382  0.447 36.93839 ?  37  GLN A OE1 1 
ATOM   290  N NE2 A GLN A 1 61  ? -12.20325 -10.76183 10.38467  0.553 30.92334 ?  37  GLN A NE2 1 
ATOM   291  N NE2 B GLN A 1 61  ? -6.93667  -8.50519  13.78695  0.447 31.62636 ?  37  GLN A NE2 1 
ATOM   292  N N   . HIS A 1 62  ? -10.32104 -4.85785  11.31206  1.000 17.58838 ?  38  HIS A N   1 
ATOM   293  C CA  . HIS A 1 62  ? -10.35283 -3.51735  11.87503  1.000 17.90535 ?  38  HIS A CA  1 
ATOM   294  C C   . HIS A 1 62  ? -11.27450 -2.58664  11.09212  1.000 17.43074 ?  38  HIS A C   1 
ATOM   295  O O   . HIS A 1 62  ? -11.19734 -1.36224  11.24635  1.000 19.42210 ?  38  HIS A O   1 
ATOM   296  C CB  . HIS A 1 62  ? -8.93489  -2.95549  12.00077  1.000 21.17828 ?  38  HIS A CB  1 
ATOM   297  C CG  . HIS A 1 62  ? -8.15291  -3.58485  13.10663  1.000 19.56554 ?  38  HIS A CG  1 
ATOM   298  N ND1 . HIS A 1 62  ? -7.60048  -4.84313  13.01073  1.000 22.71686 ?  38  HIS A ND1 1 
ATOM   299  C CD2 . HIS A 1 62  ? -7.87810  -3.14734  14.35827  1.000 22.84139 ?  38  HIS A CD2 1 
ATOM   300  C CE1 . HIS A 1 62  ? -6.99704  -5.14572  14.14798  1.000 25.02922 ?  38  HIS A CE1 1 
ATOM   301  N NE2 . HIS A 1 62  ? -7.13797  -4.12832  14.97421  1.000 26.85240 ?  38  HIS A NE2 1 
ATOM   302  N N   . GLY A 1 63  ? -12.13501 -3.14841  10.24896  1.000 16.23939 ?  39  GLY A N   1 
ATOM   303  C CA  . GLY A 1 63  ? -13.14395 -2.37671  9.54055   1.000 17.37931 ?  39  GLY A CA  1 
ATOM   304  C C   . GLY A 1 63  ? -12.68283 -1.66353  8.28378   1.000 18.29466 ?  39  GLY A C   1 
ATOM   305  O O   . GLY A 1 63  ? -13.40994 -0.79507  7.79131   1.000 20.57155 ?  39  GLY A O   1 
ATOM   306  N N   . PHE A 1 64  ? -11.51640 -1.99871  7.73073   1.000 15.79598 ?  40  PHE A N   1 
ATOM   307  C CA  . PHE A 1 64  ? -11.01088 -1.35503  6.51935   1.000 16.82421 ?  40  PHE A CA  1 
ATOM   308  C C   . PHE A 1 64  ? -11.12239 -2.29039  5.32988   1.000 15.69659 ?  40  PHE A C   1 
ATOM   309  O O   . PHE A 1 64  ? -10.83043 -3.48734  5.44270   1.000 16.00792 ?  40  PHE A O   1 
ATOM   310  C CB  . PHE A 1 64  ? -9.51698  -1.06177  6.65015   1.000 15.21869 ?  40  PHE A CB  1 
ATOM   311  C CG  . PHE A 1 64  ? -9.19828  0.19775   7.38095   1.000 16.88984 ?  40  PHE A CG  1 
ATOM   312  C CD1 . PHE A 1 64  ? -9.40441  0.29695   8.74413   1.000 20.44411 ?  40  PHE A CD1 1 
ATOM   313  C CD2 . PHE A 1 64  ? -8.64328  1.27411   6.70654   1.000 20.89958 ?  40  PHE A CD2 1 
ATOM   314  C CE1 . PHE A 1 64  ? -9.08455  1.48560   9.42766   1.000 22.91254 ?  40  PHE A CE1 1 
ATOM   315  C CE2 . PHE A 1 64  ? -8.32072  2.44473   7.36701   1.000 23.11938 ?  40  PHE A CE2 1 
ATOM   316  C CZ  . PHE A 1 64  ? -8.55098  2.55559   8.72773   1.000 22.25024 ?  40  PHE A CZ  1 
ATOM   317  N N   . SER A 1 65  ? -11.50420 -1.73705  4.17451   1.000 15.26383 ?  41  SER A N   1 
ATOM   318  C CA  . SER A 1 65  ? -11.29953 -2.46098  2.93467   1.000 14.82441 ?  41  SER A CA  1 
ATOM   319  C C   . SER A 1 65  ? -9.83899  -2.32692  2.49822   1.000 14.04528 ?  41  SER A C   1 
ATOM   320  O O   . SER A 1 65  ? -9.08646  -1.47185  2.97948   1.000 14.14895 ?  41  SER A O   1 
ATOM   321  C CB  . SER A 1 65  ? -12.19617 -1.91029  1.82685   1.000 16.96128 ?  41  SER A CB  1 
ATOM   322  O OG  . SER A 1 65  ? -11.73247 -0.63298  1.41701   1.000 18.76690 ?  41  SER A OG  1 
ATOM   323  N N   . VAL A 1 66  ? -9.44761  -3.16541  1.54503   1.000 14.38209 ?  42  VAL A N   1 
ATOM   324  C CA  . VAL A 1 66  ? -8.07992  -3.09838  1.03503   1.000 14.85781 ?  42  VAL A CA  1 
ATOM   325  C C   . VAL A 1 66  ? -7.77771  -1.71291  0.46360   1.000 13.57713 ?  42  VAL A C   1 
ATOM   326  O O   . VAL A 1 66  ? -6.73358  -1.11919  0.74982   1.000 14.04504 ?  42  VAL A O   1 
ATOM   327  C CB  . VAL A 1 66  ? -7.83339  -4.21329  0.00714   1.000 13.36991 ?  42  VAL A CB  1 
ATOM   328  C CG1 . VAL A 1 66  ? -6.50544  -3.99672  -0.72054  1.000 16.62760 ?  42  VAL A CG1 1 
ATOM   329  C CG2 . VAL A 1 66  ? -7.88078  -5.57565  0.69292   1.000 18.74236 ?  42  VAL A CG2 1 
ATOM   330  N N   A SER A 1 67  ? -8.70185  -1.17969  -0.34737  0.616 14.54358 ?  43  SER A N   1 
ATOM   331  N N   B SER A 1 67  ? -8.67189  -1.18649  -0.37738  0.384 14.72100 ?  43  SER A N   1 
ATOM   332  C CA  A SER A 1 67  ? -8.46579  0.09496   -1.01529  0.616 16.43296 ?  43  SER A CA  1 
ATOM   333  C CA  B SER A 1 67  ? -8.37040  0.08702   -1.02330  0.384 16.37253 ?  43  SER A CA  1 
ATOM   334  C C   A SER A 1 67  ? -8.39546  1.24681   -0.02159  0.616 14.79881 ?  43  SER A C   1 
ATOM   335  C C   B SER A 1 67  ? -8.37786  1.24703   -0.03011  0.384 14.84686 ?  43  SER A C   1 
ATOM   336  O O   A SER A 1 67  ? -7.55752  2.14556   -0.16534  0.616 15.66255 ?  43  SER A O   1 
ATOM   337  O O   B SER A 1 67  ? -7.55897  2.16647   -0.15192  0.384 15.67203 ?  43  SER A O   1 
ATOM   338  C CB  A SER A 1 67  ? -9.56663  0.34182   -2.04582  0.616 17.27772 ?  43  SER A CB  1 
ATOM   339  C CB  B SER A 1 67  ? -9.33548  0.33472   -2.17994  0.384 17.86923 ?  43  SER A CB  1 
ATOM   340  O OG  A SER A 1 67  ? -9.41095  -0.53624  -3.14587  0.616 19.74891 ?  43  SER A OG  1 
ATOM   341  O OG  B SER A 1 67  ? -10.65355 0.43975   -1.69493  0.384 20.80586 ?  43  SER A OG  1 
ATOM   342  N N   A GLU A 1 68  ? -9.25965  1.24156   0.99768   0.616 14.32200 ?  44  GLU A N   1 
ATOM   343  N N   B GLU A 1 68  ? -9.27373  1.21841   0.96349   0.384 14.53328 ?  44  GLU A N   1 
ATOM   344  C CA  A GLU A 1 68  ? -9.20037  2.29991   2.00111   0.616 14.99542 ?  44  GLU A CA  1 
ATOM   345  C CA  B GLU A 1 68  ? -9.25197  2.23340   2.01599   0.384 15.24921 ?  44  GLU A CA  1 
ATOM   346  C C   A GLU A 1 68  ? -7.89933  2.23712   2.78079   0.616 14.73853 ?  44  GLU A C   1 
ATOM   347  C C   B GLU A 1 68  ? -7.91800  2.22096   2.74799   0.384 14.69588 ?  44  GLU A C   1 
ATOM   348  O O   A GLU A 1 68  ? -7.30582  3.27642   3.10278   0.616 14.92858 ?  44  GLU A O   1 
ATOM   349  O O   B GLU A 1 68  ? -7.32064  3.27511   3.00988   0.384 15.09509 ?  44  GLU A O   1 
ATOM   350  C CB  A GLU A 1 68  ? -10.38309 2.17647   2.95898   0.616 16.38691 ?  44  GLU A CB  1 
ATOM   351  C CB  B GLU A 1 68  ? -10.37710 1.95830   3.01751   0.384 16.69071 ?  44  GLU A CB  1 
ATOM   352  C CG  A GLU A 1 68  ? -11.73758 2.38502   2.30469   0.616 20.49984 ?  44  GLU A CG  1 
ATOM   353  C CG  B GLU A 1 68  ? -11.74400 2.52744   2.65655   0.384 17.98247 ?  44  GLU A CG  1 
ATOM   354  C CD  A GLU A 1 68  ? -12.86443 1.66231   3.03265   0.616 26.20253 ?  44  GLU A CD  1 
ATOM   355  C CD  B GLU A 1 68  ? -12.86426 1.96444   3.52943   0.384 21.21445 ?  44  GLU A CD  1 
ATOM   356  O OE1 A GLU A 1 68  ? -12.63991 1.16871   4.17034   0.616 21.97210 ?  44  GLU A OE1 1 
ATOM   357  O OE1 B GLU A 1 68  ? -12.97055 0.72196   3.66627   0.384 16.71060 ?  44  GLU A OE1 1 
ATOM   358  O OE2 A GLU A 1 68  ? -13.97601 1.58868   2.45577   0.616 26.49658 -1 44  GLU A OE2 1 
ATOM   359  O OE2 B GLU A 1 68  ? -13.64697 2.76541   4.08083   0.384 23.20028 -1 44  GLU A OE2 1 
ATOM   360  N N   . TRP A 1 69  ? -7.46843  1.02378   3.12867   1.000 13.45942 ?  45  TRP A N   1 
ATOM   361  C CA  . TRP A 1 69  ? -6.18966  0.85633   3.79489   1.000 14.67705 ?  45  TRP A CA  1 
ATOM   362  C C   . TRP A 1 69  ? -5.05184  1.37623   2.92487   1.000 13.16556 ?  45  TRP A C   1 
ATOM   363  O O   . TRP A 1 69  ? -4.20254  2.12138   3.40037   1.000 13.90983 ?  45  TRP A O   1 
ATOM   364  C CB  . TRP A 1 69  ? -5.99918  -0.62043  4.15383   1.000 14.85421 ?  45  TRP A CB  1 
ATOM   365  C CG  . TRP A 1 69  ? -4.56176  -1.05193  4.32500   1.000 13.30119 ?  45  TRP A CG  1 
ATOM   366  C CD1 . TRP A 1 69  ? -3.88864  -1.94887  3.55148   1.000 13.84709 ?  45  TRP A CD1 1 
ATOM   367  C CD2 . TRP A 1 69  ? -3.62631  -0.60612  5.31826   1.000 13.76762 ?  45  TRP A CD2 1 
ATOM   368  N NE1 . TRP A 1 69  ? -2.61011  -2.10939  4.00039   1.000 14.13121 ?  45  TRP A NE1 1 
ATOM   369  C CE2 . TRP A 1 69  ? -2.42122  -1.29053  5.08449   1.000 13.12172 ?  45  TRP A CE2 1 
ATOM   370  C CE3 . TRP A 1 69  ? -3.69393  0.29349   6.39230   1.000 14.32955 ?  45  TRP A CE3 1 
ATOM   371  C CZ2 . TRP A 1 69  ? -1.28068  -1.09360  5.85987   1.000 14.57081 ?  45  TRP A CZ2 1 
ATOM   372  C CZ3 . TRP A 1 69  ? -2.55851  0.48306   7.17289   1.000 16.08537 ?  45  TRP A CZ3 1 
ATOM   373  C CH2 . TRP A 1 69  ? -1.37113  -0.21125  6.90666   1.000 15.32781 ?  45  TRP A CH2 1 
ATOM   374  N N   . ARG A 1 70  ? -5.01366  1.00046   1.64041   1.000 12.78034 ?  46  ARG A N   1 
ATOM   375  C CA  . ARG A 1 70  ? -3.92006  1.47680   0.79011   1.000 13.95816 ?  46  ARG A CA  1 
ATOM   376  C C   . ARG A 1 70  ? -3.90789  2.99539   0.69207   1.000 13.45010 ?  46  ARG A C   1 
ATOM   377  O O   . ARG A 1 70  ? -2.83986  3.61529   0.75778   1.000 14.07575 ?  46  ARG A O   1 
ATOM   378  C CB  . ARG A 1 70  ? -4.01054  0.86860   -0.61239  1.000 14.19143 ?  46  ARG A CB  1 
ATOM   379  C CG  . ARG A 1 70  ? -3.69576  -0.61136  -0.64588  1.000 13.17044 ?  46  ARG A CG  1 
ATOM   380  C CD  . ARG A 1 70  ? -3.74156  -1.10546  -2.08499  1.000 15.87498 ?  46  ARG A CD  1 
ATOM   381  N NE  . ARG A 1 70  ? -3.45872  -2.53829  -2.16357  1.000 13.74053 ?  46  ARG A NE  1 
ATOM   382  C CZ  . ARG A 1 70  ? -3.39147  -3.20014  -3.30977  1.000 16.99951 ?  46  ARG A CZ  1 
ATOM   383  N NH1 . ARG A 1 70  ? -3.54635  -2.54522  -4.45297  1.000 20.32939 ?  46  ARG A NH1 1 
ATOM   384  N NH2 . ARG A 1 70  ? -3.12511  -4.50049  -3.30988  1.000 18.28021 ?  46  ARG A NH2 1 
ATOM   385  N N   . VAL A 1 71  ? -5.08233  3.61463   0.53344   1.000 13.00491 ?  47  VAL A N   1 
ATOM   386  C CA  . VAL A 1 71  ? -5.11104  5.07132   0.39162   1.000 14.72344 ?  47  VAL A CA  1 
ATOM   387  C C   . VAL A 1 71  ? -4.65460  5.75387   1.67395   1.000 14.43617 ?  47  VAL A C   1 
ATOM   388  O O   . VAL A 1 71  ? -3.78005  6.63408   1.65297   1.000 15.61465 ?  47  VAL A O   1 
ATOM   389  C CB  . VAL A 1 71  ? -6.50901  5.53671   -0.04252  1.000 14.33573 ?  47  VAL A CB  1 
ATOM   390  C CG1 . VAL A 1 71  ? -6.62331  7.06274   0.09739   1.000 16.68884 ?  47  VAL A CG1 1 
ATOM   391  C CG2 . VAL A 1 71  ? -6.75399  5.12871   -1.47726  1.000 16.33555 ?  47  VAL A CG2 1 
ATOM   392  N N   . MET A 1 72  ? -5.20603  5.33883   2.81071   1.000 14.67289 ?  48  MET A N   1 
ATOM   393  C CA  . MET A 1 72  ? -4.83907  6.02582   4.04484   1.000 15.46510 ?  48  MET A CA  1 
ATOM   394  C C   . MET A 1 72  ? -3.38640  5.77205   4.42075   1.000 16.75355 ?  48  MET A C   1 
ATOM   395  O O   . MET A 1 72  ? -2.68802  6.69306   4.87189   1.000 18.11617 ?  48  MET A O   1 
ATOM   396  C CB  . MET A 1 72  ? -5.78088  5.64133   5.17217   1.000 17.86790 ?  48  MET A CB  1 
ATOM   397  C CG  . MET A 1 72  ? -7.08461  6.41095   5.09989   1.000 20.90526 ?  48  MET A CG  1 
ATOM   398  S SD  . MET A 1 72  ? -8.16817  6.22810   6.52783   1.000 20.95293 ?  48  MET A SD  1 
ATOM   399  C CE  . MET A 1 72  ? -9.40805  5.16874   5.80091   1.000 28.28522 ?  48  MET A CE  1 
ATOM   400  N N   . ALA A 1 73  ? -2.90175  4.53011   4.25524   1.000 14.25947 ?  49  ALA A N   1 
ATOM   401  C CA  . ALA A 1 73  ? -1.50890  4.23876   4.54646   1.000 15.31839 ?  49  ALA A CA  1 
ATOM   402  C C   . ALA A 1 73  ? -0.57543  4.99045   3.60599   1.000 16.42513 ?  49  ALA A C   1 
ATOM   403  O O   . ALA A 1 73  ? 0.52288   5.39245   4.01892   1.000 19.17357 ?  49  ALA A O   1 
ATOM   404  C CB  . ALA A 1 73  ? -1.26878  2.72711   4.44527   1.000 17.32390 ?  49  ALA A CB  1 
ATOM   405  N N   . SER A 1 74  ? -0.97679  5.19744   2.34630   1.000 14.69481 ?  50  SER A N   1 
ATOM   406  C CA  . SER A 1 74  ? -0.11576  5.89396   1.39816   1.000 17.09415 ?  50  SER A CA  1 
ATOM   407  C C   . SER A 1 74  ? -0.05579  7.38259   1.68363   1.000 18.69198 ?  50  SER A C   1 
ATOM   408  O O   . SER A 1 74  ? 0.95594   8.02966   1.38244   1.000 20.42320 ?  50  SER A O   1 
ATOM   409  C CB  . SER A 1 74  ? -0.64530  5.69232   -0.00969  1.000 15.76733 ?  50  SER A CB  1 
ATOM   410  O OG  . SER A 1 74  ? -0.48389  4.33249   -0.42080  1.000 15.59318 ?  50  SER A OG  1 
ATOM   411  N N   . LEU A 1 75  ? -1.12205  7.94003   2.24686   1.000 16.36294 ?  51  LEU A N   1 
ATOM   412  C CA  . LEU A 1 75  ? -1.17259  9.37619   2.49976   1.000 17.62727 ?  51  LEU A CA  1 
ATOM   413  C C   . LEU A 1 75  ? -0.67608  9.74722   3.88628   1.000 18.83822 ?  51  LEU A C   1 
ATOM   414  O O   . LEU A 1 75  ? -0.35469  10.92231  4.11662   1.000 20.16378 ?  51  LEU A O   1 
ATOM   415  C CB  . LEU A 1 75  ? -2.60354  9.86644   2.28103   1.000 15.55710 ?  51  LEU A CB  1 
ATOM   416  C CG  . LEU A 1 75  ? -3.10917  9.80103   0.83768   1.000 15.33146 ?  51  LEU A CG  1 
ATOM   417  C CD1 . LEU A 1 75  ? -4.56310  10.13957  0.78587   1.000 18.07902 ?  51  LEU A CD1 1 
ATOM   418  C CD2 . LEU A 1 75  ? -2.29306  10.72100  -0.06237  1.000 19.86344 ?  51  LEU A CD2 1 
ATOM   419  N N   . ALA A 1 76  ? -0.60689  8.78862   4.80512   1.000 18.55292 ?  52  ALA A N   1 
ATOM   420  C CA  . ALA A 1 76  ? -0.19988  9.08035   6.17532   1.000 20.90002 ?  52  ALA A CA  1 
ATOM   421  C C   . ALA A 1 76  ? 1.23292   9.59528   6.21251   1.000 23.31366 ?  52  ALA A C   1 
ATOM   422  O O   . ALA A 1 76  ? 2.15471   8.96590   5.68826   1.000 24.61350 ?  52  ALA A O   1 
ATOM   423  C CB  . ALA A 1 76  ? -0.32433  7.81905   7.02685   1.000 20.83076 ?  52  ALA A CB  1 
ATOM   424  N N   . GLY A 1 77  ? 1.41705   10.75105  6.84859   1.000 24.06444 ?  53  GLY A N   1 
ATOM   425  C CA  . GLY A 1 77  ? 2.73523   11.34504  6.91763   1.000 29.00560 ?  53  GLY A CA  1 
ATOM   426  C C   . GLY A 1 77  ? 3.23251   11.95323  5.63154   1.000 31.59964 ?  53  GLY A C   1 
ATOM   427  O O   . GLY A 1 77  ? 4.42760   12.25106  5.52659   1.000 34.26644 ?  53  GLY A O   1 
ATOM   428  N N   . SER A 1 78  ? 2.36026   12.14961  4.64726   1.000 27.42461 ?  54  SER A N   1 
ATOM   429  C CA  . SER A 1 78  ? 2.76228   12.62315  3.33593   1.000 25.95789 ?  54  SER A CA  1 
ATOM   430  C C   . SER A 1 78  ? 2.27089   14.04920  3.12212   1.000 25.32225 ?  54  SER A C   1 
ATOM   431  O O   . SER A 1 78  ? 1.21210   14.44107  3.61779   1.000 28.53486 ?  54  SER A O   1 
ATOM   432  C CB  . SER A 1 78  ? 2.15618   11.72740  2.24308   1.000 27.02111 ?  54  SER A CB  1 
ATOM   433  O OG  . SER A 1 78  ? 2.52385   12.16177  0.94346   1.000 29.74770 ?  54  SER A OG  1 
ATOM   434  N N   . GLU A 1 79  ? 3.05949   14.81976  2.37039   1.000 29.06417 ?  55  GLU A N   1 
ATOM   435  C CA  . GLU A 1 79  ? 2.55502   16.02534  1.74017   1.000 32.33396 ?  55  GLU A CA  1 
ATOM   436  C C   . GLU A 1 79  ? 1.46304   15.61689  0.75164   1.000 31.32599 ?  55  GLU A C   1 
ATOM   437  O O   . GLU A 1 79  ? 1.40127   14.45591  0.34132   1.000 30.19444 ?  55  GLU A O   1 
ATOM   438  C CB  . GLU A 1 79  ? 3.68751   16.68439  0.95221   1.000 36.18681 ?  55  GLU A CB  1 
ATOM   439  C CG  . GLU A 1 79  ? 4.91989   17.03513  1.77256   1.000 51.53160 ?  55  GLU A CG  1 
ATOM   440  C CD  . GLU A 1 79  ? 4.60261   17.91824  2.96099   1.000 66.31853 ?  55  GLU A CD  1 
ATOM   441  O OE1 . GLU A 1 79  ? 4.49825   17.39064  4.08943   1.000 67.87323 ?  55  GLU A OE1 1 
ATOM   442  O OE2 . GLU A 1 79  ? 4.46290   19.14480  2.76403   1.000 69.54174 -1 55  GLU A OE2 1 
ATOM   443  N N   . PRO A 1 80  ? 0.58943   16.54137  0.34774   1.000 24.18589 ?  56  PRO A N   1 
ATOM   444  C CA  . PRO A 1 80  ? -0.42818  16.18228  -0.64920  1.000 28.26066 ?  56  PRO A CA  1 
ATOM   445  C C   . PRO A 1 80  ? 0.22657   15.71653  -1.94110  1.000 26.40226 ?  56  PRO A C   1 
ATOM   446  O O   . PRO A 1 80  ? 1.25019   16.25249  -2.37004  1.000 28.74074 ?  56  PRO A O   1 
ATOM   447  C CB  . PRO A 1 80  ? -1.20864  17.48653  -0.85133  1.000 26.15335 ?  56  PRO A CB  1 
ATOM   448  C CG  . PRO A 1 80  ? -0.97358  18.26368  0.40340   1.000 27.16395 ?  56  PRO A CG  1 
ATOM   449  C CD  . PRO A 1 80  ? 0.41979   17.92482  0.83053   1.000 27.05320 ?  56  PRO A CD  1 
ATOM   450  N N   . ILE A 1 81  ? -0.36388  14.69075  -2.55562  1.000 22.90065 ?  57  ILE A N   1 
ATOM   451  C CA  . ILE A 1 81  ? 0.15372   14.11985  -3.79428  1.000 25.54073 ?  57  ILE A CA  1 
ATOM   452  C C   . ILE A 1 81  ? -0.94717  14.12018  -4.84821  1.000 21.16223 ?  57  ILE A C   1 
ATOM   453  O O   . ILE A 1 81  ? -2.13551  14.21271  -4.53826  1.000 21.43936 ?  57  ILE A O   1 
ATOM   454  C CB  . ILE A 1 81  ? 0.73631   12.70287  -3.60212  1.000 24.45800 ?  57  ILE A CB  1 
ATOM   455  C CG1 . ILE A 1 81  ? -0.36082  11.72263  -3.16658  1.000 21.83883 ?  57  ILE A CG1 1 
ATOM   456  C CG2 . ILE A 1 81  ? 1.86309   12.72229  -2.58089  1.000 27.46358 ?  57  ILE A CG2 1 
ATOM   457  C CD1 . ILE A 1 81  ? 0.14430   10.26988  -3.04184  1.000 23.12689 ?  57  ILE A CD1 1 
ATOM   458  N N   . SER A 1 82  ? -0.54475  13.99778  -6.11010  1.000 23.72192 ?  58  SER A N   1 
ATOM   459  C CA  . SER A 1 82  ? -1.53120  14.00694  -7.17452  1.000 21.63739 ?  58  SER A CA  1 
ATOM   460  C C   . SER A 1 82  ? -2.33112  12.70510  -7.18694  1.000 22.30688 ?  58  SER A C   1 
ATOM   461  O O   . SER A 1 82  ? -1.90552  11.67640  -6.65293  1.000 21.13184 ?  58  SER A O   1 
ATOM   462  C CB  . SER A 1 82  ? -0.85905  14.19588  -8.53484  1.000 25.34681 ?  58  SER A CB  1 
ATOM   463  O OG  . SER A 1 82  ? -0.14076  13.02943  -8.90920  1.000 26.89052 ?  58  SER A OG  1 
ATOM   464  N N   . ILE A 1 83  ? -3.51060  12.76824  -7.80668  1.000 22.26183 ?  59  ILE A N   1 
ATOM   465  C CA  . ILE A 1 83  ? -4.32592  11.57010  -7.98990  1.000 21.12464 ?  59  ILE A CA  1 
ATOM   466  C C   . ILE A 1 83  ? -3.54323  10.49827  -8.73413  1.000 26.63150 ?  59  ILE A C   1 
ATOM   467  O O   . ILE A 1 83  ? -3.64921  9.30726   -8.42071  1.000 20.71066 ?  59  ILE A O   1 
ATOM   468  C CB  . ILE A 1 83  ? -5.63768  11.90414  -8.72441  1.000 24.17298 ?  59  ILE A CB  1 
ATOM   469  C CG1 . ILE A 1 83  ? -6.29635  13.16348  -8.15854  1.000 36.39374 ?  59  ILE A CG1 1 
ATOM   470  C CG2 . ILE A 1 83  ? -6.59476  10.71206  -8.65639  1.000 31.42051 ?  59  ILE A CG2 1 
ATOM   471  C CD1 . ILE A 1 83  ? -6.91814  12.97008  -6.81777  1.000 36.40532 ?  59  ILE A CD1 1 
ATOM   472  N N   . GLY A 1 84  ? -2.76568  10.89742  -9.74651  1.000 22.75032 ?  60  GLY A N   1 
ATOM   473  C CA  . GLY A 1 84  ? -2.00642  9.91992   -10.51380 1.000 21.71175 ?  60  GLY A CA  1 
ATOM   474  C C   . GLY A 1 84  ? -0.91996  9.24839   -9.69581  1.000 19.22486 ?  60  GLY A C   1 
ATOM   475  O O   . GLY A 1 84  ? -0.70572  8.03086   -9.80342  1.000 20.05187 ?  60  GLY A O   1 
ATOM   476  N N   . GLN A 1 85  ? -0.23723  10.01947  -8.84346  1.000 19.02391 ?  61  GLN A N   1 
ATOM   477  C CA  . GLN A 1 85  ? 0.73074   9.43030   -7.92496  1.000 19.27089 ?  61  GLN A CA  1 
ATOM   478  C C   . GLN A 1 85  ? 0.04845   8.46776   -6.96423  1.000 18.07681 ?  61  GLN A C   1 
ATOM   479  O O   . GLN A 1 85  ? 0.58026   7.38592   -6.67303  1.000 17.79523 ?  61  GLN A O   1 
ATOM   480  C CB  . GLN A 1 85  ? 1.43042   10.51742  -7.11055  1.000 22.51362 ?  61  GLN A CB  1 
ATOM   481  C CG  . GLN A 1 85  ? 2.33399   11.45343  -7.87341  1.000 32.76231 ?  61  GLN A CG  1 
ATOM   482  C CD  . GLN A 1 85  ? 2.89364   12.52877  -6.95886  1.000 44.13803 ?  61  GLN A CD  1 
ATOM   483  O OE1 . GLN A 1 85  ? 2.27964   13.58147  -6.76389  1.000 34.04240 ?  61  GLN A OE1 1 
ATOM   484  N NE2 . GLN A 1 85  ? 4.05516   12.25875  -6.37475  1.000 53.16842 ?  61  GLN A NE2 1 
ATOM   485  N N   . LEU A 1 86  ? -1.11050  8.86385   -6.42563  1.000 18.12825 ?  62  LEU A N   1 
ATOM   486  C CA  . LEU A 1 86  ? -1.82924  7.98841   -5.50457  1.000 15.65486 ?  62  LEU A CA  1 
ATOM   487  C C   . LEU A 1 86  ? -2.22669  6.68902   -6.18425  1.000 15.66578 ?  62  LEU A C   1 
ATOM   488  O O   . LEU A 1 86  ? -2.09658  5.61185   -5.59489  1.000 14.44317 ?  62  LEU A O   1 
ATOM   489  C CB  . LEU A 1 86  ? -3.05529  8.70186   -4.93665  1.000 16.72625 ?  62  LEU A CB  1 
ATOM   490  C CG  . LEU A 1 86  ? -3.84261  7.89027   -3.90963  1.000 15.03133 ?  62  LEU A CG  1 
ATOM   491  C CD1 . LEU A 1 86  ? -3.03196  7.62723   -2.66708  1.000 16.54349 ?  62  LEU A CD1 1 
ATOM   492  C CD2 . LEU A 1 86  ? -5.13928  8.60760   -3.56462  1.000 17.26214 ?  62  LEU A CD2 1 
ATOM   493  N N   . ALA A 1 87  ? -2.71528  6.77599   -7.42213  1.000 15.40463 ?  63  ALA A N   1 
ATOM   494  C CA  . ALA A 1 87  ? -3.08108  5.57887   -8.16938  1.000 14.90710 ?  63  ALA A CA  1 
ATOM   495  C C   . ALA A 1 87  ? -1.88426  4.65444   -8.35719  1.000 15.35521 ?  63  ALA A C   1 
ATOM   496  O O   . ALA A 1 87  ? -2.00878  3.42697   -8.22351  1.000 15.95004 ?  63  ALA A O   1 
ATOM   497  C CB  . ALA A 1 87  ? -3.66417  5.97978   -9.52419  1.000 17.38646 ?  63  ALA A CB  1 
ATOM   498  N N   . GLN A 1 88  ? -0.71421  5.21546   -8.67174  1.000 15.51611 ?  64  GLN A N   1 
ATOM   499  C CA  . GLN A 1 88  ? 0.46351   4.36888   -8.84166  1.000 16.53009 ?  64  GLN A CA  1 
ATOM   500  C C   . GLN A 1 88  ? 0.86605   3.70044   -7.52697  1.000 16.31627 ?  64  GLN A C   1 
ATOM   501  O O   . GLN A 1 88  ? 1.05925   2.47963   -7.47711  1.000 15.33132 ?  64  GLN A O   1 
ATOM   502  C CB  . GLN A 1 88  ? 1.61658   5.18270   -9.43279  1.000 19.74997 ?  64  GLN A CB  1 
ATOM   503  C CG  . GLN A 1 88  ? 2.87081   4.35369   -9.72488  1.000 20.63595 ?  64  GLN A CG  1 
ATOM   504  C CD  . GLN A 1 88  ? 3.82267   4.30937   -8.55545  1.000 19.61461 ?  64  GLN A CD  1 
ATOM   505  O OE1 . GLN A 1 88  ? 4.18268   5.34553   -8.00916  1.000 22.15779 ?  64  GLN A OE1 1 
ATOM   506  N NE2 . GLN A 1 88  ? 4.24238   3.11293   -8.15783  1.000 17.82643 ?  64  GLN A NE2 1 
ATOM   507  N N   A VAL A 1 89  ? 0.98937   4.47691   -6.44382  0.556 14.63016 ?  65  VAL A N   1 
ATOM   508  N N   B VAL A 1 89  ? 0.98437   4.47574   -6.44640  0.444 14.72135 ?  65  VAL A N   1 
ATOM   509  C CA  A VAL A 1 89  ? 1.48727   3.88933   -5.19927  0.556 15.36638 ?  65  VAL A CA  1 
ATOM   510  C CA  B VAL A 1 89  ? 1.47263   3.90268   -5.19357  0.444 15.44133 ?  65  VAL A CA  1 
ATOM   511  C C   A VAL A 1 89  ? 0.49927   2.88519   -4.60227  0.556 14.79158 ?  65  VAL A C   1 
ATOM   512  C C   B VAL A 1 89  ? 0.49840   2.86212   -4.64348  0.444 14.77385 ?  65  VAL A C   1 
ATOM   513  O O   A VAL A 1 89  ? 0.91351   1.90460   -3.96463  0.556 14.70137 ?  65  VAL A O   1 
ATOM   514  O O   B VAL A 1 89  ? 0.91464   1.83883   -4.08369  0.444 15.11386 ?  65  VAL A O   1 
ATOM   515  C CB  A VAL A 1 89  ? 1.96953   4.95790   -4.19143  0.556 15.10375 ?  65  VAL A CB  1 
ATOM   516  C CB  B VAL A 1 89  ? 1.80070   5.01157   -4.17674  0.444 15.06883 ?  65  VAL A CB  1 
ATOM   517  C CG1 A VAL A 1 89  ? 0.80675   5.73431   -3.57975  0.556 17.42498 ?  65  VAL A CG1 1 
ATOM   518  C CG1 B VAL A 1 89  ? 2.16479   4.41718   -2.81945  0.444 16.89868 ?  65  VAL A CG1 1 
ATOM   519  C CG2 A VAL A 1 89  ? 2.82984   4.32042   -3.10133  0.556 19.65081 ?  65  VAL A CG2 1 
ATOM   520  C CG2 B VAL A 1 89  ? 2.93875   5.87266   -4.70167  0.444 18.81465 ?  65  VAL A CG2 1 
ATOM   521  N N   . THR A 1 90  ? -0.80813  3.10468   -4.78361  1.000 13.74699 ?  66  THR A N   1 
ATOM   522  C CA  . THR A 1 90  ? -1.83143  2.16589   -4.31550  1.000 14.47367 ?  66  THR A CA  1 
ATOM   523  C C   . THR A 1 90  ? -2.12895  1.06239   -5.31301  1.000 14.05590 ?  66  THR A C   1 
ATOM   524  O O   . THR A 1 90  ? -3.02321  0.25522   -5.04785  1.000 14.21630 ?  66  THR A O   1 
ATOM   525  C CB  . THR A 1 90  ? -3.14998  2.88096   -3.97728  1.000 13.60885 ?  66  THR A CB  1 
ATOM   526  O OG1 . THR A 1 90  ? -3.74211  3.40853   -5.16908  1.000 14.15410 ?  66  THR A OG1 1 
ATOM   527  C CG2 . THR A 1 90  ? -2.94138  3.99978   -2.95322  1.000 15.60964 ?  66  THR A CG2 1 
ATOM   528  N N   . VAL A 1 91  ? -1.42497  1.03857   -6.44341  1.000 13.76324 ?  67  VAL A N   1 
ATOM   529  C CA  A VAL A 1 91  ? -1.62228  0.03215   -7.47828  0.828 14.35868 ?  67  VAL A CA  1 
ATOM   530  C CA  B VAL A 1 91  ? -1.62137  0.08267   -7.53805  0.172 14.61456 ?  67  VAL A CA  1 
ATOM   531  C C   . VAL A 1 91  ? -3.10438  -0.11484  -7.81329  1.000 15.91964 ?  67  VAL A C   1 
ATOM   532  O O   . VAL A 1 91  ? -3.61821  -1.23779  -7.91448  1.000 18.01255 ?  67  VAL A O   1 
ATOM   533  C CB  A VAL A 1 91  ? -0.95703  -1.30435  -7.08774  0.828 13.95695 ?  67  VAL A CB  1 
ATOM   534  C CB  B VAL A 1 91  ? -0.82687  -1.23913  -7.40831  0.172 17.29301 ?  67  VAL A CB  1 
ATOM   535  C CG1 A VAL A 1 91  ? -0.73087  -2.12229  -8.30666  0.828 16.76838 ?  67  VAL A CG1 1 
ATOM   536  C CG1 B VAL A 1 91  ? 0.65871   -0.97427  -7.48333  0.172 15.98090 ?  67  VAL A CG1 1 
ATOM   537  C CG2 A VAL A 1 91  ? 0.38600   -1.04835  -6.42557  0.828 16.70829 ?  67  VAL A CG2 1 
ATOM   538  C CG2 B VAL A 1 91  ? -1.14601  -1.98306  -6.14620  0.172 12.94292 ?  67  VAL A CG2 1 
ATOM   539  N N   A THR A 1 92  ? -3.77590  1.00715   -8.03542  0.893 15.59070 ?  68  THR A N   1 
ATOM   540  N N   B THR A 1 92  ? -3.82152  0.99340   -7.90482  0.107 15.92356 ?  68  THR A N   1 
ATOM   541  C CA  A THR A 1 92  ? -5.20523  1.03085   -8.29727  0.893 16.14652 ?  68  THR A CA  1 
ATOM   542  C CA  B THR A 1 92  ? -5.19584  0.97598   -8.36048  0.107 16.14826 ?  68  THR A CA  1 
ATOM   543  C C   A THR A 1 92  ? -5.44173  1.91756   -9.51099  0.893 17.85107 ?  68  THR A C   1 
ATOM   544  C C   B THR A 1 92  ? -5.28485  1.76930   -9.65075  0.107 17.55481 ?  68  THR A C   1 
ATOM   545  O O   A THR A 1 92  ? -4.82751  2.98031   -9.63044  0.893 20.07806 ?  68  THR A O   1 
ATOM   546  O O   B THR A 1 92  ? -4.43074  2.60676   -9.95660  0.107 16.97629 ?  68  THR A O   1 
ATOM   547  C CB  A THR A 1 92  ? -5.93417  1.57901   -7.04835  0.893 17.67875 ?  68  THR A CB  1 
ATOM   548  C CB  B THR A 1 92  ? -6.15259  1.57439   -7.32363  0.107 19.14083 ?  68  THR A CB  1 
ATOM   549  O OG1 A THR A 1 92  ? -5.65813  0.73234   -5.92141  0.893 19.25877 ?  68  THR A OG1 1 
ATOM   550  O OG1 B THR A 1 92  ? -5.40312  2.19317   -6.27282  0.107 20.04993 ?  68  THR A OG1 1 
ATOM   551  C CG2 A THR A 1 92  ? -7.44616  1.61259   -7.26669  0.893 17.68910 ?  68  THR A CG2 1 
ATOM   552  C CG2 B THR A 1 92  ? -7.05432  0.49701   -6.74524  0.107 18.16751 ?  68  THR A CG2 1 
ATOM   553  N N   . LYS A 1 93  ? -6.32606  1.48368   -10.41474 1.000 16.37648 ?  69  LYS A N   1 
ATOM   554  C CA  A LYS A 1 93  ? -6.60866  2.26464   -11.61263 0.517 18.55991 ?  69  LYS A CA  1 
ATOM   555  C CA  B LYS A 1 93  ? -6.58486  2.27184   -11.60909 0.483 18.51479 ?  69  LYS A CA  1 
ATOM   556  C C   . LYS A 1 93  ? -7.14143  3.63603   -11.22475 1.000 18.91192 ?  69  LYS A C   1 
ATOM   557  O O   . LYS A 1 93  ? -7.91878  3.76535   -10.27489 1.000 16.74084 ?  69  LYS A O   1 
ATOM   558  C CB  A LYS A 1 93  ? -7.65945  1.55050   -12.46758 0.517 20.02962 ?  69  LYS A CB  1 
ATOM   559  C CB  B LYS A 1 93  ? -7.56063  1.53852   -12.52932 0.483 20.16865 ?  69  LYS A CB  1 
ATOM   560  C CG  A LYS A 1 93  ? -7.29298  0.13000   -12.87964 0.517 21.30259 ?  69  LYS A CG  1 
ATOM   561  C CG  B LYS A 1 93  ? -6.98999  0.23700   -13.07838 0.483 21.74621 ?  69  LYS A CG  1 
ATOM   562  C CD  A LYS A 1 93  ? -8.45032  -0.51795  -13.63216 0.517 25.79369 ?  69  LYS A CD  1 
ATOM   563  C CD  B LYS A 1 93  ? -7.98161  -0.47516  -13.97700 0.483 30.43503 ?  69  LYS A CD  1 
ATOM   564  C CE  A LYS A 1 93  ? -8.16267  -1.97272  -13.95879 0.517 29.84797 ?  69  LYS A CE  1 
ATOM   565  C CE  B LYS A 1 93  ? -7.41547  -1.79676  -14.46422 0.483 30.87296 ?  69  LYS A CE  1 
ATOM   566  N NZ  A LYS A 1 93  ? -9.32346  -2.61708  -14.63190 0.517 28.34706 ?  69  LYS A NZ  1 
ATOM   567  N NZ  B LYS A 1 93  ? -6.06533  -1.62699  -15.06296 0.483 33.43077 ?  69  LYS A NZ  1 
ATOM   568  N N   A GLN A 1 94  ? -6.72260  4.65957   -11.96514 0.669 18.09298 ?  70  GLN A N   1 
ATOM   569  N N   B GLN A 1 94  ? -6.71332  4.66432   -11.96079 0.331 18.24234 ?  70  GLN A N   1 
ATOM   570  C CA  A GLN A 1 94  ? -7.13330  6.02146   -11.62702 0.669 19.70019 ?  70  GLN A CA  1 
ATOM   571  C CA  B GLN A 1 94  ? -7.13078  6.03938   -11.67858 0.331 19.69311 ?  70  GLN A CA  1 
ATOM   572  C C   A GLN A 1 94  ? -8.64833  6.23061   -11.56460 0.669 20.45461 ?  70  GLN A C   1 
ATOM   573  C C   B GLN A 1 94  ? -8.64114  6.21669   -11.56289 0.331 20.39219 ?  70  GLN A C   1 
ATOM   574  O O   A GLN A 1 94  ? -9.10723  6.89963   -10.62262 0.669 19.23807 ?  70  GLN A O   1 
ATOM   575  O O   B GLN A 1 94  ? -9.08906  6.85258   -10.59558 0.331 19.42089 ?  70  GLN A O   1 
ATOM   576  C CB  A GLN A 1 94  ? -6.41435  7.05058   -12.51208 0.669 22.15083 ?  70  GLN A CB  1 
ATOM   577  C CB  B GLN A 1 94  ? -6.51378  7.01360   -12.69456 0.331 23.11467 ?  70  GLN A CB  1 
ATOM   578  C CG  A GLN A 1 94  ? -6.71389  8.48987   -12.11669 0.669 27.77735 ?  70  GLN A CG  1 
ATOM   579  C CG  B GLN A 1 94  ? -5.06302  7.36089   -12.43986 0.331 25.42229 ?  70  GLN A CG  1 
ATOM   580  C CD  A GLN A 1 94  ? -5.73426  9.48715   -12.70094 0.669 38.40465 ?  70  GLN A CD  1 
ATOM   581  C CD  B GLN A 1 94  ? -4.74035  8.81055   -12.75131 0.331 33.21676 ?  70  GLN A CD  1 
ATOM   582  O OE1 A GLN A 1 94  ? -4.63779  9.12429   -13.12976 0.669 33.83257 ?  70  GLN A OE1 1 
ATOM   583  O OE1 B GLN A 1 94  ? -5.47130  9.72072   -12.35949 0.331 38.34462 ?  70  GLN A OE1 1 
ATOM   584  N NE2 A GLN A 1 94  ? -6.12721  10.75744  -12.71818 0.669 33.18774 ?  70  GLN A NE2 1 
ATOM   585  N NE2 B GLN A 1 94  ? -3.63891  9.03176   -13.45892 0.331 33.65842 ?  70  GLN A NE2 1 
ATOM   586  N N   . PRO A 1 95  ? -9.47093  5.71313   -12.48236 1.000 19.15505 ?  71  PRO A N   1 
ATOM   587  C CA  . PRO A 1 95  ? -10.93009 5.89383   -12.31077 1.000 19.79209 ?  71  PRO A CA  1 
ATOM   588  C C   . PRO A 1 95  ? -11.48537 5.23603   -11.05176 1.000 18.74542 ?  71  PRO A C   1 
ATOM   589  O O   . PRO A 1 95  ? -12.42321 5.75360   -10.41598 1.000 19.28691 ?  71  PRO A O   1 
ATOM   590  C CB  . PRO A 1 95  ? -11.51972 5.28244   -13.59389 1.000 22.65021 ?  71  PRO A CB  1 
ATOM   591  C CG  . PRO A 1 95  ? -10.40512 5.31727   -14.58895 1.000 22.66350 ?  71  PRO A CG  1 
ATOM   592  C CD  . PRO A 1 95  ? -9.14494  5.10199   -13.78767 1.000 21.02980 ?  71  PRO A CD  1 
ATOM   593  N N   . THR A 1 96  ? -10.88468 4.11782   -10.64526 1.000 18.57462 ?  72  THR A N   1 
ATOM   594  C CA  . THR A 1 96  ? -11.25625 3.47786   -9.39346  1.000 17.63717 ?  72  THR A CA  1 
ATOM   595  C C   . THR A 1 96  ? -10.86714 4.35063   -8.20906  1.000 16.03969 ?  72  THR A C   1 
ATOM   596  O O   . THR A 1 96  ? -11.65772 4.52134   -7.26792  1.000 15.49342 ?  72  THR A O   1 
ATOM   597  C CB  . THR A 1 96  ? -10.59124 2.10193   -9.31976  1.000 17.01329 ?  72  THR A CB  1 
ATOM   598  O OG1 . THR A 1 96  ? -11.05275 1.32141   -10.43159 1.000 19.90186 ?  72  THR A OG1 1 
ATOM   599  C CG2 . THR A 1 96  ? -10.95874 1.37078   -8.06316  1.000 18.99960 ?  72  THR A CG2 1 
ATOM   600  N N   . VAL A 1 97  ? -9.66601  4.93871   -8.26044  1.000 16.37332 ?  73  VAL A N   1 
ATOM   601  C CA  . VAL A 1 97  ? -9.22467  5.84437   -7.20237  1.000 17.23537 ?  73  VAL A CA  1 
ATOM   602  C C   . VAL A 1 97  ? -10.16748 7.03541   -7.08503  1.000 16.01351 ?  73  VAL A C   1 
ATOM   603  O O   . VAL A 1 97  ? -10.50847 7.46536   -5.97722  1.000 16.49628 ?  73  VAL A O   1 
ATOM   604  C CB  . VAL A 1 97  ? -7.76277  6.28857   -7.41703  1.000 17.11190 ?  73  VAL A CB  1 
ATOM   605  C CG1 . VAL A 1 97  ? -7.38356  7.36684   -6.41392  1.000 21.89330 ?  73  VAL A CG1 1 
ATOM   606  C CG2 . VAL A 1 97  ? -6.80981  5.09977   -7.30086  1.000 21.69019 ?  73  VAL A CG2 1 
ATOM   607  N N   A THR A 1 98  ? -10.59124 7.60276   -8.21279  0.795 17.34142 ?  74  THR A N   1 
ATOM   608  N N   B THR A 1 98  ? -10.59851 7.59731   -8.21580  0.205 17.44861 ?  74  THR A N   1 
ATOM   609  C CA  A THR A 1 98  ? -11.47796 8.76740   -8.13791  0.795 19.43326 ?  74  THR A CA  1 
ATOM   610  C CA  B THR A 1 98  ? -11.47783 8.76360   -8.14368  0.205 19.37460 ?  74  THR A CA  1 
ATOM   611  C C   A THR A 1 98  ? -12.79621 8.42416   -7.44904  0.795 17.19560 ?  74  THR A C   1 
ATOM   612  C C   B THR A 1 98  ? -12.79522 8.42511   -7.45215  0.205 17.43229 ?  74  THR A C   1 
ATOM   613  O O   A THR A 1 98  ? -13.27215 9.17959   -6.58676  0.795 17.57028 ?  74  THR A O   1 
ATOM   614  O O   B THR A 1 98  ? -13.26635 9.18224   -6.59023  0.205 17.69534 ?  74  THR A O   1 
ATOM   615  C CB  A THR A 1 98  ? -11.70520 9.34007   -9.53447  0.795 23.08905 ?  74  THR A CB  1 
ATOM   616  C CB  B THR A 1 98  ? -11.70445 9.36424   -9.53256  0.205 22.79033 ?  74  THR A CB  1 
ATOM   617  O OG1 A THR A 1 98  ? -10.46241 9.84038   -10.04362 0.795 26.31339 ?  74  THR A OG1 1 
ATOM   618  O OG1 B THR A 1 98  ? -12.36723 8.41345   -10.37470 0.205 19.37013 ?  74  THR A OG1 1 
ATOM   619  C CG2 A THR A 1 98  ? -12.72609 10.47716  -9.50532  0.795 24.67677 ?  74  THR A CG2 1 
ATOM   620  C CG2 B THR A 1 98  ? -10.37524 9.75581   -10.16359 0.205 25.75426 ?  74  THR A CG2 1 
ATOM   621  N N   . ARG A 1 99  ? -13.39265 7.27778   -7.79045  1.000 16.39951 ?  75  ARG A N   1 
ATOM   622  C CA  A ARG A 1 99  ? -14.61578 6.85176   -7.10322  0.599 16.54252 ?  75  ARG A CA  1 
ATOM   623  C CA  B ARG A 1 99  ? -14.61835 6.87663   -7.09715  0.401 16.67330 ?  75  ARG A CA  1 
ATOM   624  C C   . ARG A 1 99  ? -14.37084 6.63215   -5.60688  1.000 16.07398 ?  75  ARG A C   1 
ATOM   625  O O   . ARG A 1 99  ? -15.18567 7.03805   -4.74481  1.000 15.63256 ?  75  ARG A O   1 
ATOM   626  C CB  A ARG A 1 99  ? -15.14001 5.57775   -7.77414  0.599 17.84096 ?  75  ARG A CB  1 
ATOM   627  C CB  B ARG A 1 99  ? -15.22033 5.65459   -7.79024  0.401 18.09039 ?  75  ARG A CB  1 
ATOM   628  C CG  A ARG A 1 99  ? -15.75224 5.83321   -9.15168  0.599 19.66698 ?  75  ARG A CG  1 
ATOM   629  C CG  B ARG A 1 99  ? -16.01506 6.04184   -9.02678  0.401 20.00547 ?  75  ARG A CG  1 
ATOM   630  C CD  A ARG A 1 99  ? -16.39576 4.58860   -9.74311  0.599 27.64903 ?  75  ARG A CD  1 
ATOM   631  C CD  B ARG A 1 99  ? -16.26698 4.87465   -9.96134  0.401 27.62257 ?  75  ARG A CD  1 
ATOM   632  N NE  A ARG A 1 99  ? -15.40249 3.67477   -10.29238 0.599 23.82169 ?  75  ARG A NE  1 
ATOM   633  N NE  B ARG A 1 99  ? -17.05945 5.30209   -11.10928 0.401 27.24538 ?  75  ARG A NE  1 
ATOM   634  C CZ  A ARG A 1 99  ? -14.88977 3.76706   -11.51617 0.599 29.60242 ?  75  ARG A CZ  1 
ATOM   635  C CZ  B ARG A 1 99  ? -17.44640 4.50258   -12.09534 0.401 34.13055 ?  75  ARG A CZ  1 
ATOM   636  N NH1 A ARG A 1 99  ? -15.27614 4.73881   -12.33584 0.599 28.91279 ?  75  ARG A NH1 1 
ATOM   637  N NH1 B ARG A 1 99  ? -17.11705 3.21879   -12.07738 0.401 36.26393 ?  75  ARG A NH1 1 
ATOM   638  N NH2 A ARG A 1 99  ? -13.98855 2.88201   -11.92073 0.599 28.21844 ?  75  ARG A NH2 1 
ATOM   639  N NH2 B ARG A 1 99  ? -18.17133 4.98603   -13.09492 0.401 33.46346 ?  75  ARG A NH2 1 
ATOM   640  N N   . LEU A 1 100 ? -13.24845 5.99691   -5.27838  1.000 15.72460 ?  76  LEU A N   1 
ATOM   641  C CA  . LEU A 1 100 ? -12.87887 5.76862   -3.89103  1.000 15.76819 ?  76  LEU A CA  1 
ATOM   642  C C   . LEU A 1 100 ? -12.73366 7.08021   -3.14001  1.000 15.10010 ?  76  LEU A C   1 
ATOM   643  O O   . LEU A 1 100 ? -13.23417 7.22046   -2.02000  1.000 15.24546 ?  76  LEU A O   1 
ATOM   644  C CB  . LEU A 1 100 ? -11.56037 5.00710   -3.87445  1.000 17.90519 ?  76  LEU A CB  1 
ATOM   645  C CG  . LEU A 1 100 ? -10.96279 4.66717   -2.53170  1.000 18.64452 ?  76  LEU A CG  1 
ATOM   646  C CD1 . LEU A 1 100 ? -11.92541 3.84538   -1.70256  1.000 20.56636 ?  76  LEU A CD1 1 
ATOM   647  C CD2 . LEU A 1 100 ? -9.68799  3.90686   -2.78425  1.000 24.39709 ?  76  LEU A CD2 1 
ATOM   648  N N   . LEU A 1 101 ? -12.06877 8.05757   -3.74662  1.000 16.01556 ?  77  LEU A N   1 
ATOM   649  C CA  . LEU A 1 101 ? -11.89881 9.33957   -3.07956  1.000 16.67256 ?  77  LEU A CA  1 
ATOM   650  C C   . LEU A 1 101 ? -13.22694 10.05516  -2.91720  1.000 16.60102 ?  77  LEU A C   1 
ATOM   651  O O   . LEU A 1 101 ? -13.41596 10.76321  -1.92835  1.000 17.52969 ?  77  LEU A O   1 
ATOM   652  C CB  . LEU A 1 101 ? -10.91953 10.21440  -3.85035  1.000 19.02031 ?  77  LEU A CB  1 
ATOM   653  C CG  . LEU A 1 101 ? -9.48211  9.69920   -3.85763  1.000 16.23725 ?  77  LEU A CG  1 
ATOM   654  C CD1 . LEU A 1 101 ? -8.59542  10.61080  -4.70794  1.000 18.73800 ?  77  LEU A CD1 1 
ATOM   655  C CD2 . LEU A 1 101 ? -8.88929  9.50284   -2.45043  1.000 20.19148 ?  77  LEU A CD2 1 
ATOM   656  N N   . ASP A 1 102 ? -14.16440 9.87779   -3.85045  1.000 16.12795 ?  78  ASP A N   1 
ATOM   657  C CA  . ASP A 1 102 ? -15.48208 10.49039  -3.66323  1.000 17.46874 ?  78  ASP A CA  1 
ATOM   658  C C   . ASP A 1 102 ? -16.08033 10.06073  -2.32921  1.000 16.34959 ?  78  ASP A C   1 
ATOM   659  O O   . ASP A 1 102 ? -16.52840 10.89529  -1.51499  1.000 17.80919 ?  78  ASP A O   1 
ATOM   660  C CB  . ASP A 1 102 ? -16.42245 10.10311  -4.81137  1.000 17.87882 ?  78  ASP A CB  1 
ATOM   661  C CG  . ASP A 1 102 ? -16.07832 10.79163  -6.12541  1.000 21.27065 ?  78  ASP A CG  1 
ATOM   662  O OD1 . ASP A 1 102 ? -15.35974 11.80528  -6.10309  1.000 23.05700 ?  78  ASP A OD1 1 
ATOM   663  O OD2 . ASP A 1 102 ? -16.51902 10.29677  -7.19607  1.000 23.81920 -1 78  ASP A OD2 1 
ATOM   664  N N   . ARG A 1 103 ? -16.06663 8.75644   -2.06665  1.000 16.06925 ?  79  ARG A N   1 
ATOM   665  C CA  . ARG A 1 103 ? -16.66962 8.28682   -0.81885  1.000 16.83957 ?  79  ARG A CA  1 
ATOM   666  C C   . ARG A 1 103 ? -15.79620 8.53820   0.41735   1.000 16.73378 ?  79  ARG A C   1 
ATOM   667  O O   . ARG A 1 103 ? -16.32468 8.82325   1.50013   1.000 17.97197 ?  79  ARG A O   1 
ATOM   668  C CB  . ARG A 1 103 ? -17.11748 6.82733   -0.91018  1.000 18.09436 ?  79  ARG A CB  1 
ATOM   669  C CG  . ARG A 1 103 ? -16.12186 5.86411   -1.48791  1.000 19.18040 ?  79  ARG A CG  1 
ATOM   670  C CD  . ARG A 1 103 ? -16.83405 4.54186   -1.61893  1.000 17.18228 ?  79  ARG A CD  1 
ATOM   671  N NE  . ARG A 1 103 ? -16.08494 3.49447   -2.29719  1.000 21.16551 ?  79  ARG A NE  1 
ATOM   672  C CZ  . ARG A 1 103 ? -15.28163 2.63483   -1.68617  1.000 22.74391 ?  79  ARG A CZ  1 
ATOM   673  N NH1 . ARG A 1 103 ? -14.69265 1.68741   -2.39790  1.000 24.24115 ?  79  ARG A NH1 1 
ATOM   674  N NH2 . ARG A 1 103 ? -15.08444 2.71846   -0.37565  1.000 22.82585 ?  79  ARG A NH2 1 
ATOM   675  N N   . MET A 1 104 ? -14.47331 8.43562   0.29076   1.000 17.13959 ?  80  MET A N   1 
ATOM   676  C CA  . MET A 1 104 ? -13.60921 8.71044   1.43755   1.000 16.01846 ?  80  MET A CA  1 
ATOM   677  C C   . MET A 1 104 ? -13.64653 10.18547  1.81496   1.000 17.55028 ?  80  MET A C   1 
ATOM   678  O O   . MET A 1 104 ? -13.56748 10.52236  3.00455   1.000 16.78042 ?  80  MET A O   1 
ATOM   679  C CB  . MET A 1 104 ? -12.17967 8.24707   1.14909   1.000 17.22752 ?  80  MET A CB  1 
ATOM   680  C CG  . MET A 1 104 ? -12.04007 6.72620   0.94032   1.000 18.00054 ?  80  MET A CG  1 
ATOM   681  S SD  . MET A 1 104 ? -10.33447 6.14277   0.68330   1.000 18.87253 ?  80  MET A SD  1 
ATOM   682  C CE  . MET A 1 104 ? -9.62801  6.47058   2.28711   1.000 18.30720 ?  80  MET A CE  1 
ATOM   683  N N   . GLU A 1 105 ? -13.76072 11.07723  0.82555   1.000 16.78521 ?  81  GLU A N   1 
ATOM   684  C CA  . GLU A 1 105 ? -13.91530 12.49551  1.12032   1.000 17.07470 ?  81  GLU A CA  1 
ATOM   685  C C   . GLU A 1 105 ? -15.26262 12.75883  1.77176   1.000 18.17437 ?  81  GLU A C   1 
ATOM   686  O O   . GLU A 1 105 ? -15.35170 13.53519  2.73041   1.000 19.98068 ?  81  GLU A O   1 
ATOM   687  C CB  . GLU A 1 105 ? -13.74051 13.31709  -0.15887  1.000 19.49065 ?  81  GLU A CB  1 
ATOM   688  C CG  . GLU A 1 105 ? -13.64104 14.82657  0.06280   1.000 24.22182 ?  81  GLU A CG  1 
ATOM   689  C CD  . GLU A 1 105 ? -12.93579 15.53851  -1.08516  1.000 27.28471 ?  81  GLU A CD  1 
ATOM   690  O OE1 . GLU A 1 105 ? -13.03859 15.06812  -2.24280  1.000 30.32276 ?  81  GLU A OE1 1 
ATOM   691  O OE2 . GLU A 1 105 ? -12.28654 16.57469  -0.82917  1.000 29.05187 -1 81  GLU A OE2 1 
ATOM   692  N N   . ALA A 1 106 ? -16.32213 12.09391  1.29825   1.000 17.39197 ?  82  ALA A N   1 
ATOM   693  C CA  . ALA A 1 106 ? -17.62092 12.22935  1.95696   1.000 19.33408 ?  82  ALA A CA  1 
ATOM   694  C C   . ALA A 1 106 ? -17.55516 11.83183  3.42663   1.000 19.20171 ?  82  ALA A C   1 
ATOM   695  O O   . ALA A 1 106 ? -18.24340 12.43089  4.26266   1.000 22.42672 ?  82  ALA A O   1 
ATOM   696  C CB  . ALA A 1 106 ? -18.66921 11.38510  1.22895   1.000 19.48275 ?  82  ALA A CB  1 
ATOM   697  N N   . ARG A 1 107 ? -16.73060 10.84679  3.76833   1.000 18.13122 ?  83  ARG A N   1 
ATOM   698  C CA  . ARG A 1 107 ? -16.54792 10.40327  5.14214   1.000 19.27708 ?  83  ARG A CA  1 
ATOM   699  C C   . ARG A 1 107 ? -15.50304 11.22252  5.88277   1.000 20.24417 ?  83  ARG A C   1 
ATOM   700  O O   . ARG A 1 107 ? -15.19808 10.90732  7.04005   1.000 23.96123 ?  83  ARG A O   1 
ATOM   701  C CB  . ARG A 1 107 ? -16.16082 8.92254   5.19038   1.000 20.76019 ?  83  ARG A CB  1 
ATOM   702  C CG  . ARG A 1 107 ? -17.22663 7.98469   4.62888   1.000 22.11060 ?  83  ARG A CG  1 
ATOM   703  C CD  . ARG A 1 107 ? -16.98696 6.55334   5.03936   1.000 27.41952 ?  83  ARG A CD  1 
ATOM   704  N NE  . ARG A 1 107 ? -16.95453 6.44078   6.49553   1.000 29.84918 ?  83  ARG A NE  1 
ATOM   705  C CZ  . ARG A 1 107 ? -16.23823 5.54637   7.16600   1.000 45.42081 ?  83  ARG A CZ  1 
ATOM   706  N NH1 . ARG A 1 107 ? -15.48619 4.67478   6.51620   1.000 37.00615 ?  83  ARG A NH1 1 
ATOM   707  N NH2 . ARG A 1 107 ? -16.27217 5.52613   8.49000   1.000 49.14703 ?  83  ARG A NH2 1 
ATOM   708  N N   . GLY A 1 108 ? -14.94972 12.25095  5.24459   1.000 17.54619 ?  84  GLY A N   1 
ATOM   709  C CA  . GLY A 1 108 ? -14.01727 13.12504  5.93866   1.000 18.78296 ?  84  GLY A CA  1 
ATOM   710  C C   . GLY A 1 108 ? -12.65750 12.52966  6.22328   1.000 20.94035 ?  84  GLY A C   1 
ATOM   711  O O   . GLY A 1 108 ? -11.93670 13.04701  7.07908   1.000 18.55130 ?  84  GLY A O   1 
ATOM   712  N N   . GLN A 1 109 ? -12.26575 11.47111  5.51504   1.000 17.31512 ?  85  GLN A N   1 
ATOM   713  C CA  . GLN A 1 109 ? -11.00185 10.80116  5.77670   1.000 15.60361 ?  85  GLN A CA  1 
ATOM   714  C C   . GLN A 1 109 ? -9.86418  11.32130  4.92606   1.000 13.62202 ?  85  GLN A C   1 
ATOM   715  O O   . GLN A 1 109 ? -8.70212  11.13039  5.29279   1.000 15.88629 ?  85  GLN A O   1 
ATOM   716  C CB  . GLN A 1 109 ? -11.13472 9.30045   5.50190   1.000 20.20500 ?  85  GLN A CB  1 
ATOM   717  C CG  . GLN A 1 109 ? -12.20550 8.62590   6.30862   1.000 23.15927 ?  85  GLN A CG  1 
ATOM   718  C CD  . GLN A 1 109 ? -12.43659 7.19770   5.84922   1.000 27.41156 ?  85  GLN A CD  1 
ATOM   719  O OE1 . GLN A 1 109 ? -12.43539 6.91410   4.65134   1.000 29.90538 ?  85  GLN A OE1 1 
ATOM   720  N NE2 . GLN A 1 109 ? -12.62104 6.29348   6.79883   1.000 31.84638 ?  85  GLN A NE2 1 
ATOM   721  N N   . VAL A 1 110 ? -10.18149 11.94736  3.79507   1.000 15.25359 ?  86  VAL A N   1 
ATOM   722  C CA  . VAL A 1 110 ? -9.22253  12.53268  2.87028   1.000 15.63549 ?  86  VAL A CA  1 
ATOM   723  C C   . VAL A 1 110 ? -9.82556  13.83304  2.35661   1.000 18.03119 ?  86  VAL A C   1 
ATOM   724  O O   . VAL A 1 110 ? -11.01997 14.09500  2.51374   1.000 18.94099 ?  86  VAL A O   1 
ATOM   725  C CB  . VAL A 1 110 ? -8.89595  11.60688  1.67138   1.000 17.22267 ?  86  VAL A CB  1 
ATOM   726  C CG1 . VAL A 1 110 ? -8.37050  10.27281  2.14435   1.000 17.49503 ?  86  VAL A CG1 1 
ATOM   727  C CG2 . VAL A 1 110 ? -10.13612 11.42121  0.78307   1.000 18.72705 ?  86  VAL A CG2 1 
ATOM   728  N N   . GLU A 1 111 ? -8.98560  14.63329  1.71038   1.000 18.81293 ?  87  GLU A N   1 
ATOM   729  C CA  . GLU A 1 111 ? -9.43594  15.86904  1.08534   1.000 19.18655 ?  87  GLU A CA  1 
ATOM   730  C C   . GLU A 1 111 ? -8.69328  16.06003  -0.22274  1.000 19.20074 ?  87  GLU A C   1 
ATOM   731  O O   . GLU A 1 111 ? -7.46988  15.91309  -0.26559  1.000 20.45937 ?  87  GLU A O   1 
ATOM   732  C CB  . GLU A 1 111 ? -9.18423  17.07710  2.00503   1.000 21.90466 ?  87  GLU A CB  1 
ATOM   733  C CG  . GLU A 1 111 ? -9.69408  18.39108  1.40830   1.000 26.35341 ?  87  GLU A CG  1 
ATOM   734  C CD  . GLU A 1 111 ? -9.24412  19.62893  2.17047   1.000 29.23751 ?  87  GLU A CD  1 
ATOM   735  O OE1 . GLU A 1 111 ? -8.23298  19.56667  2.89699   1.000 26.13853 ?  87  GLU A OE1 1 
ATOM   736  O OE2 . GLU A 1 111 ? -9.92047  20.67258  2.02985   1.000 40.47993 -1 87  GLU A OE2 1 
ATOM   737  N N   . ARG A 1 112 ? -9.43780  16.39345  -1.27468  1.000 20.31689 ?  88  ARG A N   1 
ATOM   738  C CA  . ARG A 1 112 ? -8.85757  16.80879  -2.53850  1.000 22.29909 ?  88  ARG A CA  1 
ATOM   739  C C   . ARG A 1 112 ? -8.69516  18.32584  -2.54310  1.000 24.37778 ?  88  ARG A C   1 
ATOM   740  O O   . ARG A 1 112 ? -9.54094  19.05523  -2.01478  1.000 28.27974 ?  88  ARG A O   1 
ATOM   741  C CB  . ARG A 1 112 ? -9.75031  16.35454  -3.69485  1.000 22.97181 ?  88  ARG A CB  1 
ATOM   742  C CG  . ARG A 1 112 ? -9.50378  14.88452  -4.05340  1.000 25.24696 ?  88  ARG A CG  1 
ATOM   743  C CD  . ARG A 1 112 ? -10.47504 14.31931  -5.06388  1.000 28.20608 ?  88  ARG A CD  1 
ATOM   744  N NE  . ARG A 1 112 ? -11.80672 14.15137  -4.50066  1.000 26.87479 ?  88  ARG A NE  1 
ATOM   745  C CZ  . ARG A 1 112 ? -12.73553 13.36111  -5.02441  1.000 22.42567 ?  88  ARG A CZ  1 
ATOM   746  N NH1 . ARG A 1 112 ? -12.46969 12.67288  -6.12581  1.000 28.06303 ?  88  ARG A NH1 1 
ATOM   747  N NH2 . ARG A 1 112 ? -13.92211 13.27390  -4.45087  1.000 28.32970 ?  88  ARG A NH2 1 
ATOM   748  N N   . LEU A 1 113 ? -7.58309  18.78563  -3.10989  1.000 26.24496 ?  89  LEU A N   1 
ATOM   749  C CA  . LEU A 1 113 ? -7.18208  20.18307  -3.16808  1.000 28.97983 ?  89  LEU A CA  1 
ATOM   750  C C   . LEU A 1 113 ? -6.73101  20.51196  -4.58197  1.000 34.60128 ?  89  LEU A C   1 
ATOM   751  O O   . LEU A 1 113 ? -6.18893  19.64954  -5.27549  1.000 36.27822 ?  89  LEU A O   1 
ATOM   752  C CB  . LEU A 1 113 ? -5.98979  20.43114  -2.23473  1.000 39.24617 ?  89  LEU A CB  1 
ATOM   753  C CG  . LEU A 1 113 ? -6.01899  19.87495  -0.81291  1.000 40.06260 ?  89  LEU A CG  1 
ATOM   754  C CD1 . LEU A 1 113 ? -4.60323  19.57982  -0.33508  1.000 41.66039 ?  89  LEU A CD1 1 
ATOM   755  C CD2 . LEU A 1 113 ? -6.70241  20.86121  0.10936   1.000 41.23110 ?  89  LEU A CD2 1 
ATOM   756  N N   . PRO A 1 114 ? -6.90875  21.76453  -5.03035  1.000 45.65438 ?  90  PRO A N   1 
ATOM   757  C CA  . PRO A 1 114 ? -6.46690  22.12417  -6.38610  1.000 45.82185 ?  90  PRO A CA  1 
ATOM   758  C C   . PRO A 1 114 ? -4.94777  22.10108  -6.54806  1.000 43.26594 ?  90  PRO A C   1 
ATOM   759  O O   . PRO A 1 114 ? -4.23690  22.43454  -5.60025  1.000 42.20005 ?  90  PRO A O   1 
ATOM   760  C CB  . PRO A 1 114 ? -6.99020  23.55333  -6.55679  1.000 50.37676 ?  90  PRO A CB  1 
ATOM   761  C CG  . PRO A 1 114 ? -7.10560  24.07817  -5.16466  1.000 41.14133 ?  90  PRO A CG  1 
ATOM   762  C CD  . PRO A 1 114 ? -7.52724  22.90320  -4.32997  1.000 50.32921 ?  90  PRO A CD  1 
ATOM   763  N N   . ILE A 1 121 ? -4.30786  19.43410  -12.42023 1.000 59.34381 ?  97  ILE A N   1 
ATOM   764  C CA  . ILE A 1 121 ? -3.80678  18.50942  -11.40958 1.000 49.90993 ?  97  ILE A CA  1 
ATOM   765  C C   . ILE A 1 121 ? -4.50675  18.68589  -10.06555 1.000 51.08643 ?  97  ILE A C   1 
ATOM   766  O O   . ILE A 1 121 ? -4.48863  19.76799  -9.47367  1.000 46.83545 ?  97  ILE A O   1 
ATOM   767  C CB  . ILE A 1 121 ? -2.27759  18.60566  -11.25563 1.000 51.40358 ?  97  ILE A CB  1 
ATOM   768  C CG1 . ILE A 1 121 ? -1.59010  18.35554  -12.60018 1.000 53.29625 ?  97  ILE A CG1 1 
ATOM   769  C CG2 . ILE A 1 121 ? -1.78617  17.62677  -10.19135 1.000 48.88705 ?  97  ILE A CG2 1 
ATOM   770  C CD1 . ILE A 1 121 ? -0.09868  18.11695  -12.49164 1.000 58.33403 ?  97  ILE A CD1 1 
ATOM   771  N N   . THR A 1 122 ? -5.12119  17.60925  -9.58819  1.000 41.22141 ?  98  THR A N   1 
ATOM   772  C CA  . THR A 1 122 ? -5.73833  17.58066  -8.27075  1.000 35.54206 ?  98  THR A CA  1 
ATOM   773  C C   . THR A 1 122 ? -4.81211  16.85043  -7.30817  1.000 32.37417 ?  98  THR A C   1 
ATOM   774  O O   . THR A 1 122 ? -4.31332  15.76279  -7.62167  1.000 30.46135 ?  98  THR A O   1 
ATOM   775  C CB  . THR A 1 122 ? -7.09712  16.88093  -8.32446  1.000 39.77210 ?  98  THR A CB  1 
ATOM   776  O OG1 . THR A 1 122 ? -7.97021  17.59559  -9.20861  1.000 40.87666 ?  98  THR A OG1 1 
ATOM   777  C CG2 . THR A 1 122 ? -7.72656  16.83428  -6.94273  1.000 34.34650 ?  98  THR A CG2 1 
ATOM   778  N N   . LEU A 1 123 ? -4.57303  17.45839  -6.15056  1.000 26.49547 ?  99  LEU A N   1 
ATOM   779  C CA  . LEU A 1 123 ? -3.82097  16.85535  -5.06241  1.000 24.93194 ?  99  LEU A CA  1 
ATOM   780  C C   . LEU A 1 123 ? -4.78624  16.25447  -4.04507  1.000 22.43939 ?  99  LEU A C   1 
ATOM   781  O O   . LEU A 1 123 ? -5.96249  16.60880  -3.99012  1.000 24.97924 ?  99  LEU A O   1 
ATOM   782  C CB  . LEU A 1 123 ? -2.94258  17.90542  -4.37672  1.000 29.36501 ?  99  LEU A CB  1 
ATOM   783  C CG  . LEU A 1 123 ? -1.91979  18.61856  -5.25827  1.000 29.46743 ?  99  LEU A CG  1 
ATOM   784  C CD1 . LEU A 1 123 ? -1.15290  19.65010  -4.44049  1.000 32.56536 ?  99  LEU A CD1 1 
ATOM   785  C CD2 . LEU A 1 123 ? -0.97005  17.62041  -5.89778  1.000 32.24428 ?  99  LEU A CD2 1 
ATOM   786  N N   . VAL A 1 124 ? -4.26772  15.33659  -3.22731  1.000 21.25594 ?  100 VAL A N   1 
ATOM   787  C CA  A VAL A 1 124 ? -5.06325  14.67560  -2.20224  0.815 19.68795 ?  100 VAL A CA  1 
ATOM   788  C CA  B VAL A 1 124 ? -5.04936  14.63407  -2.21002  0.185 19.86671 ?  100 VAL A CA  1 
ATOM   789  C C   . VAL A 1 124 ? -4.20619  14.51076  -0.95510  1.000 17.35682 ?  100 VAL A C   1 
ATOM   790  O O   . VAL A 1 124 ? -2.99642  14.27497  -1.03575  1.000 18.39177 ?  100 VAL A O   1 
ATOM   791  C CB  A VAL A 1 124 ? -5.63984  13.33283  -2.71327  0.815 20.97451 ?  100 VAL A CB  1 
ATOM   792  C CB  B VAL A 1 124 ? -5.45724  13.21116  -2.64754  0.185 20.38645 ?  100 VAL A CB  1 
ATOM   793  C CG1 A VAL A 1 124 ? -4.53610  12.36674  -3.08961  0.815 22.19695 ?  100 VAL A CG1 1 
ATOM   794  C CG1 B VAL A 1 124 ? -6.96052  13.03314  -2.56264  0.185 22.61342 ?  100 VAL A CG1 1 
ATOM   795  C CG2 A VAL A 1 124 ? -6.58511  12.69370  -1.69964  0.815 18.26102 ?  100 VAL A CG2 1 
ATOM   796  C CG2 B VAL A 1 124 ? -4.93042  12.88400  -4.02605  0.185 20.51931 ?  100 VAL A CG2 1 
ATOM   797  N N   A ARG A 1 125 ? -4.84165  14.65949  0.20794   0.505 18.54025 ?  101 ARG A N   1 
ATOM   798  N N   B ARG A 1 125 ? -4.84763  14.64795  0.20330   0.495 18.55823 ?  101 ARG A N   1 
ATOM   799  C CA  A ARG A 1 125 ? -4.18310  14.49383  1.49537   0.505 17.47105 ?  101 ARG A CA  1 
ATOM   800  C CA  B ARG A 1 125 ? -4.17798  14.47303  1.48268   0.495 17.47226 ?  101 ARG A CA  1 
ATOM   801  C C   A ARG A 1 125 ? -5.08492  13.68311  2.41481   0.505 15.94163 ?  101 ARG A C   1 
ATOM   802  C C   B ARG A 1 125 ? -5.08494  13.69244  2.42243   0.495 15.94915 ?  101 ARG A C   1 
ATOM   803  O O   A ARG A 1 125 ? -6.30167  13.61716  2.22511   0.505 17.04686 ?  101 ARG A O   1 
ATOM   804  O O   B ARG A 1 125 ? -6.30415  13.64945  2.24849   0.495 17.02544 ?  101 ARG A O   1 
ATOM   805  C CB  A ARG A 1 125 ? -3.90955  15.85175  2.16438   0.505 18.40164 ?  101 ARG A CB  1 
ATOM   806  C CB  B ARG A 1 125 ? -3.82285  15.82544  2.11736   0.495 18.39968 ?  101 ARG A CB  1 
ATOM   807  C CG  A ARG A 1 125 ? -5.18021  16.52231  2.67509   0.505 16.51920 ?  101 ARG A CG  1 
ATOM   808  C CG  B ARG A 1 125 ? -5.00704  16.77769  2.21436   0.495 17.14934 ?  101 ARG A CG  1 
ATOM   809  C CD  A ARG A 1 125 ? -4.95307  17.86541  3.35434   0.505 20.37261 ?  101 ARG A CD  1 
ATOM   810  C CD  B ARG A 1 125 ? -4.65016  18.04590  2.97644   0.495 19.36157 ?  101 ARG A CD  1 
ATOM   811  N NE  A ARG A 1 125 ? -6.24489  18.39867  3.77227   0.505 20.15215 ?  101 ARG A NE  1 
ATOM   812  N NE  B ARG A 1 125 ? -4.37113  17.78382  4.38618   0.495 20.35767 ?  101 ARG A NE  1 
ATOM   813  C CZ  A ARG A 1 125 ? -6.71816  18.33793  5.01251   0.505 20.48251 ?  101 ARG A CZ  1 
ATOM   814  C CZ  B ARG A 1 125 ? -5.26590  17.88743  5.36841   0.495 17.84537 ?  101 ARG A CZ  1 
ATOM   815  N NH1 A ARG A 1 125 ? -5.99682  17.80677  5.98558   0.505 17.09436 ?  101 ARG A NH1 1 
ATOM   816  N NH1 B ARG A 1 125 ? -6.51558  18.24058  5.11143   0.495 19.14019 ?  101 ARG A NH1 1 
ATOM   817  N NH2 A ARG A 1 125 ? -7.91876  18.82726  5.27563   0.505 20.64658 ?  101 ARG A NH2 1 
ATOM   818  N NH2 B ARG A 1 125 ? -4.90909  17.63762  6.61498   0.495 17.85529 ?  101 ARG A NH2 1 
ATOM   819  N N   . ILE A 1 126 ? -4.47825  13.08070  3.43206   1.000 16.83805 ?  102 ILE A N   1 
ATOM   820  C CA  . ILE A 1 126 ? -5.24520  12.49209  4.52504   1.000 15.70355 ?  102 ILE A CA  1 
ATOM   821  C C   . ILE A 1 126 ? -5.63382  13.60346  5.50084   1.000 16.51233 ?  102 ILE A C   1 
ATOM   822  O O   . ILE A 1 126 ? -4.89697  14.58318  5.67526   1.000 19.45674 ?  102 ILE A O   1 
ATOM   823  C CB  . ILE A 1 126 ? -4.43930  11.37127  5.21739   1.000 17.55276 ?  102 ILE A CB  1 
ATOM   824  C CG1 . ILE A 1 126 ? -5.33453  10.46297  6.05357   1.000 17.28899 ?  102 ILE A CG1 1 
ATOM   825  C CG2 . ILE A 1 126 ? -3.31408  11.93843  6.08370   1.000 21.48560 ?  102 ILE A CG2 1 
ATOM   826  C CD1 . ILE A 1 126 ? -4.62256  9.18450   6.56171   1.000 18.75943 ?  102 ILE A CD1 1 
ATOM   827  N N   . THR A 1 127 ? -6.79362  13.46987  6.12608   1.000 14.80111 ?  103 THR A N   1 
ATOM   828  C CA  . THR A 1 127 ? -7.20230  14.41378  7.16963   1.000 14.06578 ?  103 THR A CA  1 
ATOM   829  C C   . THR A 1 127 ? -6.79490  13.86862  8.53324   1.000 18.05359 ?  103 THR A C   1 
ATOM   830  O O   . THR A 1 127 ? -6.42387  12.70549  8.68079   1.000 17.83495 ?  103 THR A O   1 
ATOM   831  C CB  . THR A 1 127 ? -8.71658  14.55913  7.18103   1.000 16.66476 ?  103 THR A CB  1 
ATOM   832  O OG1 . THR A 1 127 ? -9.28890  13.29483  7.54457   1.000 17.34163 ?  103 THR A OG1 1 
ATOM   833  C CG2 . THR A 1 127 ? -9.25930  15.05753  5.84417   1.000 18.28422 ?  103 THR A CG2 1 
ATOM   834  N N   . ARG A 1 128 ? -6.90098  14.71417  9.57104   1.000 16.75082 ?  104 ARG A N   1 
ATOM   835  C CA  . ARG A 1 128 ? -6.68524  14.20526  10.92081  1.000 16.08706 ?  104 ARG A CA  1 
ATOM   836  C C   . ARG A 1 128 ? -7.59854  13.02395  11.23663  1.000 16.57129 ?  104 ARG A C   1 
ATOM   837  O O   . ARG A 1 128 ? -7.16232  12.04793  11.86885  1.000 17.92299 ?  104 ARG A O   1 
ATOM   838  C CB  . ARG A 1 128 ? -6.87147  15.31566  11.96186  1.000 19.60662 ?  104 ARG A CB  1 
ATOM   839  C CG  . ARG A 1 128 ? -6.61181  14.81995  13.37892  1.000 21.96270 ?  104 ARG A CG  1 
ATOM   840  C CD  . ARG A 1 128 ? -7.07213  15.83332  14.39075  1.000 23.87503 ?  104 ARG A CD  1 
ATOM   841  N NE  . ARG A 1 128 ? -6.82447  15.43875  15.77287  1.000 28.66185 ?  104 ARG A NE  1 
ATOM   842  C CZ  . ARG A 1 128 ? -7.72472  14.83377  16.54113  1.000 25.63276 ?  104 ARG A CZ  1 
ATOM   843  N NH1 . ARG A 1 128 ? -8.92558  14.54137  16.06383  1.000 31.33017 ?  104 ARG A NH1 1 
ATOM   844  N NH2 . ARG A 1 128 ? -7.41707  14.51511  17.79163  1.000 38.20538 ?  104 ARG A NH2 1 
ATOM   845  N N   . LYS A 1 129 ? -8.87143  13.09947  10.83667  1.000 16.76964 ?  105 LYS A N   1 
ATOM   846  C CA  . LYS A 1 129 ? -9.78168  11.98126  11.08068  1.000 17.43808 ?  105 LYS A CA  1 
ATOM   847  C C   . LYS A 1 129 ? -9.25696  10.69065  10.43575  1.000 17.98355 ?  105 LYS A C   1 
ATOM   848  O O   . LYS A 1 129 ? -9.26360  9.62256   11.06318  1.000 20.04723 ?  105 LYS A O   1 
ATOM   849  C CB  . LYS A 1 129 ? -11.17394 12.32194  10.54494  1.000 20.22275 ?  105 LYS A CB  1 
ATOM   850  C CG  . LYS A 1 129 ? -12.20106 11.21159  10.72145  1.000 22.35290 ?  105 LYS A CG  1 
ATOM   851  C CD  . LYS A 1 129 ? -13.53992 11.55041  10.07698  1.000 23.47295 ?  105 LYS A CD  1 
ATOM   852  C CE  . LYS A 1 129 ? -14.51803 10.38918  10.21333  1.000 34.91642 ?  105 LYS A CE  1 
ATOM   853  N NZ  . LYS A 1 129 ? -15.88047 10.74551  9.72351   1.000 31.08190 ?  105 LYS A NZ  1 
ATOM   854  N N   . GLY A 1 130 ? -8.79790  10.77161  9.17877   1.000 17.33271 ?  106 GLY A N   1 
ATOM   855  C CA  . GLY A 1 130 ? -8.25262  9.58293   8.52153   1.000 16.92260 ?  106 GLY A CA  1 
ATOM   856  C C   . GLY A 1 130 ? -7.00364  9.05828   9.20627   1.000 18.67733 ?  106 GLY A C   1 
ATOM   857  O O   . GLY A 1 130 ? -6.84477  7.84298   9.39344   1.000 19.06709 ?  106 GLY A O   1 
ATOM   858  N N   . LEU A 1 131 ? -6.11709  9.96583   9.63144   1.000 16.88963 ?  107 LEU A N   1 
ATOM   859  C CA  . LEU A 1 131 ? -4.89393  9.54426   10.30686  1.000 18.24437 ?  107 LEU A CA  1 
ATOM   860  C C   . LEU A 1 131 ? -5.20672  8.83230   11.61530  1.000 20.01415 ?  107 LEU A C   1 
ATOM   861  O O   . LEU A 1 131 ? -4.62604  7.77894   11.92721  1.000 21.07865 ?  107 LEU A O   1 
ATOM   862  C CB  . LEU A 1 131 ? -3.99201  10.75497  10.54529  1.000 21.99525 ?  107 LEU A CB  1 
ATOM   863  C CG  . LEU A 1 131 ? -2.59325  10.45360  11.07684  1.000 24.33677 ?  107 LEU A CG  1 
ATOM   864  C CD1 . LEU A 1 131 ? -1.79780  9.61775   10.07917  1.000 28.64392 ?  107 LEU A CD1 1 
ATOM   865  C CD2 . LEU A 1 131 ? -1.86811  11.76010  11.39909  1.000 32.58633 ?  107 LEU A CD2 1 
ATOM   866  N N   . LYS A 1 132 ? -6.10145  9.41198   12.42250  1.000 21.62821 ?  108 LYS A N   1 
ATOM   867  C CA  . LYS A 1 132 ? -6.46371  8.74598   13.66541  1.000 21.69503 ?  108 LYS A CA  1 
ATOM   868  C C   . LYS A 1 132 ? -7.13863  7.41155   13.39836  1.000 20.61575 ?  108 LYS A C   1 
ATOM   869  O O   . LYS A 1 132 ? -6.94778  6.46215   14.16252  1.000 22.65486 ?  108 LYS A O   1 
ATOM   870  C CB  . LYS A 1 132 ? -7.32371  9.65010   14.56117  1.000 24.03115 ?  108 LYS A CB  1 
ATOM   871  C CG  . LYS A 1 132 ? -6.66558  10.99052  14.89938  1.000 30.54926 ?  108 LYS A CG  1 
ATOM   872  C CD  . LYS A 1 132 ? -5.56552  10.82933  15.94821  1.000 33.89939 ?  108 LYS A CD  1 
ATOM   873  C CE  . LYS A 1 132 ? -4.93035  12.17817  16.29518  1.000 45.20153 ?  108 LYS A CE  1 
ATOM   874  N NZ  . LYS A 1 132 ? -3.54717  12.04766  16.84608  1.000 54.20936 ?  108 LYS A NZ  1 
ATOM   875  N N   . ALA A 1 133 ? -7.90002  7.31043   12.30229  1.000 18.81344 ?  109 ALA A N   1 
ATOM   876  C CA  . ALA A 1 133 ? -8.56090  6.05163   11.97108  1.000 20.42277 ?  109 ALA A CA  1 
ATOM   877  C C   . ALA A 1 133 ? -7.56415  4.95116   11.61335  1.000 18.50398 ?  109 ALA A C   1 
ATOM   878  O O   . ALA A 1 133 ? -7.81121  3.78345   11.93656  1.000 20.45511 ?  109 ALA A O   1 
ATOM   879  C CB  . ALA A 1 133 ? -9.54469  6.25878   10.82106  1.000 21.41311 ?  109 ALA A CB  1 
ATOM   880  N N   . VAL A 1 134 ? -6.44091  5.30616   10.98689  1.000 16.90238 ?  110 VAL A N   1 
ATOM   881  C CA  . VAL A 1 134 ? -5.52864  4.30088   10.44907  1.000 16.91592 ?  110 VAL A CA  1 
ATOM   882  C C   . VAL A 1 134 ? -4.28118  4.08048   11.30827  1.000 19.74877 ?  110 VAL A C   1 
ATOM   883  O O   . VAL A 1 134 ? -3.51454  3.14229   11.03026  1.000 19.86342 ?  110 VAL A O   1 
ATOM   884  C CB  . VAL A 1 134 ? -5.15395  4.65667   8.99032   1.000 17.55118 ?  110 VAL A CB  1 
ATOM   885  C CG1 . VAL A 1 134 ? -4.06992  5.70104   8.93537   1.000 19.41993 ?  110 VAL A CG1 1 
ATOM   886  C CG2 . VAL A 1 134 ? -4.73212  3.39942   8.20242   1.000 18.13353 ?  110 VAL A CG2 1 
ATOM   887  N N   . GLU A 1 135 ? -4.04656  4.90023   12.34742  1.000 20.12405 ?  111 GLU A N   1 
ATOM   888  C CA  A GLU A 1 135 ? -2.75894  4.87775   13.04990  0.567 21.22755 ?  111 GLU A CA  1 
ATOM   889  C CA  B GLU A 1 135 ? -2.73863  4.85675   13.00140  0.433 21.21499 ?  111 GLU A CA  1 
ATOM   890  C C   . GLU A 1 135 ? -2.47105  3.51632   13.68870  1.000 20.96023 ?  111 GLU A C   1 
ATOM   891  O O   . GLU A 1 135 ? -1.35032  2.97869   13.59209  1.000 20.18475 ?  111 GLU A O   1 
ATOM   892  C CB  A GLU A 1 135 ? -2.73831  5.98680   14.10735  0.567 26.89091 ?  111 GLU A CB  1 
ATOM   893  C CB  B GLU A 1 135 ? -2.53795  6.05363   13.93703  0.433 28.11786 ?  111 GLU A CB  1 
ATOM   894  C CG  A GLU A 1 135 ? -1.91778  7.20196   13.70889  0.567 28.48144 ?  111 GLU A CG  1 
ATOM   895  C CG  B GLU A 1 135 ? -3.57085  6.20889   15.02453  0.433 25.03390 ?  111 GLU A CG  1 
ATOM   896  C CD  A GLU A 1 135 ? -2.13247  8.39219   14.63103  0.567 34.98376 ?  111 GLU A CD  1 
ATOM   897  C CD  B GLU A 1 135 ? -3.34365  7.45993   15.85584  0.433 38.31123 ?  111 GLU A CD  1 
ATOM   898  O OE1 A GLU A 1 135 ? -3.01459  8.32593   15.51450  0.567 39.29983 ?  111 GLU A OE1 1 
ATOM   899  O OE1 B GLU A 1 135 ? -2.26320  8.07602   15.72673  0.433 36.19445 ?  111 GLU A OE1 1 
ATOM   900  O OE2 A GLU A 1 135 ? -1.41638  9.39948   14.46384  0.567 33.39083 -1 111 GLU A OE2 1 
ATOM   901  O OE2 B GLU A 1 135 ? -4.24573  7.82666   16.63619  0.433 34.49597 -1 111 GLU A OE2 1 
ATOM   902  N N   . HIS A 1 136 ? -3.46246  2.94239   14.36822  1.000 19.64553 ?  112 HIS A N   1 
ATOM   903  C CA  . HIS A 1 136 ? -3.21036  1.66293   15.03118  1.000 22.33028 ?  112 HIS A CA  1 
ATOM   904  C C   . HIS A 1 136 ? -2.98557  0.54312   14.01742  1.000 20.12217 ?  112 HIS A C   1 
ATOM   905  O O   . HIS A 1 136 ? -2.11886  -0.32461  14.21135  1.000 19.50716 ?  112 HIS A O   1 
ATOM   906  C CB  . HIS A 1 136 ? -4.35205  1.31208   15.98307  1.000 25.23190 ?  112 HIS A CB  1 
ATOM   907  C CG  . HIS A 1 136 ? -4.17129  -0.00537  16.67181  1.000 26.17669 ?  112 HIS A CG  1 
ATOM   908  N ND1 . HIS A 1 136 ? -3.03173  -0.32692  17.37799  1.000 32.69129 ?  112 HIS A ND1 1 
ATOM   909  C CD2 . HIS A 1 136 ? -4.96709  -1.09906  16.72507  1.000 30.12696 ?  112 HIS A CD2 1 
ATOM   910  C CE1 . HIS A 1 136 ? -3.14320  -1.55389  17.85566  1.000 30.43057 ?  112 HIS A CE1 1 
ATOM   911  N NE2 . HIS A 1 136 ? -4.30786  -2.04450  17.47387  1.000 32.00127 ?  112 HIS A NE2 1 
ATOM   912  N N   . LEU A 1 137 ? -3.77454  0.53384   12.94591  1.000 20.02270 ?  113 LEU A N   1 
ATOM   913  C CA  . LEU A 1 137 ? -3.55703  -0.42951  11.87342  1.000 17.91144 ?  113 LEU A CA  1 
ATOM   914  C C   . LEU A 1 137 ? -2.15481  -0.30902  11.28880  1.000 18.39137 ?  113 LEU A C   1 
ATOM   915  O O   . LEU A 1 137 ? -1.53676  -1.32013  10.94630  1.000 16.68406 ?  113 LEU A O   1 
ATOM   916  C CB  . LEU A 1 137 ? -4.60801  -0.21271  10.79611  1.000 20.44978 ?  113 LEU A CB  1 
ATOM   917  C CG  . LEU A 1 137 ? -4.79367  -1.36267  9.81503   1.000 20.13094 ?  113 LEU A CG  1 
ATOM   918  C CD1 . LEU A 1 137 ? -5.08896  -2.68476  10.52311  1.000 19.55489 ?  113 LEU A CD1 1 
ATOM   919  C CD2 . LEU A 1 137 ? -5.92928  -1.01158  8.85131   1.000 20.09054 ?  113 LEU A CD2 1 
ATOM   920  N N   . MET A 1 138 ? -1.63084  0.91358   11.15043  1.000 16.80221 ?  114 MET A N   1 
ATOM   921  C CA  . MET A 1 138 ? -0.25149  1.06301   10.69261  1.000 18.28578 ?  114 MET A CA  1 
ATOM   922  C C   . MET A 1 138 ? 0.73753   0.41113   11.64941  1.000 18.04642 ?  114 MET A C   1 
ATOM   923  O O   . MET A 1 138 ? 1.72886   -0.19153  11.21359  1.000 19.10235 ?  114 MET A O   1 
ATOM   924  C CB  . MET A 1 138 ? 0.10101   2.52370   10.43967  1.000 19.37561 ?  114 MET A CB  1 
ATOM   925  C CG  . MET A 1 138 ? -0.59370  3.07687   9.21129   1.000 18.76841 ?  114 MET A CG  1 
ATOM   926  S SD  . MET A 1 138 ? -0.32927  4.84383   9.00111   1.000 25.94031 ?  114 MET A SD  1 
ATOM   927  C CE  . MET A 1 138 ? 1.44950   4.90661   9.08469   1.000 35.46388 ?  114 MET A CE  1 
ATOM   928  N N   . GLU A 1 139 ? 0.50810   0.53872   12.96293  1.000 18.18688 ?  115 GLU A N   1 
ATOM   929  C CA  A GLU A 1 139 ? 1.37803   -0.15343  13.91496  0.514 19.24148 ?  115 GLU A CA  1 
ATOM   930  C CA  B GLU A 1 139 ? 1.40674   -0.15332  13.88417  0.486 19.17809 ?  115 GLU A CA  1 
ATOM   931  C C   . GLU A 1 139 ? 1.31797   -1.66598  13.71334  1.000 17.97049 ?  115 GLU A C   1 
ATOM   932  O O   . GLU A 1 139 ? 2.34673   -2.35680  13.74121  1.000 18.10154 ?  115 GLU A O   1 
ATOM   933  C CB  A GLU A 1 139 ? 0.97457   0.21684   15.34617  0.514 23.59775 ?  115 GLU A CB  1 
ATOM   934  C CB  B GLU A 1 139 ? 1.14757   0.25476   15.33380  0.486 23.60952 ?  115 GLU A CB  1 
ATOM   935  C CG  A GLU A 1 139 ? 1.10313   1.70554   15.66718  0.514 25.22579 ?  115 GLU A CG  1 
ATOM   936  C CG  B GLU A 1 139 ? 2.19344   -0.29559  16.30453  0.486 25.27152 ?  115 GLU A CG  1 
ATOM   937  C CD  A GLU A 1 139 ? 0.58811   2.06668   17.05078  0.514 37.56485 ?  115 GLU A CD  1 
ATOM   938  C CD  B GLU A 1 139 ? 3.60900   -0.25937  15.73378  0.486 35.21673 ?  115 GLU A CD  1 
ATOM   939  O OE1 A GLU A 1 139 ? 1.01876   3.10924   17.58775  0.514 39.00970 ?  115 GLU A OE1 1 
ATOM   940  O OE1 B GLU A 1 139 ? 4.23912   -1.33748  15.60201  0.486 33.04036 ?  115 GLU A OE1 1 
ATOM   941  O OE2 A GLU A 1 139 ? -0.24679  1.31582   17.59891  0.514 35.37061 -1 115 GLU A OE2 1 
ATOM   942  O OE2 B GLU A 1 139 ? 4.09397   0.84743   15.41087  0.486 34.58168 -1 115 GLU A OE2 1 
ATOM   943  N N   . LEU A 1 140 ? 0.11312   -2.19820  13.52866  1.000 17.15817 ?  116 LEU A N   1 
ATOM   944  C CA  . LEU A 1 140 ? -0.02474  -3.63388  13.27727  1.000 16.92103 ?  116 LEU A CA  1 
ATOM   945  C C   . LEU A 1 140 ? 0.65970   -4.03623  11.97052  1.000 16.48617 ?  116 LEU A C   1 
ATOM   946  O O   . LEU A 1 140 ? 1.25714   -5.11463  11.88334  1.000 16.97802 ?  116 LEU A O   1 
ATOM   947  C CB  . LEU A 1 140 ? -1.50109  -4.03319  13.25783  1.000 16.49724 ?  116 LEU A CB  1 
ATOM   948  C CG  . LEU A 1 140 ? -2.26875  -3.79549  14.56447  1.000 19.38403 ?  116 LEU A CG  1 
ATOM   949  C CD1 . LEU A 1 140 ? -3.72740  -4.14347  14.37916  1.000 19.60636 ?  116 LEU A CD1 1 
ATOM   950  C CD2 . LEU A 1 140 ? -1.64927  -4.59983  15.70372  1.000 24.63658 ?  116 LEU A CD2 1 
ATOM   951  N N   . ALA A 1 141 ? 0.61223   -3.16419  10.95981  1.000 14.23623 ?  117 ALA A N   1 
ATOM   952  C CA  . ALA A 1 141 ? 1.25740   -3.44987  9.68142   1.000 14.55745 ?  117 ALA A CA  1 
ATOM   953  C C   . ALA A 1 141 ? 2.76008   -3.52770  9.85592   1.000 14.82157 ?  117 ALA A C   1 
ATOM   954  O O   . ALA A 1 141 ? 3.41759   -4.39795  9.27408   1.000 14.71543 ?  117 ALA A O   1 
ATOM   955  C CB  . ALA A 1 141 ? 0.90479   -2.35344  8.68250   1.000 15.42013 ?  117 ALA A CB  1 
ATOM   956  N N   . ARG A 1 142 ? 3.32482   -2.61858  10.65881  1.000 15.46746 ?  118 ARG A N   1 
ATOM   957  C CA  . ARG A 1 142 ? 4.75965   -2.67253  10.92936  1.000 16.89020 ?  118 ARG A CA  1 
ATOM   958  C C   . ARG A 1 142 ? 5.13514   -3.94683  11.67965  1.000 17.51741 ?  118 ARG A C   1 
ATOM   959  O O   . ARG A 1 142 ? 6.17078   -4.56707  11.38507  1.000 17.84083 ?  118 ARG A O   1 
ATOM   960  C CB  . ARG A 1 142 ? 5.19378   -1.44037  11.72704  1.000 19.63689 ?  118 ARG A CB  1 
ATOM   961  C CG  . ARG A 1 142 ? 5.15645   -0.13197  10.96619  1.000 22.94776 ?  118 ARG A CG  1 
ATOM   962  C CD  . ARG A 1 142 ? 5.63650   1.01537   11.86624  1.000 34.42686 ?  118 ARG A CD  1 
ATOM   963  N NE  . ARG A 1 142 ? 5.36967   2.32926   11.28864  1.000 43.42448 ?  118 ARG A NE  1 
ATOM   964  C CZ  . ARG A 1 142 ? 4.37607   3.12694   11.67008  1.000 41.63935 ?  118 ARG A CZ  1 
ATOM   965  N NH1 . ARG A 1 142 ? 4.21189   4.30560   11.08443  1.000 42.42924 ?  118 ARG A NH1 1 
ATOM   966  N NH2 . ARG A 1 142 ? 3.54719   2.75034   12.63621  1.000 32.77254 ?  118 ARG A NH2 1 
ATOM   967  N N   . GLU A 1 143 ? 4.30912   -4.35781  12.64674  1.000 16.39810 ?  119 GLU A N   1 
ATOM   968  C CA  A GLU A 1 143 ? 4.59546   -5.59940  13.36359  0.552 19.34311 ?  119 GLU A CA  1 
ATOM   969  C CA  B GLU A 1 143 ? 4.58336   -5.60127  13.36851  0.448 19.32201 ?  119 GLU A CA  1 
ATOM   970  C C   . GLU A 1 143 ? 4.54760   -6.80588  12.43219  1.000 19.07235 ?  119 GLU A C   1 
ATOM   971  O O   . GLU A 1 143 ? 5.42629   -7.68327  12.49048  1.000 18.75584 ?  119 GLU A O   1 
ATOM   972  C CB  A GLU A 1 143 ? 3.64026   -5.76992  14.54357  0.552 22.11070 ?  119 GLU A CB  1 
ATOM   973  C CB  B GLU A 1 143 ? 3.58970   -5.77726  14.51969  0.448 22.15745 ?  119 GLU A CB  1 
ATOM   974  C CG  A GLU A 1 143 ? 3.83136   -7.06089  15.33198  0.552 23.81918 ?  119 GLU A CG  1 
ATOM   975  C CG  B GLU A 1 143 ? 3.64519   -4.68348  15.58742  0.448 20.08703 ?  119 GLU A CG  1 
ATOM   976  C CD  A GLU A 1 143 ? 5.28883   -7.35247  15.66292  0.552 34.57520 ?  119 GLU A CD  1 
ATOM   977  C CD  B GLU A 1 143 ? 2.49691   -4.76777  16.57969  0.448 31.94965 ?  119 GLU A CD  1 
ATOM   978  O OE1 A GLU A 1 143 ? 6.03186   -6.40951  16.01304  0.552 32.01415 ?  119 GLU A OE1 1 
ATOM   979  O OE1 B GLU A 1 143 ? 1.81443   -5.81372  16.62709  0.448 32.94858 ?  119 GLU A OE1 1 
ATOM   980  O OE2 A GLU A 1 143 ? 5.69356   -8.53168  15.57264  0.552 45.32256 -1 119 GLU A OE2 1 
ATOM   981  O OE2 B GLU A 1 143 ? 2.27093   -3.78050  17.31117  0.448 37.12706 -1 119 GLU A OE2 1 
ATOM   982  N N   . HIS A 1 144 ? 3.54053   -6.86090  11.55099  1.000 17.05444 ?  120 HIS A N   1 
ATOM   983  C CA  . HIS A 1 144 ? 3.43705   -7.96837  10.60443  1.000 17.37863 ?  120 HIS A CA  1 
ATOM   984  C C   . HIS A 1 144 ? 4.62900   -7.98309  9.65368   1.000 16.84340 ?  120 HIS A C   1 
ATOM   985  O O   . HIS A 1 144 ? 5.21289   -9.04669  9.38430   1.000 16.73486 ?  120 HIS A O   1 
ATOM   986  C CB  . HIS A 1 144 ? 2.11862   -7.85241  9.83259   1.000 15.23879 ?  120 HIS A CB  1 
ATOM   987  C CG  . HIS A 1 144 ? 2.00178   -8.82128  8.70012   1.000 16.42384 ?  120 HIS A CG  1 
ATOM   988  N ND1 . HIS A 1 144 ? 1.99178   -8.41835  7.38728   1.000 15.41441 ?  120 HIS A ND1 1 
ATOM   989  C CD2 . HIS A 1 144 ? 1.90432   -10.17318 8.68500   1.000 18.22296 ?  120 HIS A CD2 1 
ATOM   990  C CE1 . HIS A 1 144 ? 1.90315   -9.48360  6.60305   1.000 16.01766 ?  120 HIS A CE1 1 
ATOM   991  N NE2 . HIS A 1 144 ? 1.84781   -10.56276 7.36688   1.000 16.77172 ?  120 HIS A NE2 1 
ATOM   992  N N   . GLU A 1 145 ? 5.03399   -6.80961  9.16992   1.000 14.88358 ?  121 GLU A N   1 
ATOM   993  C CA  . GLU A 1 145 ? 6.19666   -6.72742  8.29459   1.000 16.64924 ?  121 GLU A CA  1 
ATOM   994  C C   . GLU A 1 145 ? 7.45103   -7.21565  9.00724   1.000 16.84382 ?  121 GLU A C   1 
ATOM   995  O O   . GLU A 1 145 ? 8.28727   -7.90911  8.41125   1.000 18.03805 ?  121 GLU A O   1 
ATOM   996  C CB  . GLU A 1 145 ? 6.37829   -5.28469  7.82949   1.000 17.67952 ?  121 GLU A CB  1 
ATOM   997  C CG  . GLU A 1 145 ? 7.59256   -5.05284  6.97818   1.000 22.23785 ?  121 GLU A CG  1 
ATOM   998  C CD  . GLU A 1 145 ? 7.82217   -3.58746  6.72859   1.000 26.31433 ?  121 GLU A CD  1 
ATOM   999  O OE1 . GLU A 1 145 ? 7.44224   -2.75440  7.59336   1.000 27.03234 ?  121 GLU A OE1 1 
ATOM   1000 O OE2 . GLU A 1 145 ? 8.37234   -3.24689  5.68076   1.000 23.32070 -1 121 GLU A OE2 1 
ATOM   1001 N N   . ARG A 1 146 ? 7.62224   -6.82456  10.27631  1.000 18.14708 ?  122 ARG A N   1 
ATOM   1002 C CA  A ARG A 1 146 ? 8.77557   -7.29482  11.03566  0.536 20.41058 ?  122 ARG A CA  1 
ATOM   1003 C CA  B ARG A 1 146 ? 8.77968   -7.29370  11.02811  0.464 20.40819 ?  122 ARG A CA  1 
ATOM   1004 C C   . ARG A 1 146 ? 8.78545   -8.81160  11.12598  1.000 19.00176 ?  122 ARG A C   1 
ATOM   1005 O O   . ARG A 1 146 ? 9.83888   -9.44280  10.97617  1.000 19.87830 ?  122 ARG A O   1 
ATOM   1006 C CB  A ARG A 1 146 ? 8.76970   -6.66911  12.42730  0.536 22.03781 ?  122 ARG A CB  1 
ATOM   1007 C CB  B ARG A 1 146 ? 8.80949   -6.65483  12.41543  0.464 22.09553 ?  122 ARG A CB  1 
ATOM   1008 C CG  A ARG A 1 146 ? 9.23819   -5.23624  12.43441  0.536 24.67147 ?  122 ARG A CG  1 
ATOM   1009 C CG  B ARG A 1 146 ? 10.13929  -6.84133  13.12972  0.464 24.01643 ?  122 ARG A CG  1 
ATOM   1010 C CD  A ARG A 1 146 ? 9.33165   -4.68438  13.84979  0.536 33.13722 ?  122 ARG A CD  1 
ATOM   1011 C CD  B ARG A 1 146 ? 10.07497  -6.36117  14.56885  0.464 27.30034 ?  122 ARG A CD  1 
ATOM   1012 N NE  A ARG A 1 146 ? 9.17524   -3.23357  13.85766  0.536 36.17131 ?  122 ARG A NE  1 
ATOM   1013 N NE  B ARG A 1 146 ? 8.90880   -6.86881  15.28327  0.464 32.77303 ?  122 ARG A NE  1 
ATOM   1014 C CZ  A ARG A 1 146 ? 8.10101   -2.59887  14.31227  0.536 24.81956 ?  122 ARG A CZ  1 
ATOM   1015 C CZ  B ARG A 1 146 ? 8.75822   -8.12662  15.68863  0.464 33.26747 ?  122 ARG A CZ  1 
ATOM   1016 N NH1 A ARG A 1 146 ? 7.08125   -3.28363  14.81602  0.536 25.94904 ?  122 ARG A NH1 1 
ATOM   1017 N NH1 B ARG A 1 146 ? 9.70279   -9.02837  15.45370  0.464 38.53107 ?  122 ARG A NH1 1 
ATOM   1018 N NH2 A ARG A 1 146 ? 8.05035   -1.27454  14.27434  0.536 37.20441 ?  122 ARG A NH2 1 
ATOM   1019 N NH2 B ARG A 1 146 ? 7.65612   -8.48230  16.33442  0.464 41.51802 ?  122 ARG A NH2 1 
ATOM   1020 N N   . ARG A 1 147 ? 7.62368   -9.41599  11.35756  1.000 19.50891 ?  123 ARG A N   1 
ATOM   1021 C CA  . ARG A 1 147 ? 7.54936   -10.87658 11.40242  1.000 20.02632 ?  123 ARG A CA  1 
ATOM   1022 C C   . ARG A 1 147 ? 7.90260   -11.50524 10.05713  1.000 21.30566 ?  123 ARG A C   1 
ATOM   1023 O O   . ARG A 1 147 ? 8.59196   -12.53516 10.00923  1.000 21.17681 ?  123 ARG A O   1 
ATOM   1024 C CB  . ARG A 1 147 ? 6.17002   -11.33973 11.85843  1.000 25.01296 ?  123 ARG A CB  1 
ATOM   1025 C CG  . ARG A 1 147 ? 5.94571   -11.25536 13.36087  1.000 35.94112 ?  123 ARG A CG  1 
ATOM   1026 C CD  . ARG A 1 147 ? 4.65926   -11.95124 13.74318  1.000 44.72941 ?  123 ARG A CD  1 
ATOM   1027 N NE  . ARG A 1 147 ? 3.51079   -11.26616 13.16393  1.000 62.66204 ?  123 ARG A NE  1 
ATOM   1028 C CZ  . ARG A 1 147 ? 2.72837   -10.43104 13.83684  1.000 60.88100 ?  123 ARG A CZ  1 
ATOM   1029 N NH1 . ARG A 1 147 ? 2.96749   -10.18982 15.11922  1.000 57.12678 ?  123 ARG A NH1 1 
ATOM   1030 N NH2 . ARG A 1 147 ? 1.70633   -9.84249  13.22935  1.000 48.87679 ?  123 ARG A NH2 1 
ATOM   1031 N N   . VAL A 1 148 ? 7.41898   -10.91877 8.95496   1.000 17.54595 ?  124 VAL A N   1 
ATOM   1032 C CA  . VAL A 1 148 ? 7.72476   -11.44203 7.62453   1.000 17.04640 ?  124 VAL A CA  1 
ATOM   1033 C C   . VAL A 1 148 ? 9.22549   -11.39183 7.35796   1.000 18.68839 ?  124 VAL A C   1 
ATOM   1034 O O   . VAL A 1 148 ? 9.80713   -12.31188 6.76549   1.000 17.59882 ?  124 VAL A O   1 
ATOM   1035 C CB  . VAL A 1 148 ? 6.93143   -10.66881 6.55136   1.000 16.86577 ?  124 VAL A CB  1 
ATOM   1036 C CG1 . VAL A 1 148 ? 7.43665   -11.02906 5.15052   1.000 17.32848 ?  124 VAL A CG1 1 
ATOM   1037 C CG2 . VAL A 1 148 ? 5.43562   -10.97056 6.67773   1.000 17.46791 ?  124 VAL A CG2 1 
ATOM   1038 N N   . LEU A 1 149 ? 9.87130   -10.31570 7.78278   1.000 17.16589 ?  125 LEU A N   1 
ATOM   1039 C CA  . LEU A 1 149 ? 11.28007  -10.11026 7.46158   1.000 17.65335 ?  125 LEU A CA  1 
ATOM   1040 C C   . LEU A 1 149 ? 12.23934  -10.74606 8.46192   1.000 21.25835 ?  125 LEU A C   1 
ATOM   1041 O O   . LEU A 1 149 ? 13.41044  -10.95510 8.11997   1.000 20.99047 ?  125 LEU A O   1 
ATOM   1042 C CB  . LEU A 1 149 ? 11.59205  -8.61982  7.30231   1.000 21.10246 ?  125 LEU A CB  1 
ATOM   1043 C CG  . LEU A 1 149 ? 10.99644  -8.00981  6.02958   1.000 20.38908 ?  125 LEU A CG  1 
ATOM   1044 C CD1 . LEU A 1 149 ? 11.12542  -6.48629  6.05915   1.000 23.61201 ?  125 LEU A CD1 1 
ATOM   1045 C CD2 . LEU A 1 149 ? 11.65222  -8.60877  4.80332   1.000 22.56745 ?  125 LEU A CD2 1 
ATOM   1046 N N   . GLU A 1 150 ? 11.76462  -11.09491 9.65675   1.000 19.38721 ?  126 GLU A N   1 
ATOM   1047 C CA  . GLU A 1 150 ? 12.67034  -11.60436 10.68647  1.000 23.31290 ?  126 GLU A CA  1 
ATOM   1048 C C   . GLU A 1 150 ? 13.48019  -12.83256 10.27726  1.000 23.40853 ?  126 GLU A C   1 
ATOM   1049 O O   . GLU A 1 150 ? 14.68054  -12.87712 10.61165  1.000 23.22152 ?  126 GLU A O   1 
ATOM   1050 C CB  . GLU A 1 150 ? 11.91994  -11.79791 12.01152  1.000 24.98749 ?  126 GLU A CB  1 
ATOM   1051 C CG  . GLU A 1 150 ? 12.85411  -12.06853 13.19430  1.000 37.84682 ?  126 GLU A CG  1 
ATOM   1052 C CD  . GLU A 1 150 ? 13.41135  -10.79177 13.80841  1.000 64.50985 ?  126 GLU A CD  1 
ATOM   1053 O OE1 . GLU A 1 150 ? 13.86671  -10.83863 14.97135  1.000 68.93541 ?  126 GLU A OE1 1 
ATOM   1054 O OE2 . GLU A 1 150 ? 13.39388  -9.74101  13.12790  1.000 70.32746 -1 126 GLU A OE2 1 
ATOM   1055 N N   . PRO A 1 151 ? 12.92994  -13.83338 9.58080   1.000 18.95658 ?  127 PRO A N   1 
ATOM   1056 C CA  . PRO A 1 151 ? 13.75533  -14.99622 9.19910   1.000 23.81324 ?  127 PRO A CA  1 
ATOM   1057 C C   . PRO A 1 151 ? 14.89892  -14.64963 8.27754   1.000 22.36198 ?  127 PRO A C   1 
ATOM   1058 O O   . PRO A 1 151 ? 15.87623  -15.40765 8.21119   1.000 22.58230 ?  127 PRO A O   1 
ATOM   1059 C CB  . PRO A 1 151 ? 12.76049  -15.93215 8.49978   1.000 25.18813 ?  127 PRO A CB  1 
ATOM   1060 C CG  . PRO A 1 151 ? 11.40851  -15.46865 8.94413   1.000 25.96269 ?  127 PRO A CG  1 
ATOM   1061 C CD  . PRO A 1 151 ? 11.52105  -14.00435 9.17923   1.000 21.36024 ?  127 PRO A CD  1 
ATOM   1062 N N   . PHE A 1 152 ? 14.81973  -13.53589 7.56288   1.000 20.31764 ?  128 PHE A N   1 
ATOM   1063 C CA  . PHE A 1 152 ? 15.81076  -13.16599 6.56798   1.000 21.75915 ?  128 PHE A CA  1 
ATOM   1064 C C   . PHE A 1 152 ? 16.96155  -12.35180 7.13678   1.000 26.99769 ?  128 PHE A C   1 
ATOM   1065 O O   . PHE A 1 152 ? 18.02859  -12.29341 6.51449   1.000 28.59387 ?  128 PHE A O   1 
ATOM   1066 C CB  . PHE A 1 152 ? 15.11425  -12.44353 5.40492   1.000 22.04279 ?  128 PHE A CB  1 
ATOM   1067 C CG  . PHE A 1 152 ? 14.15383  -13.32666 4.68279   1.000 20.18888 ?  128 PHE A CG  1 
ATOM   1068 C CD1 . PHE A 1 152 ? 14.60997  -14.21045 3.72221   1.000 22.16959 ?  128 PHE A CD1 1 
ATOM   1069 C CD2 . PHE A 1 152 ? 12.81240  -13.34255 5.03027   1.000 20.99727 ?  128 PHE A CD2 1 
ATOM   1070 C CE1 . PHE A 1 152 ? 13.74214  -15.06571 3.08093   1.000 23.77465 ?  128 PHE A CE1 1 
ATOM   1071 C CE2 . PHE A 1 152 ? 11.93429  -14.20096 4.39753   1.000 20.72644 ?  128 PHE A CE2 1 
ATOM   1072 C CZ  . PHE A 1 152 ? 12.39796  -15.06058 3.41246   1.000 21.38963 ?  128 PHE A CZ  1 
ATOM   1073 N N   . GLY A 1 153 ? 16.78123  -11.73807 8.29466   1.000 26.72425 ?  129 GLY A N   1 
ATOM   1074 C CA  . GLY A 1 153 ? 17.82149  -10.90619 8.85197   1.000 27.24671 ?  129 GLY A CA  1 
ATOM   1075 C C   . GLY A 1 153 ? 17.84137  -9.51620  8.24148   1.000 35.97501 ?  129 GLY A C   1 
ATOM   1076 O O   . GLY A 1 153 ? 17.31194  -9.26334  7.15844   1.000 28.85711 ?  129 GLY A O   1 
ATOM   1077 N N   . LEU A 1 154 ? 18.50131  -8.60624  8.96120   1.000 27.23228 ?  130 LEU A N   1 
ATOM   1078 C CA  A LEU A 1 154 ? 18.48686  -7.19588  8.59015   0.618 24.96338 ?  130 LEU A CA  1 
ATOM   1079 C CA  B LEU A 1 154 ? 18.47946  -7.19709  8.58667   0.382 24.99337 ?  130 LEU A CA  1 
ATOM   1080 C C   . LEU A 1 154 ? 19.17442  -6.95712  7.25180   1.000 31.16925 ?  130 LEU A C   1 
ATOM   1081 O O   . LEU A 1 154 ? 18.70858  -6.14498  6.44555   1.000 27.70100 ?  130 LEU A O   1 
ATOM   1082 C CB  A LEU A 1 154 ? 19.14959  -6.36890  9.69434   0.618 30.91925 ?  130 LEU A CB  1 
ATOM   1083 C CB  B LEU A 1 154 ? 19.10866  -6.34834  9.69492   0.382 30.95517 ?  130 LEU A CB  1 
ATOM   1084 C CG  A LEU A 1 154 ? 19.07917  -4.84785  9.55884   0.618 31.04146 ?  130 LEU A CG  1 
ATOM   1085 C CG  B LEU A 1 154 ? 18.46696  -6.43551  11.08366  0.382 34.31694 ?  130 LEU A CG  1 
ATOM   1086 C CD1 A LEU A 1 154 ? 17.65987  -4.36039  9.79421   0.618 35.87483 ?  130 LEU A CD1 1 
ATOM   1087 C CD1 B LEU A 1 154 ? 19.06163  -5.39610  12.02908  0.382 35.46233 ?  130 LEU A CD1 1 
ATOM   1088 C CD2 A LEU A 1 154 ? 20.05157  -4.17962  10.52521  0.618 37.39824 ?  130 LEU A CD2 1 
ATOM   1089 C CD2 B LEU A 1 154 ? 16.95694  -6.28117  11.00182  0.382 33.02180 ?  130 LEU A CD2 1 
ATOM   1090 N N   . ARG A 1 155 ? 20.28548  -7.65116  6.99271   1.000 28.25536 ?  131 ARG A N   1 
ATOM   1091 C CA  . ARG A 1 155 ? 21.00968  -7.42468  5.74675   1.000 28.16719 ?  131 ARG A CA  1 
ATOM   1092 C C   . ARG A 1 155 ? 20.15840  -7.80008  4.53899   1.000 26.40926 ?  131 ARG A C   1 
ATOM   1093 O O   . ARG A 1 155 ? 20.00779  -7.00947  3.59684   1.000 27.86829 ?  131 ARG A O   1 
ATOM   1094 C CB  . ARG A 1 155 ? 22.32403  -8.20784  5.74687   1.000 30.50293 ?  131 ARG A CB  1 
ATOM   1095 C CG  . ARG A 1 155 ? 23.17453  -7.97530  4.50578   1.000 42.96595 ?  131 ARG A CG  1 
ATOM   1096 C CD  . ARG A 1 155 ? 24.33200  -8.96262  4.40838   1.000 55.44469 ?  131 ARG A CD  1 
ATOM   1097 N NE  . ARG A 1 155 ? 23.88396  -10.35070 4.32509   1.000 60.98575 ?  131 ARG A NE  1 
ATOM   1098 C CZ  . ARG A 1 155 ? 23.45595  -10.93566 3.21009   1.000 65.48546 ?  131 ARG A CZ  1 
ATOM   1099 N NH1 . ARG A 1 155 ? 23.40721  -10.25245 2.07413   1.000 63.59413 ?  131 ARG A NH1 1 
ATOM   1100 N NH2 . ARG A 1 155 ? 23.07218  -12.20563 3.23065   1.000 63.25364 ?  131 ARG A NH2 1 
ATOM   1101 N N   . ARG A 1 156 ? 19.61571  -9.01723  4.54115   1.000 26.20796 ?  132 ARG A N   1 
ATOM   1102 C CA  . ARG A 1 156 ? 18.79599  -9.45464  3.41709   1.000 22.73758 ?  132 ARG A CA  1 
ATOM   1103 C C   . ARG A 1 156 ? 17.50991  -8.64357  3.30070   1.000 25.95874 ?  132 ARG A C   1 
ATOM   1104 O O   . ARG A 1 156 ? 17.06542  -8.35856  2.17907   1.000 23.24392 ?  132 ARG A O   1 
ATOM   1105 C CB  . ARG A 1 156 ? 18.51245  -10.94790 3.52304   1.000 22.80043 ?  132 ARG A CB  1 
ATOM   1106 C CG  . ARG A 1 156 ? 19.76432  -11.80606 3.37048   1.000 28.16102 ?  132 ARG A CG  1 
ATOM   1107 C CD  . ARG A 1 156 ? 19.41708  -13.26630 3.36209   1.000 26.84946 ?  132 ARG A CD  1 
ATOM   1108 N NE  . ARG A 1 156 ? 18.67446  -13.60666 2.15073   1.000 25.64343 ?  132 ARG A NE  1 
ATOM   1109 C CZ  . ARG A 1 156 ? 17.97495  -14.72021 1.99343   1.000 28.66025 ?  132 ARG A CZ  1 
ATOM   1110 N NH1 . ARG A 1 156 ? 17.90404  -15.62069 2.97104   1.000 30.29432 ?  132 ARG A NH1 1 
ATOM   1111 N NH2 . ARG A 1 156 ? 17.34049  -14.92530 0.85193   1.000 29.07131 ?  132 ARG A NH2 1 
ATOM   1112 N N   . ALA A 1 157 ? 16.91637  -8.23976  4.42760   1.000 21.39183 ?  133 ALA A N   1 
ATOM   1113 C CA  . ALA A 1 157 ? 15.70996  -7.42053  4.37433   1.000 20.55082 ?  133 ALA A CA  1 
ATOM   1114 C C   . ALA A 1 157 ? 15.98808  -6.06603  3.73842   1.000 24.01211 ?  133 ALA A C   1 
ATOM   1115 O O   . ALA A 1 157 ? 15.21705  -5.59440  2.88862   1.000 22.58742 ?  133 ALA A O   1 
ATOM   1116 C CB  . ALA A 1 157 ? 15.15200  -7.23586  5.78357   1.000 22.77234 ?  133 ALA A CB  1 
ATOM   1117 N N   . GLU A 1 158 ? 17.08143  -5.41461  4.14015   1.000 23.04950 ?  134 GLU A N   1 
ATOM   1118 C CA  . GLU A 1 158 ? 17.40475  -4.12184  3.55656   1.000 23.34465 ?  134 GLU A CA  1 
ATOM   1119 C C   . GLU A 1 158 ? 17.76798  -4.25390  2.08323   1.000 22.22236 ?  134 GLU A C   1 
ATOM   1120 O O   . GLU A 1 158 ? 17.41501  -3.38338  1.27972   1.000 23.94894 ?  134 GLU A O   1 
ATOM   1121 C CB  . GLU A 1 158 ? 18.51908  -3.43798  4.35483   1.000 25.53205 ?  134 GLU A CB  1 
ATOM   1122 C CG  . GLU A 1 158 ? 18.08675  -3.00122  5.75353   1.000 33.96920 ?  134 GLU A CG  1 
ATOM   1123 C CD  . GLU A 1 158 ? 16.75743  -2.25423  5.76558   1.000 60.40519 ?  134 GLU A CD  1 
ATOM   1124 O OE1 . GLU A 1 158 ? 16.54492  -1.37678  4.89839   1.000 55.08912 ?  134 GLU A OE1 1 
ATOM   1125 O OE2 . GLU A 1 158 ? 15.91861  -2.55240  6.64352   1.000 57.13014 -1 134 GLU A OE2 1 
ATOM   1126 N N   . GLU A 1 159 ? 18.47362  -5.32849  1.70726   1.000 20.94250 ?  135 GLU A N   1 
ATOM   1127 C CA  A GLU A 1 159 ? 18.80384  -5.53025  0.29928   0.558 23.34469 ?  135 GLU A CA  1 
ATOM   1128 C CA  B GLU A 1 159 ? 18.80348  -5.52510  0.30031   0.442 23.31257 ?  135 GLU A CA  1 
ATOM   1129 C C   . GLU A 1 159 ? 17.54153  -5.69664  -0.53192  1.000 23.47701 ?  135 GLU A C   1 
ATOM   1130 O O   . GLU A 1 159 ? 17.43021  -5.13458  -1.63074  1.000 22.03550 ?  135 GLU A O   1 
ATOM   1131 C CB  A GLU A 1 159 ? 19.71713  -6.74732  0.13197   0.558 23.35608 ?  135 GLU A CB  1 
ATOM   1132 C CB  B GLU A 1 159 ? 19.73294  -6.72829  0.13702   0.442 23.40460 ?  135 GLU A CB  1 
ATOM   1133 C CG  A GLU A 1 159 ? 19.86175  -7.24216  -1.30977  0.558 22.04914 ?  135 GLU A CG  1 
ATOM   1134 C CG  B GLU A 1 159 ? 21.17522  -6.44496  0.53532   0.442 29.27020 ?  135 GLU A CG  1 
ATOM   1135 C CD  A GLU A 1 159 ? 20.66133  -6.29303  -2.18694  0.558 33.50649 ?  135 GLU A CD  1 
ATOM   1136 C CD  B GLU A 1 159 ? 22.05796  -7.67343  0.46689   0.442 39.25032 ?  135 GLU A CD  1 
ATOM   1137 O OE1 A GLU A 1 159 ? 21.36851  -5.42220  -1.63770  0.558 36.98324 ?  135 GLU A OE1 1 
ATOM   1138 O OE1 B GLU A 1 159 ? 21.56779  -8.73240  0.02383   0.442 36.79161 ?  135 GLU A OE1 1 
ATOM   1139 O OE2 A GLU A 1 159 ? 20.58647  -6.42012  -3.42884  0.558 29.35810 -1 135 GLU A OE2 1 
ATOM   1140 O OE2 B GLU A 1 159 ? 23.24078  -7.58056  0.86218   0.442 37.69346 -1 135 GLU A OE2 1 
ATOM   1141 N N   . LEU A 1 160 ? 16.58079  -6.46231  -0.01794  1.000 19.91794 ?  136 LEU A N   1 
ATOM   1142 C CA  . LEU A 1 160 ? 15.31945  -6.63450  -0.72842  1.000 18.21065 ?  136 LEU A CA  1 
ATOM   1143 C C   . LEU A 1 160 ? 14.60319  -5.29782  -0.89535  1.000 18.16431 ?  136 LEU A C   1 
ATOM   1144 O O   . LEU A 1 160 ? 14.16593  -4.95583  -1.99773  1.000 17.43893 ?  136 LEU A O   1 
ATOM   1145 C CB  . LEU A 1 160 ? 14.44730  -7.62431  0.03518   1.000 17.81297 ?  136 LEU A CB  1 
ATOM   1146 C CG  . LEU A 1 160 ? 13.02725  -7.78480  -0.52206  1.000 17.70573 ?  136 LEU A CG  1 
ATOM   1147 C CD1 . LEU A 1 160 ? 13.09449  -8.39348  -1.90664  1.000 19.99182 ?  136 LEU A CD1 1 
ATOM   1148 C CD2 . LEU A 1 160 ? 12.25073  -8.66580  0.41419   1.000 20.92168 ?  136 LEU A CD2 1 
ATOM   1149 N N   . LYS A 1 161 ? 14.48602  -4.51966  0.18351   1.000 18.53735 ?  137 LYS A N   1 
ATOM   1150 C CA  . LYS A 1 161 ? 13.76182  -3.25661  0.07033   1.000 17.93649 ?  137 LYS A CA  1 
ATOM   1151 C C   . LYS A 1 161 ? 14.46470  -2.28563  -0.87058  1.000 20.25839 ?  137 LYS A C   1 
ATOM   1152 O O   . LYS A 1 161 ? 13.81339  -1.55807  -1.62595  1.000 20.34721 ?  137 LYS A O   1 
ATOM   1153 C CB  . LYS A 1 161 ? 13.59072  -2.61988  1.44262   1.000 19.73925 ?  137 LYS A CB  1 
ATOM   1154 C CG  . LYS A 1 161 ? 12.62321  -3.34385  2.33414   1.000 22.39779 ?  137 LYS A CG  1 
ATOM   1155 C CD  . LYS A 1 161 ? 12.34203  -2.49941  3.56170   1.000 23.60279 ?  137 LYS A CD  1 
ATOM   1156 C CE  . LYS A 1 161 ? 11.26852  -3.11640  4.42558   1.000 28.55346 ?  137 LYS A CE  1 
ATOM   1157 N NZ  . LYS A 1 161 ? 10.95145  -2.21523  5.57976   1.000 25.75296 ?  137 LYS A NZ  1 
ATOM   1158 N N   . GLN A 1 162 ? 15.80096  -2.26133  -0.83392  1.000 20.12209 ?  138 GLN A N   1 
ATOM   1159 C CA  . GLN A 1 162 ? 16.56348  -1.39489  -1.71992  1.000 19.80755 ?  138 GLN A CA  1 
ATOM   1160 C C   . GLN A 1 162 ? 16.35657  -1.78887  -3.17293  1.000 18.48735 ?  138 GLN A C   1 
ATOM   1161 O O   . GLN A 1 162 ? 16.15575  -0.92625  -4.03477  1.000 19.05361 ?  138 GLN A O   1 
ATOM   1162 C CB  . GLN A 1 162 ? 18.04016  -1.52867  -1.34789  1.000 24.46767 ?  138 GLN A CB  1 
ATOM   1163 C CG  . GLN A 1 162 ? 19.00445  -0.65998  -2.11929  1.000 34.07924 ?  138 GLN A CG  1 
ATOM   1164 C CD  . GLN A 1 162 ? 20.36642  -0.60992  -1.44219  1.000 57.54037 ?  138 GLN A CD  1 
ATOM   1165 O OE1 . GLN A 1 162 ? 20.85219  0.45752   -1.06461  1.000 68.78084 ?  138 GLN A OE1 1 
ATOM   1166 N NE2 . GLN A 1 162 ? 20.98123  -1.77739  -1.27067  1.000 53.85096 ?  138 GLN A NE2 1 
ATOM   1167 N N   . THR A 1 163 ? 16.44841  -3.08935  -3.46681  1.000 17.93483 ?  139 THR A N   1 
ATOM   1168 C CA  . THR A 1 163 ? 16.24684  -3.55210  -4.83627  1.000 17.52160 ?  139 THR A CA  1 
ATOM   1169 C C   . THR A 1 163 ? 14.84406  -3.20767  -5.33186  1.000 16.09183 ?  139 THR A C   1 
ATOM   1170 O O   . THR A 1 163 ? 14.68775  -2.71118  -6.45121  1.000 16.28119 ?  139 THR A O   1 
ATOM   1171 C CB  . THR A 1 163 ? 16.50108  -5.04963  -4.92483  1.000 16.63495 ?  139 THR A CB  1 
ATOM   1172 O OG1 . THR A 1 163 ? 17.87977  -5.30763  -4.58593  1.000 20.03843 ?  139 THR A OG1 1 
ATOM   1173 C CG2 . THR A 1 163 ? 16.25770  -5.53126  -6.32131  1.000 20.65929 ?  139 THR A CG2 1 
ATOM   1174 N N   . LEU A 1 164 ? 13.81891  -3.43002  -4.48915  1.000 14.75109 ?  140 LEU A N   1 
ATOM   1175 C CA  . LEU A 1 164 ? 12.45004  -3.12503  -4.90274  1.000 14.49812 ?  140 LEU A CA  1 
ATOM   1176 C C   . LEU A 1 164 ? 12.26362  -1.63643  -5.16016  1.000 15.85780 ?  140 LEU A C   1 
ATOM   1177 O O   . LEU A 1 164 ? 11.64715  -1.24601  -6.15723  1.000 15.66537 ?  140 LEU A O   1 
ATOM   1178 C CB  . LEU A 1 164 ? 11.45720  -3.61281  -3.85131  1.000 16.64118 ?  140 LEU A CB  1 
ATOM   1179 C CG  . LEU A 1 164 ? 11.38911  -5.12717  -3.68588  1.000 14.67111 ?  140 LEU A CG  1 
ATOM   1180 C CD1 . LEU A 1 164 ? 10.54308  -5.48375  -2.49660  1.000 17.36081 ?  140 LEU A CD1 1 
ATOM   1181 C CD2 . LEU A 1 164 ? 10.83865  -5.80004  -4.94197  1.000 17.17598 ?  140 LEU A CD2 1 
ATOM   1182 N N   . ARG A 1 165 ? 12.80787  -0.78494  -4.28339  1.000 16.22435 ?  141 ARG A N   1 
ATOM   1183 C CA  . ARG A 1 165 ? 12.70524  0.65471   -4.50363  1.000 15.76701 ?  141 ARG A CA  1 
ATOM   1184 C C   . ARG A 1 165 ? 13.39307  1.07298   -5.79525  1.000 16.20204 ?  141 ARG A C   1 
ATOM   1185 O O   . ARG A 1 165 ? 12.86509  1.89393   -6.55778  1.000 17.14774 ?  141 ARG A O   1 
ATOM   1186 C CB  . ARG A 1 165 ? 13.31185  1.39522   -3.31221  1.000 18.27097 ?  141 ARG A CB  1 
ATOM   1187 C CG  . ARG A 1 165 ? 13.56132  2.87272   -3.52281  1.000 22.56893 ?  141 ARG A CG  1 
ATOM   1188 C CD  . ARG A 1 165 ? 12.31338  3.59685   -3.99241  1.000 27.29894 ?  141 ARG A CD  1 
ATOM   1189 N NE  . ARG A 1 165 ? 11.22481  3.47906   -3.03416  1.000 26.15377 ?  141 ARG A NE  1 
ATOM   1190 C CZ  . ARG A 1 165 ? 9.94660   3.69525   -3.32399  1.000 26.74409 ?  141 ARG A CZ  1 
ATOM   1191 N NH1 . ARG A 1 165 ? 9.58507   4.03595   -4.55681  1.000 25.91624 ?  141 ARG A NH1 1 
ATOM   1192 N NH2 . ARG A 1 165 ? 9.03323   3.56911   -2.37076  1.000 24.62612 ?  141 ARG A NH2 1 
ATOM   1193 N N   . GLN A 1 166 ? 14.57929  0.52750   -6.05638  1.000 17.96538 ?  142 GLN A N   1 
ATOM   1194 C CA  A GLN A 1 166 ? 15.28773  0.86374   -7.28916  0.439 19.56961 ?  142 GLN A CA  1 
ATOM   1195 C CA  B GLN A 1 166 ? 15.28234  0.87588   -7.28585  0.561 19.52362 ?  142 GLN A CA  1 
ATOM   1196 C C   . GLN A 1 166 ? 14.50244  0.42022   -8.51360  1.000 16.30079 ?  142 GLN A C   1 
ATOM   1197 O O   . GLN A 1 166 ? 14.42915  1.14157   -9.51545  1.000 18.48287 ?  142 GLN A O   1 
ATOM   1198 C CB  A GLN A 1 166 ? 16.66790  0.21204   -7.28685  0.439 20.02065 ?  142 GLN A CB  1 
ATOM   1199 C CB  B GLN A 1 166 ? 16.70469  0.30589   -7.24972  0.561 20.04310 ?  142 GLN A CB  1 
ATOM   1200 C CG  A GLN A 1 166 ? 17.67912  0.89738   -6.39476  0.439 21.40120 ?  142 GLN A CG  1 
ATOM   1201 C CG  B GLN A 1 166 ? 17.60156  1.03650   -6.24064  0.561 21.05883 ?  142 GLN A CG  1 
ATOM   1202 C CD  A GLN A 1 166 ? 19.05481  0.30341   -6.55803  0.439 18.30420 ?  142 GLN A CD  1 
ATOM   1203 C CD  B GLN A 1 166 ? 18.88287  0.29241   -5.88266  0.561 20.24166 ?  142 GLN A CD  1 
ATOM   1204 O OE1 A GLN A 1 166 ? 19.87384  0.79971   -7.33370  0.439 24.41221 ?  142 GLN A OE1 1 
ATOM   1205 O OE1 B GLN A 1 166 ? 19.56665  0.66559   -4.93272  0.561 29.94926 ?  142 GLN A OE1 1 
ATOM   1206 N NE2 A GLN A 1 166 ? 19.30869  -0.78091  -5.85022  0.439 18.00910 ?  142 GLN A NE2 1 
ATOM   1207 N NE2 B GLN A 1 166 ? 19.21589  -0.74747  -6.63686  0.561 21.24250 ?  142 GLN A NE2 1 
ATOM   1208 N N   A MET A 1 167 ? 13.88924  -0.76653  -8.44866  0.500 16.31081 ?  143 MET A N   1 
ATOM   1209 N N   B MET A 1 167 ? 13.89072  -0.76564  -8.44607  0.500 16.30828 ?  143 MET A N   1 
ATOM   1210 C CA  A MET A 1 167 ? 13.08050  -1.24306  -9.56769  0.500 17.28761 ?  143 MET A CA  1 
ATOM   1211 C CA  B MET A 1 167 ? 13.08158  -1.24426  -9.56294  0.500 17.29347 ?  143 MET A CA  1 
ATOM   1212 C C   A MET A 1 167 ? 11.87121  -0.34469  -9.80603  0.500 15.30148 ?  143 MET A C   1 
ATOM   1213 C C   B MET A 1 167 ? 11.87532  -0.34281  -9.80467  0.500 15.31823 ?  143 MET A C   1 
ATOM   1214 O O   A MET A 1 167 ? 11.55391  -0.00587  -10.95401 0.500 16.69814 ?  143 MET A O   1 
ATOM   1215 O O   B MET A 1 167 ? 11.56177  -0.00339  -10.95363 0.500 16.68787 ?  143 MET A O   1 
ATOM   1216 C CB  A MET A 1 167 ? 12.64322  -2.68065  -9.30918  0.500 18.99254 ?  143 MET A CB  1 
ATOM   1217 C CB  B MET A 1 167 ? 12.63307  -2.67232  -9.28405  0.500 18.98637 ?  143 MET A CB  1 
ATOM   1218 C CG  A MET A 1 167 ? 13.68726  -3.69141  -9.69574  0.500 17.69199 ?  143 MET A CG  1 
ATOM   1219 C CG  B MET A 1 167 ? 13.77842  -3.63521  -9.12127  0.500 20.18851 ?  143 MET A CG  1 
ATOM   1220 S SD  A MET A 1 167 ? 13.13916  -5.37701  -9.41980  0.500 23.54943 ?  143 MET A SD  1 
ATOM   1221 S SD  B MET A 1 167 ? 13.17439  -5.30948  -8.92811  0.500 24.59482 ?  143 MET A SD  1 
ATOM   1222 C CE  A MET A 1 167 ? 14.55182  -6.28245  -9.99414  0.500 18.29965 ?  143 MET A CE  1 
ATOM   1223 C CE  B MET A 1 167 ? 11.96984  -5.23761  -10.21766 0.500 9.20385  ?  143 MET A CE  1 
ATOM   1224 N N   . ILE A 1 168 ? 11.19349  0.06739   -8.73157  1.000 15.80391 ?  144 ILE A N   1 
ATOM   1225 C CA  . ILE A 1 168 ? 10.04280  0.95328   -8.89208  1.000 15.55141 ?  144 ILE A CA  1 
ATOM   1226 C C   . ILE A 1 168 ? 10.48261  2.24152   -9.56532  1.000 16.74669 ?  144 ILE A C   1 
ATOM   1227 O O   . ILE A 1 168 ? 9.87378   2.70212   -10.54068 1.000 16.83416 ?  144 ILE A O   1 
ATOM   1228 C CB  . ILE A 1 168 ? 9.36343   1.22459   -7.53691  1.000 16.27574 ?  144 ILE A CB  1 
ATOM   1229 C CG1 . ILE A 1 168 ? 8.73072   -0.05540  -6.96955  1.000 15.67826 ?  144 ILE A CG1 1 
ATOM   1230 C CG2 . ILE A 1 168 ? 8.36167   2.37279   -7.63668  1.000 17.29797 ?  144 ILE A CG2 1 
ATOM   1231 C CD1 . ILE A 1 168 ? 8.48396   0.00601   -5.45775  1.000 18.37869 ?  144 ILE A CD1 1 
ATOM   1232 N N   . ASP A 1 169 ? 11.58791  2.82270   -9.07378  1.000 17.83985 ?  145 ASP A N   1 
ATOM   1233 C CA  . ASP A 1 169 ? 11.99070  4.11944   -9.59984  1.000 20.50118 ?  145 ASP A CA  1 
ATOM   1234 C C   . ASP A 1 169 ? 12.45255  4.01673   -11.04437 1.000 19.00766 ?  145 ASP A C   1 
ATOM   1235 O O   . ASP A 1 169 ? 12.29571  4.97445   -11.81136 1.000 23.18317 ?  145 ASP A O   1 
ATOM   1236 C CB  . ASP A 1 169 ? 13.06234  4.74669   -8.70590  1.000 24.25974 ?  145 ASP A CB  1 
ATOM   1237 C CG  . ASP A 1 169 ? 12.52203  5.18658   -7.34268  1.000 26.04317 ?  145 ASP A CG  1 
ATOM   1238 O OD1 . ASP A 1 169 ? 11.29867  5.06782   -7.07382  1.000 29.45105 ?  145 ASP A OD1 1 
ATOM   1239 O OD2 . ASP A 1 169 ? 13.33254  5.67733   -6.52589  1.000 31.68252 -1 145 ASP A OD2 1 
ATOM   1240 N N   . LEU A 1 170 ? 12.96111  2.85400   -11.45016 1.000 18.25152 ?  146 LEU A N   1 
ATOM   1241 C CA  . LEU A 1 170 ? 13.33718  2.65041   -12.84265 1.000 19.97893 ?  146 LEU A CA  1 
ATOM   1242 C C   . LEU A 1 170 ? 12.14846  2.36884   -13.75533 1.000 20.43791 ?  146 LEU A C   1 
ATOM   1243 O O   . LEU A 1 170 ? 12.25604  2.58980   -14.96839 1.000 27.73664 ?  146 LEU A O   1 
ATOM   1244 C CB  . LEU A 1 170 ? 14.32183  1.48576   -12.96462 1.000 19.95582 ?  146 LEU A CB  1 
ATOM   1245 C CG  . LEU A 1 170 ? 15.74709  1.77669   -12.51428 1.000 20.48657 ?  146 LEU A CG  1 
ATOM   1246 C CD1 . LEU A 1 170 ? 16.53878  0.48393   -12.53905 1.000 24.07611 ?  146 LEU A CD1 1 
ATOM   1247 C CD2 . LEU A 1 170 ? 16.35832  2.84235   -13.41508 1.000 24.62638 ?  146 LEU A CD2 1 
ATOM   1248 N N   . HIS A 1 171 ? 11.03033  1.85809   -13.22495 1.000 17.28004 ?  147 HIS A N   1 
ATOM   1249 C CA  . HIS A 1 171 ? 9.93270   1.44433   -14.08911 1.000 17.92892 ?  147 HIS A CA  1 
ATOM   1250 C C   . HIS A 1 171 ? 8.68293   2.30649   -13.99422 1.000 18.57896 ?  147 HIS A C   1 
ATOM   1251 O O   . HIS A 1 171 ? 7.76488   2.13039   -14.80408 1.000 22.07675 ?  147 HIS A O   1 
ATOM   1252 C CB  . HIS A 1 171 ? 9.62264   -0.03927  -13.84744 1.000 18.08065 ?  147 HIS A CB  1 
ATOM   1253 C CG  . HIS A 1 171 ? 10.69234  -0.93494  -14.38611 1.000 16.96075 ?  147 HIS A CG  1 
ATOM   1254 N ND1 . HIS A 1 171 ? 11.76272  -1.39297  -13.64433 1.000 21.14855 ?  147 HIS A ND1 1 
ATOM   1255 C CD2 . HIS A 1 171 ? 10.87154  -1.41024  -15.63634 1.000 16.00750 ?  147 HIS A CD2 1 
ATOM   1256 C CE1 . HIS A 1 171 ? 12.54365  -2.12855  -14.42286 1.000 16.51023 ?  147 HIS A CE1 1 
ATOM   1257 N NE2 . HIS A 1 171 ? 12.02794  -2.14695  -15.63485 1.000 22.80520 ?  147 HIS A NE2 1 
ATOM   1258 N N   . VAL A 1 172 ? 8.62163   3.23568   -13.04890 1.000 17.85228 ?  148 VAL A N   1 
ATOM   1259 C CA  . VAL A 1 172 ? 7.45626   4.10017   -12.94638 1.000 20.18379 ?  148 VAL A CA  1 
ATOM   1260 C C   . VAL A 1 172 ? 7.41394   5.05293   -14.13721 1.000 25.36688 ?  148 VAL A C   1 
ATOM   1261 O O   . VAL A 1 172 ? 8.44921   5.43034   -14.70116 1.000 30.38793 ?  148 VAL A O   1 
ATOM   1262 C CB  . VAL A 1 172 ? 7.49759   4.84097   -11.59886 1.000 22.63009 ?  148 VAL A CB  1 
ATOM   1263 C CG1 . VAL A 1 172 ? 8.57241   5.93237   -11.60336 1.000 25.50229 ?  148 VAL A CG1 1 
ATOM   1264 C CG2 . VAL A 1 172 ? 6.13674   5.39360   -11.24947 1.000 27.82020 ?  148 VAL A CG2 1 
ATOM   1265 N N   . HIS A 1 173 ? 6.20362   5.41986   -14.54795 1.000 27.99720 ?  149 HIS A N   1 
ATOM   1266 C CA  . HIS A 1 173 ? 6.03000   6.35261   -15.65908 1.000 46.25565 ?  149 HIS A CA  1 
ATOM   1267 C C   . HIS A 1 173 ? 5.75931   7.76314   -15.14912 1.000 44.75557 ?  149 HIS A C   1 
ATOM   1268 O O   . HIS A 1 173 ? 5.33656   7.94461   -14.00771 1.000 39.07327 ?  149 HIS A O   1 
ATOM   1269 C CB  . HIS A 1 173 ? 4.88629   5.89761   -16.56285 1.000 50.40327 ?  149 HIS A CB  1 
ATOM   1270 C CG  . HIS A 1 173 ? 5.16834   4.62235   -17.29132 1.000 63.51756 ?  149 HIS A CG  1 
ATOM   1271 N ND1 . HIS A 1 173 ? 6.38558   4.35587   -17.88104 1.000 71.17401 ?  149 HIS A ND1 1 
ATOM   1272 C CD2 . HIS A 1 173 ? 4.38945   3.54114   -17.52946 1.000 67.36442 ?  149 HIS A CD2 1 
ATOM   1273 C CE1 . HIS A 1 173 ? 6.34500   3.16402   -18.44931 1.000 71.25295 ?  149 HIS A CE1 1 
ATOM   1274 N NE2 . HIS A 1 173 ? 5.14490   2.64864   -18.25053 1.000 75.89820 ?  149 HIS A NE2 1 
HETATM 1275 C C   . IAC B 2 .   ? 0.03670   -0.10675  -1.05029  1.000 12.66715 ?  201 IAC A C   1 
HETATM 1276 C C1  . IAC B 2 .   ? -0.09666  -1.30796  -0.36051  1.000 12.79022 ?  201 IAC A C1  1 
HETATM 1277 C C2  . IAC B 2 .   ? -0.21313  -1.30599  1.04392   1.000 13.37379 ?  201 IAC A C2  1 
HETATM 1278 C C3  . IAC B 2 .   ? -0.20680  -0.08524  1.72111   1.000 14.22198 ?  201 IAC A C3  1 
HETATM 1279 C C4  . IAC B 2 .   ? -0.07298  1.11826   1.01092   1.000 14.53477 ?  201 IAC A C4  1 
HETATM 1280 C C5  . IAC B 2 .   ? 0.03576   1.11226   -0.36734  1.000 15.25098 ?  201 IAC A C5  1 
HETATM 1281 C C7  . IAC B 2 .   ? -0.06251  -2.31733  -1.36105  1.000 12.89492 ?  201 IAC A C7  1 
HETATM 1282 C C8  . IAC B 2 .   ? 0.06718   -1.67658  -2.57044  1.000 13.51841 ?  201 IAC A C8  1 
HETATM 1283 C C17 . IAC B 2 .   ? -0.11914  -3.83158  -1.17692  1.000 15.50657 ?  201 IAC A C17 1 
HETATM 1284 C C18 . IAC B 2 .   ? -1.04590  -4.30899  -0.08266  1.000 13.48050 ?  201 IAC A C18 1 
HETATM 1285 N N   . IAC B 2 .   ? 0.13505   -0.35696  -2.36679  1.000 13.29397 ?  201 IAC A N   1 
HETATM 1286 O O2  . IAC B 2 .   ? -2.26144  -4.01813  -0.15840  1.000 14.52137 ?  201 IAC A O2  1 
HETATM 1287 O O3  . IAC B 2 .   ? -0.59552  -4.99771  0.85707   1.000 14.85437 ?  201 IAC A O3  1 
HETATM 1288 S S   . SO4 C 3 .   ? -11.98708 -6.02574  0.32140   1.000 28.14206 ?  202 SO4 A S   1 
HETATM 1289 O O1  . SO4 C 3 .   ? -11.84502 -5.77720  1.77381   1.000 30.74494 ?  202 SO4 A O1  1 
HETATM 1290 O O2  . SO4 C 3 .   ? -11.26885 -7.25864  -0.13911  1.000 28.42112 ?  202 SO4 A O2  1 
HETATM 1291 O O3  . SO4 C 3 .   ? -11.33900 -4.85946  -0.27917  1.000 37.77949 ?  202 SO4 A O3  1 
HETATM 1292 O O4  . SO4 C 3 .   ? -13.39215 -6.00063  -0.16264  1.000 32.30368 ?  202 SO4 A O4  1 
HETATM 1293 S S   . SO4 D 3 .   ? -7.07091  -10.56406 -0.33543  0.782 25.80259 ?  203 SO4 A S   1 
HETATM 1294 O O1  . SO4 D 3 .   ? -6.03769  -10.18753 -1.29487  0.782 41.76485 ?  203 SO4 A O1  1 
HETATM 1295 O O2  . SO4 D 3 .   ? -6.79663  -11.92295 0.13342   0.782 34.84116 ?  203 SO4 A O2  1 
HETATM 1296 O O3  . SO4 D 3 .   ? -7.07663  -9.59705  0.73645   0.782 33.63705 ?  203 SO4 A O3  1 
HETATM 1297 O O4  . SO4 D 3 .   ? -8.36042  -10.52742 -1.02417  0.782 32.33380 ?  203 SO4 A O4  1 
HETATM 1298 S S   . SO4 E 3 .   ? -7.77962  18.68871  8.69972   0.404 12.73917 ?  204 SO4 A S   1 
HETATM 1299 O O1  . SO4 E 3 .   ? -7.08380  19.63466  9.57136   0.404 15.93567 ?  204 SO4 A O1  1 
HETATM 1300 O O2  . SO4 E 3 .   ? -6.95725  17.51591  8.42417   0.404 13.74731 ?  204 SO4 A O2  1 
HETATM 1301 O O3  . SO4 E 3 .   ? -8.98668  18.25002  9.34332   0.404 11.04826 -1 204 SO4 A O3  1 
HETATM 1302 O O4  . SO4 E 3 .   ? -8.11774  19.33490  7.44309   0.404 15.78289 ?  204 SO4 A O4  1 
HETATM 1303 S S   . SO4 F 3 .   ? -13.05055 2.73365   8.79910   0.545 47.55253 ?  205 SO4 A S   1 
HETATM 1304 O O1  . SO4 F 3 .   ? -11.74636 2.97655   8.19071   0.545 44.74671 ?  205 SO4 A O1  1 
HETATM 1305 O O2  . SO4 F 3 .   ? -12.89401 1.89324   9.98378   0.545 34.98903 ?  205 SO4 A O2  1 
HETATM 1306 O O3  . SO4 F 3 .   ? -13.65655 4.00278   9.19276   0.545 41.91668 ?  205 SO4 A O3  1 
HETATM 1307 O O4  . SO4 F 3 .   ? -13.90468 2.06380   7.82528   0.545 37.95581 ?  205 SO4 A O4  1 
HETATM 1308 O O   . HOH G 4 .   ? -6.10352  6.87440   16.86151  1.000 46.96190 ?  301 HOH A O   1 
HETATM 1309 O O   . HOH G 4 .   ? -16.00725 3.49553   4.83401   1.000 38.48251 ?  302 HOH A O   1 
HETATM 1310 O O   . HOH G 4 .   ? -12.61491 3.36432   6.21277   1.000 44.60765 ?  303 HOH A O   1 
HETATM 1311 O O   . HOH G 4 .   ? 0.59923   9.19820   13.54662  1.000 52.49515 ?  304 HOH A O   1 
HETATM 1312 O O   . HOH G 4 .   ? -2.26852  7.32954   -13.96893 1.000 56.51821 ?  305 HOH A O   1 
HETATM 1313 O O   . HOH G 4 .   ? -9.62677  -13.33917 4.52899   1.000 47.54057 ?  306 HOH A O   1 
HETATM 1314 O O   . HOH G 4 .   ? -16.97999 7.45035   9.59932   1.000 50.76844 ?  307 HOH A O   1 
HETATM 1315 O O   . HOH G 4 .   ? -1.65036  -15.43153 2.38885   1.000 22.31472 ?  308 HOH A O   1 
HETATM 1316 O O   . HOH G 4 .   ? -13.97390 7.58537   -11.93665 1.000 32.68364 ?  309 HOH A O   1 
HETATM 1317 O O   . HOH G 4 .   ? 12.51284  -19.06040 -16.00127 1.000 35.94481 ?  310 HOH A O   1 
HETATM 1318 O O   . HOH G 4 .   ? 7.69397   -0.37369  7.34258   1.000 37.32867 ?  311 HOH A O   1 
HETATM 1319 O O   . HOH G 4 .   ? -8.81791  21.56939  6.86304   1.000 18.83688 ?  312 HOH A O   1 
HETATM 1320 O O   . HOH G 4 .   ? -10.70105 -10.48051 8.48232   1.000 33.75634 ?  313 HOH A O   1 
HETATM 1321 O O   . HOH G 4 .   ? 3.90976   -24.48549 -9.90191  1.000 36.06889 ?  314 HOH A O   1 
HETATM 1322 O O   . HOH G 4 .   ? -11.00774 -2.75880  -1.48015  1.000 20.63191 ?  315 HOH A O   1 
HETATM 1323 O O   . HOH G 4 .   ? -13.88673 5.14208   3.56734   1.000 31.86894 ?  316 HOH A O   1 
HETATM 1324 O O   . HOH G 4 .   ? 9.80776   -27.87067 -9.80646  1.000 55.97712 ?  317 HOH A O   1 
HETATM 1325 O O   . HOH G 4 .   ? 16.86876  -0.91609  2.49069   1.000 41.20721 ?  318 HOH A O   1 
HETATM 1326 O O   . HOH G 4 .   ? -15.39367 -7.42825  -0.62164  1.000 25.03099 ?  319 HOH A O   1 
HETATM 1327 O O   . HOH G 4 .   ? -6.94997  -11.70091 2.83388   1.000 25.78549 ?  320 HOH A O   1 
HETATM 1328 O O   . HOH G 4 .   ? -13.39001 -7.71352  13.81250  1.000 35.29110 ?  321 HOH A O   1 
HETATM 1329 O O   . HOH G 4 .   ? -11.10223 -11.05745 5.81889   1.000 26.81761 ?  322 HOH A O   1 
HETATM 1330 O O   . HOH G 4 .   ? 0.34657   -2.47986  18.47743  1.000 52.47450 ?  323 HOH A O   1 
HETATM 1331 O O   . HOH G 4 .   ? 16.60839  -17.33021 9.80902   1.000 27.43392 ?  324 HOH A O   1 
HETATM 1332 O O   . HOH G 4 .   ? 0.21775   -7.60675  -5.54174  1.000 26.99303 ?  325 HOH A O   1 
HETATM 1333 O O   . HOH G 4 .   ? 18.72031  -7.94580  -4.44934  1.000 26.47108 ?  326 HOH A O   1 
HETATM 1334 O O   . HOH G 4 .   ? 9.26940   -10.83461 -18.48691 1.000 16.10904 ?  327 HOH A O   1 
HETATM 1335 O O   . HOH G 4 .   ? -15.00477 -9.12946  11.43036  1.000 32.81981 ?  328 HOH A O   1 
HETATM 1336 O O   . HOH G 4 .   ? -14.80735 -0.27957  5.60767   1.000 28.40222 ?  329 HOH A O   1 
HETATM 1337 O O   . HOH G 4 .   ? -12.43366 18.79994  -2.24880  1.000 44.32808 ?  330 HOH A O   1 
HETATM 1338 O O   . HOH G 4 .   ? 7.10052   0.67779   -16.92192 1.000 25.21575 ?  331 HOH A O   1 
HETATM 1339 O O   . HOH G 4 .   ? -3.69591  -3.76671  -7.06783  1.000 29.79011 ?  332 HOH A O   1 
HETATM 1340 O O   . HOH G 4 .   ? 2.75005   -7.14353  -1.49679  1.000 14.65667 ?  333 HOH A O   1 
HETATM 1341 O O   . HOH G 4 .   ? -2.73538  -17.65194 -3.73965  1.000 30.20158 ?  334 HOH A O   1 
HETATM 1342 O O   . HOH G 4 .   ? 8.30729   -3.05164  10.11867  1.000 30.32721 ?  335 HOH A O   1 
HETATM 1343 O O   . HOH G 4 .   ? 8.66397   -14.59824 5.93992   1.000 20.12536 ?  336 HOH A O   1 
HETATM 1344 O O   . HOH G 4 .   ? -13.30012 17.03215  -4.05685  1.000 48.11702 ?  337 HOH A O   1 
HETATM 1345 O O   . HOH G 4 .   ? -1.99015  2.39160   -11.05874 1.000 31.34304 ?  338 HOH A O   1 
HETATM 1346 O O   . HOH G 4 .   ? 9.09128   6.39544   -7.83696  1.000 38.05711 ?  339 HOH A O   1 
HETATM 1347 O O   . HOH G 4 .   ? 6.55031   5.98147   -6.89296  1.000 34.12934 ?  340 HOH A O   1 
HETATM 1348 O O   . HOH G 4 .   ? -0.76793  16.23955  3.96902   1.000 42.08473 ?  341 HOH A O   1 
HETATM 1349 O O   . HOH G 4 .   ? 20.35942  -10.93437 6.53209   1.000 30.70999 ?  342 HOH A O   1 
HETATM 1350 O O   . HOH G 4 .   ? 3.22020   -14.21374 8.50344   1.000 38.94643 ?  343 HOH A O   1 
HETATM 1351 O O   . HOH G 4 .   ? 2.82411   6.83340   3.95141   1.000 25.75147 ?  344 HOH A O   1 
HETATM 1352 O O   . HOH G 4 .   ? 5.57488   -21.09467 -6.65907  1.000 23.55992 ?  345 HOH A O   1 
HETATM 1353 O O   . HOH G 4 .   ? -14.58539 3.82328   -14.81944 1.000 36.04051 ?  346 HOH A O   1 
HETATM 1354 O O   . HOH G 4 .   ? -6.36914  1.75602   13.08107  1.000 24.46384 ?  347 HOH A O   1 
HETATM 1355 O O   . HOH G 4 .   ? -3.57282  -12.75808 8.70629   1.000 32.51155 ?  348 HOH A O   1 
HETATM 1356 O O   . HOH G 4 .   ? -6.81887  -0.94106  -3.93817  1.000 30.17626 ?  349 HOH A O   1 
HETATM 1357 O O   . HOH G 4 .   ? -0.98361  -4.43034  3.51672   1.000 15.31888 ?  350 HOH A O   1 
HETATM 1358 O O   . HOH G 4 .   ? 12.29399  7.58259   -10.94421 1.000 33.54020 ?  351 HOH A O   1 
HETATM 1359 O O   . HOH G 4 .   ? -15.57498 4.67475   1.49296   1.000 35.29262 ?  352 HOH A O   1 
HETATM 1360 O O   . HOH G 4 .   ? -10.22098 -1.29874  -10.35771 1.000 33.31182 ?  353 HOH A O   1 
HETATM 1361 O O   . HOH G 4 .   ? -1.04780  6.73978   -12.20780 1.000 31.22887 ?  354 HOH A O   1 
HETATM 1362 O O   . HOH G 4 .   ? 8.15081   -15.22022 10.46877  1.000 32.77421 ?  355 HOH A O   1 
HETATM 1363 O O   . HOH G 4 .   ? -12.56536 15.99206  3.79408   1.000 32.96091 ?  356 HOH A O   1 
HETATM 1364 O O   . HOH G 4 .   ? -10.84461 8.91895   13.21989  1.000 30.25527 ?  357 HOH A O   1 
HETATM 1365 O O   . HOH G 4 .   ? -6.12668  3.97504   15.05194  1.000 26.94207 ?  358 HOH A O   1 
HETATM 1366 O O   . HOH G 4 .   ? -13.39147 17.75132  1.42557   1.000 42.13597 ?  359 HOH A O   1 
HETATM 1367 O O   . HOH G 4 .   ? -12.43833 15.37523  8.50175   1.000 23.52279 ?  360 HOH A O   1 
HETATM 1368 O O   . HOH G 4 .   ? -7.60248  21.89839  4.27580   1.000 29.03671 ?  361 HOH A O   1 
HETATM 1369 O O   . HOH G 4 .   ? 12.62554  -20.33730 -7.31833  1.000 32.75975 ?  362 HOH A O   1 
HETATM 1370 O O   . HOH G 4 .   ? -2.29293  15.57346  5.79484   1.000 38.60900 ?  363 HOH A O   1 
HETATM 1371 O O   . HOH G 4 .   ? 18.98355  3.16207   -8.51879  1.000 28.50152 ?  364 HOH A O   1 
HETATM 1372 O O   . HOH G 4 .   ? -1.58992  13.27610  3.26544   1.000 20.91328 ?  365 HOH A O   1 
HETATM 1373 O O   . HOH G 4 .   ? -3.26831  -9.99129  -1.60836  1.000 22.45629 ?  366 HOH A O   1 
HETATM 1374 O O   . HOH G 4 .   ? -11.61469 1.57409   -13.15727 1.000 26.62026 ?  367 HOH A O   1 
HETATM 1375 O O   . HOH G 4 .   ? -10.31720 2.97513   12.87415  1.000 32.82616 ?  368 HOH A O   1 
HETATM 1376 O O   . HOH G 4 .   ? 0.42023   -16.70475 -4.97456  1.000 18.46464 ?  369 HOH A O   1 
HETATM 1377 O O   . HOH G 4 .   ? -6.06345  -14.76781 -0.26411  1.000 46.29695 ?  370 HOH A O   1 
HETATM 1378 O O   . HOH G 4 .   ? 6.05464   -22.52301 -9.31437  1.000 29.10741 ?  371 HOH A O   1 
HETATM 1379 O O   . HOH G 4 .   ? 6.79322   -19.84581 -9.37276  1.000 20.48040 ?  372 HOH A O   1 
HETATM 1380 O O   . HOH G 4 .   ? 1.82250   18.96079  -1.95056  1.000 46.38971 ?  373 HOH A O   1 
HETATM 1381 O O   . HOH G 4 .   ? -15.06518 13.60441  -8.23343  1.000 46.31309 ?  374 HOH A O   1 
HETATM 1382 O O   . HOH G 4 .   ? 12.43228  -8.16934  11.00297  1.000 32.11282 ?  375 HOH A O   1 
HETATM 1383 O O   . HOH G 4 .   ? 0.17051   -10.16671 -6.97650  1.000 18.99746 ?  376 HOH A O   1 
HETATM 1384 O O   . HOH G 4 .   ? 1.11044   4.38925   13.56345  1.000 31.45226 ?  377 HOH A O   1 
HETATM 1385 O O   . HOH G 4 .   ? -0.32091  12.67414  8.01506   1.000 33.88009 ?  378 HOH A O   1 
HETATM 1386 O O   . HOH G 4 .   ? -10.40545 -1.35296  -5.68123  1.000 47.27920 ?  379 HOH A O   1 
HETATM 1387 O O   . HOH G 4 .   ? 3.79009   4.55170   -13.29505 1.000 36.03561 ?  380 HOH A O   1 
HETATM 1388 O O   . HOH G 4 .   ? -10.42163 0.31823   13.44013  1.000 31.79621 ?  381 HOH A O   1 
HETATM 1389 O O   . HOH G 4 .   ? -9.62571  -6.71743  -2.42983  1.000 35.12881 ?  382 HOH A O   1 
HETATM 1390 O O   . HOH G 4 .   ? -11.61779 19.34711  8.89011   1.000 40.81820 ?  383 HOH A O   1 
HETATM 1391 O O   . HOH G 4 .   ? -5.57131  3.95233   -14.52022 1.000 34.10038 ?  384 HOH A O   1 
HETATM 1392 O O   . HOH G 4 .   ? 13.63033  4.93033   -16.06102 1.000 33.44672 ?  385 HOH A O   1 
HETATM 1393 O O   . HOH G 4 .   ? -4.52366  18.27046  9.99395   0.50  37.42526 ?  386 HOH A O   1 
HETATM 1394 O O   . HOH G 4 .   ? -7.64540  -1.03877  -9.71381  1.000 26.70179 ?  387 HOH A O   1 
HETATM 1395 O O   . HOH G 4 .   ? -11.79289 0.46009   -4.57484  1.000 31.10592 ?  388 HOH A O   1 
HETATM 1396 O O   . HOH G 4 .   ? -2.75708  13.36571  -11.37260 1.000 32.50615 ?  389 HOH A O   1 
HETATM 1397 O O   . HOH G 4 .   ? -0.50802  13.50220  -11.82313 1.000 48.96850 ?  390 HOH A O   1 
HETATM 1398 O O   . HOH G 4 .   ? 21.87950  -4.75554  3.03907   1.000 40.04116 ?  391 HOH A O   1 
HETATM 1399 O O   . HOH G 4 .   ? -4.63026  14.85152  -10.64194 1.000 43.56328 ?  392 HOH A O   1 
HETATM 1400 O O   . HOH G 4 .   ? 14.82366  -8.75716  9.59668   1.000 39.67662 ?  393 HOH A O   1 
HETATM 1401 O O   . HOH G 4 .   ? -3.22826  -16.44708 0.32376   1.000 29.45786 ?  394 HOH A O   1 
HETATM 1402 O O   . HOH G 4 .   ? 3.82126   7.70266   -9.90380  1.000 38.68022 ?  395 HOH A O   1 
HETATM 1403 O O   . HOH G 4 .   ? 6.53607   13.26020  3.57264   1.000 57.26951 ?  396 HOH A O   1 
HETATM 1404 O O   . HOH G 4 .   ? -13.23068 7.14392   9.66902   1.000 45.98768 ?  397 HOH A O   1 
HETATM 1405 O O   . HOH G 4 .   ? -3.91064  -14.93874 4.21395   1.000 33.10362 ?  398 HOH A O   1 
HETATM 1406 O O   . HOH G 4 .   ? 2.94984   6.99320   -12.25439 1.000 40.82469 ?  399 HOH A O   1 
HETATM 1407 O O   . HOH G 4 .   ? 16.18105  -9.43498  11.68024  1.000 47.45278 ?  400 HOH A O   1 
HETATM 1408 O O   . HOH G 4 .   ? 3.12144   16.27455  -4.94286  1.000 52.46112 ?  401 HOH A O   1 
HETATM 1409 O O   . HOH G 4 .   ? 14.88068  -19.10490 -6.96995  1.000 51.45839 ?  402 HOH A O   1 
HETATM 1410 O O   . HOH G 4 .   ? -1.44726  -5.50355  -5.93374  1.000 40.63105 ?  403 HOH A O   1 
HETATM 1411 O O   . HOH G 4 .   ? 4.07826   9.70018   -4.30652  1.000 48.65397 ?  404 HOH A O   1 
HETATM 1412 O O   . HOH G 4 .   ? -3.88281  4.71575   -13.65375 1.000 45.56747 ?  405 HOH A O   1 
HETATM 1413 O O   . HOH G 4 .   ? 23.39314  2.16552   -2.37332  1.000 41.55703 ?  406 HOH A O   1 
HETATM 1414 O O   . HOH G 4 .   ? -18.58510 8.93567   8.95079   1.000 47.22966 ?  407 HOH A O   1 
HETATM 1415 O O   . HOH G 4 .   ? -12.41551 9.27301   -13.70723 1.000 44.43305 ?  408 HOH A O   1 
HETATM 1416 O O   . HOH G 4 .   ? -5.64034  -7.13369  -3.04922  1.000 40.72912 ?  409 HOH A O   1 
HETATM 1417 O O   . HOH G 4 .   ? -9.47059  -4.12141  -3.53103  1.000 31.88804 ?  410 HOH A O   1 
HETATM 1418 O O   . HOH G 4 .   ? -4.67260  -2.14392  -11.29316 1.000 49.39630 ?  411 HOH A O   1 
HETATM 1419 O O   . HOH G 4 .   ? 16.71679  -9.01879  -2.64621  0.50  23.32575 ?  412 HOH A O   1 
HETATM 1420 O O   . HOH G 4 .   ? -2.13690  4.22256   -12.35584 1.000 45.89123 ?  413 HOH A O   1 
HETATM 1421 O O   . HOH G 4 .   ? 10.48164  -4.19172  9.29156   1.000 40.20793 ?  414 HOH A O   1 
HETATM 1422 O O   . HOH G 4 .   ? -11.67340 17.86505  -6.09559  1.000 47.88830 ?  415 HOH A O   1 
HETATM 1423 O O   . HOH G 4 .   ? -2.85017  -0.87826  -11.88112 1.000 48.12449 ?  416 HOH A O   1 
HETATM 1424 O O   . HOH G 4 .   ? 15.98738  -1.06025  -15.86942 1.000 28.21386 ?  417 HOH A O   1 
HETATM 1425 O O   . HOH G 4 .   ? -7.21245  14.99565  21.88642  1.000 52.11322 ?  418 HOH A O   1 
HETATM 1426 O O   . HOH G 4 .   ? -12.63365 7.45168   12.11739  1.000 38.43752 ?  419 HOH A O   1 
HETATM 1427 O O   . HOH G 4 .   ? 10.21840  -15.31061 12.67361  0.50  36.79250 ?  420 HOH A O   1 
HETATM 1428 O O   . HOH G 4 .   ? -8.09219  -0.06182  14.44904  1.000 31.02918 ?  421 HOH A O   1 
HETATM 1429 O O   . HOH G 4 .   ? -11.21786 11.12043  14.84115  1.000 40.38925 ?  422 HOH A O   1 
HETATM 1430 O O   . HOH G 4 .   ? -1.92925  -5.14493  -8.89176  1.000 41.21658 ?  423 HOH A O   1 
HETATM 1431 O O   . HOH G 4 .   ? 14.50319  -6.40012  8.99223   1.000 47.51869 ?  424 HOH A O   1 
HETATM 1432 O O   . HOH G 4 .   ? -7.90867  2.82525   -16.01559 1.000 25.67646 ?  425 HOH A O   1 
HETATM 1433 O O   . HOH G 4 .   ? 12.50950  -5.68103  10.20251  1.000 43.70669 ?  426 HOH A O   1 
HETATM 1434 O O   . HOH G 4 .   ? -8.12879  5.39078   -17.51194 1.000 37.60361 ?  427 HOH A O   1 
# 
loop_
_pdbx_poly_seq_scheme.asym_id 
_pdbx_poly_seq_scheme.entity_id 
_pdbx_poly_seq_scheme.seq_id 
_pdbx_poly_seq_scheme.mon_id 
_pdbx_poly_seq_scheme.ndb_seq_num 
_pdbx_poly_seq_scheme.pdb_seq_num 
_pdbx_poly_seq_scheme.auth_seq_num 
_pdbx_poly_seq_scheme.pdb_mon_id 
_pdbx_poly_seq_scheme.auth_mon_id 
_pdbx_poly_seq_scheme.pdb_strand_id 
_pdbx_poly_seq_scheme.pdb_ins_code 
_pdbx_poly_seq_scheme.hetero 
A 1 1   MET 1   -23 ?   ?   ?   A . n 
A 1 2   HIS 2   -22 ?   ?   ?   A . n 
A 1 3   HIS 3   -21 ?   ?   ?   A . n 
A 1 4   HIS 4   -20 ?   ?   ?   A . n 
A 1 5   HIS 5   -19 ?   ?   ?   A . n 
A 1 6   HIS 6   -18 ?   ?   ?   A . n 
A 1 7   HIS 7   -17 ?   ?   ?   A . n 
A 1 8   SER 8   -16 ?   ?   ?   A . n 
A 1 9   SER 9   -15 ?   ?   ?   A . n 
A 1 10  GLY 10  -14 ?   ?   ?   A . n 
A 1 11  VAL 11  -13 ?   ?   ?   A . n 
A 1 12  ASP 12  -12 ?   ?   ?   A . n 
A 1 13  LEU 13  -11 ?   ?   ?   A . n 
A 1 14  GLY 14  -10 ?   ?   ?   A . n 
A 1 15  THR 15  -9  ?   ?   ?   A . n 
A 1 16  GLU 16  -8  ?   ?   ?   A . n 
A 1 17  ASN 17  -7  ?   ?   ?   A . n 
A 1 18  LEU 18  -6  ?   ?   ?   A . n 
A 1 19  TYR 19  -5  ?   ?   ?   A . n 
A 1 20  PHE 20  -4  ?   ?   ?   A . n 
A 1 21  GLN 21  -3  ?   ?   ?   A . n 
A 1 22  SER 22  -2  ?   ?   ?   A . n 
A 1 23  ASN 23  -1  ?   ?   ?   A . n 
A 1 24  ALA 24  0   ?   ?   ?   A . n 
A 1 25  MET 25  1   ?   ?   ?   A . n 
A 1 26  ALA 26  2   ?   ?   ?   A . n 
A 1 27  GLU 27  3   ?   ?   ?   A . n 
A 1 28  GLN 28  4   ?   ?   ?   A . n 
A 1 29  PRO 29  5   ?   ?   ?   A . n 
A 1 30  PRO 30  6   ?   ?   ?   A . n 
A 1 31  GLU 31  7   ?   ?   ?   A . n 
A 1 32  THR 32  8   ?   ?   ?   A . n 
A 1 33  HIS 33  9   ?   ?   ?   A . n 
A 1 34  ARG 34  10  10  ARG ARG A . n 
A 1 35  PHE 35  11  11  PHE PHE A . n 
A 1 36  VAL 36  12  12  VAL VAL A . n 
A 1 37  ASP 37  13  13  ASP ASP A . n 
A 1 38  ASP 38  14  14  ASP ASP A . n 
A 1 39  TYR 39  15  15  TYR TYR A . n 
A 1 40  LEU 40  16  16  LEU LEU A . n 
A 1 41  PRO 41  17  17  PRO PRO A . n 
A 1 42  ALA 42  18  18  ALA ALA A . n 
A 1 43  LEU 43  19  19  LEU LEU A . n 
A 1 44  LEU 44  20  20  LEU LEU A . n 
A 1 45  ALA 45  21  21  ALA ALA A . n 
A 1 46  GLN 46  22  22  GLN GLN A . n 
A 1 47  ALA 47  23  23  ALA ALA A . n 
A 1 48  SER 48  24  24  SER SER A . n 
A 1 49  GLN 49  25  25  GLN GLN A . n 
A 1 50  LEU 50  26  26  LEU LEU A . n 
A 1 51  ILE 51  27  27  ILE ILE A . n 
A 1 52  SER 52  28  28  SER SER A . n 
A 1 53  SER 53  29  29  SER SER A . n 
A 1 54  GLU 54  30  30  GLU GLU A . n 
A 1 55  PHE 55  31  31  PHE PHE A . n 
A 1 56  HIS 56  32  32  HIS HIS A . n 
A 1 57  GLU 57  33  33  GLU GLU A . n 
A 1 58  VAL 58  34  34  VAL VAL A . n 
A 1 59  ALA 59  35  35  ALA ALA A . n 
A 1 60  ARG 60  36  36  ARG ARG A . n 
A 1 61  GLN 61  37  37  GLN GLN A . n 
A 1 62  HIS 62  38  38  HIS HIS A . n 
A 1 63  GLY 63  39  39  GLY GLY A . n 
A 1 64  PHE 64  40  40  PHE PHE A . n 
A 1 65  SER 65  41  41  SER SER A . n 
A 1 66  VAL 66  42  42  VAL VAL A . n 
A 1 67  SER 67  43  43  SER SER A . n 
A 1 68  GLU 68  44  44  GLU GLU A . n 
A 1 69  TRP 69  45  45  TRP TRP A . n 
A 1 70  ARG 70  46  46  ARG ARG A . n 
A 1 71  VAL 71  47  47  VAL VAL A . n 
A 1 72  MET 72  48  48  MET MET A . n 
A 1 73  ALA 73  49  49  ALA ALA A . n 
A 1 74  SER 74  50  50  SER SER A . n 
A 1 75  LEU 75  51  51  LEU LEU A . n 
A 1 76  ALA 76  52  52  ALA ALA A . n 
A 1 77  GLY 77  53  53  GLY GLY A . n 
A 1 78  SER 78  54  54  SER SER A . n 
A 1 79  GLU 79  55  55  GLU GLU A . n 
A 1 80  PRO 80  56  56  PRO PRO A . n 
A 1 81  ILE 81  57  57  ILE ILE A . n 
A 1 82  SER 82  58  58  SER SER A . n 
A 1 83  ILE 83  59  59  ILE ILE A . n 
A 1 84  GLY 84  60  60  GLY GLY A . n 
A 1 85  GLN 85  61  61  GLN GLN A . n 
A 1 86  LEU 86  62  62  LEU LEU A . n 
A 1 87  ALA 87  63  63  ALA ALA A . n 
A 1 88  GLN 88  64  64  GLN GLN A . n 
A 1 89  VAL 89  65  65  VAL VAL A . n 
A 1 90  THR 90  66  66  THR THR A . n 
A 1 91  VAL 91  67  67  VAL VAL A . n 
A 1 92  THR 92  68  68  THR THR A . n 
A 1 93  LYS 93  69  69  LYS LYS A . n 
A 1 94  GLN 94  70  70  GLN GLN A . n 
A 1 95  PRO 95  71  71  PRO PRO A . n 
A 1 96  THR 96  72  72  THR THR A . n 
A 1 97  VAL 97  73  73  VAL VAL A . n 
A 1 98  THR 98  74  74  THR THR A . n 
A 1 99  ARG 99  75  75  ARG ARG A . n 
A 1 100 LEU 100 76  76  LEU LEU A . n 
A 1 101 LEU 101 77  77  LEU LEU A . n 
A 1 102 ASP 102 78  78  ASP ASP A . n 
A 1 103 ARG 103 79  79  ARG ARG A . n 
A 1 104 MET 104 80  80  MET MET A . n 
A 1 105 GLU 105 81  81  GLU GLU A . n 
A 1 106 ALA 106 82  82  ALA ALA A . n 
A 1 107 ARG 107 83  83  ARG ARG A . n 
A 1 108 GLY 108 84  84  GLY GLY A . n 
A 1 109 GLN 109 85  85  GLN GLN A . n 
A 1 110 VAL 110 86  86  VAL VAL A . n 
A 1 111 GLU 111 87  87  GLU GLU A . n 
A 1 112 ARG 112 88  88  ARG ARG A . n 
A 1 113 LEU 113 89  89  LEU LEU A . n 
A 1 114 PRO 114 90  90  PRO PRO A . n 
A 1 115 HIS 115 91  ?   ?   ?   A . n 
A 1 116 GLU 116 92  ?   ?   ?   A . n 
A 1 117 SER 117 93  ?   ?   ?   A . n 
A 1 118 ASP 118 94  ?   ?   ?   A . n 
A 1 119 ARG 119 95  ?   ?   ?   A . n 
A 1 120 ARG 120 96  ?   ?   ?   A . n 
A 1 121 ILE 121 97  97  ILE ILE A . n 
A 1 122 THR 122 98  98  THR THR A . n 
A 1 123 LEU 123 99  99  LEU LEU A . n 
A 1 124 VAL 124 100 100 VAL VAL A . n 
A 1 125 ARG 125 101 101 ARG ARG A . n 
A 1 126 ILE 126 102 102 ILE ILE A . n 
A 1 127 THR 127 103 103 THR THR A . n 
A 1 128 ARG 128 104 104 ARG ARG A . n 
A 1 129 LYS 129 105 105 LYS LYS A . n 
A 1 130 GLY 130 106 106 GLY GLY A . n 
A 1 131 LEU 131 107 107 LEU LEU A . n 
A 1 132 LYS 132 108 108 LYS LYS A . n 
A 1 133 ALA 133 109 109 ALA ALA A . n 
A 1 134 VAL 134 110 110 VAL VAL A . n 
A 1 135 GLU 135 111 111 GLU GLU A . n 
A 1 136 HIS 136 112 112 HIS HIS A . n 
A 1 137 LEU 137 113 113 LEU LEU A . n 
A 1 138 MET 138 114 114 MET MET A . n 
A 1 139 GLU 139 115 115 GLU GLU A . n 
A 1 140 LEU 140 116 116 LEU LEU A . n 
A 1 141 ALA 141 117 117 ALA ALA A . n 
A 1 142 ARG 142 118 118 ARG ARG A . n 
A 1 143 GLU 143 119 119 GLU GLU A . n 
A 1 144 HIS 144 120 120 HIS HIS A . n 
A 1 145 GLU 145 121 121 GLU GLU A . n 
A 1 146 ARG 146 122 122 ARG ARG A . n 
A 1 147 ARG 147 123 123 ARG ARG A . n 
A 1 148 VAL 148 124 124 VAL VAL A . n 
A 1 149 LEU 149 125 125 LEU LEU A . n 
A 1 150 GLU 150 126 126 GLU GLU A . n 
A 1 151 PRO 151 127 127 PRO PRO A . n 
A 1 152 PHE 152 128 128 PHE PHE A . n 
A 1 153 GLY 153 129 129 GLY GLY A . n 
A 1 154 LEU 154 130 130 LEU LEU A . n 
A 1 155 ARG 155 131 131 ARG ARG A . n 
A 1 156 ARG 156 132 132 ARG ARG A . n 
A 1 157 ALA 157 133 133 ALA ALA A . n 
A 1 158 GLU 158 134 134 GLU GLU A . n 
A 1 159 GLU 159 135 135 GLU GLU A . n 
A 1 160 LEU 160 136 136 LEU LEU A . n 
A 1 161 LYS 161 137 137 LYS LYS A . n 
A 1 162 GLN 162 138 138 GLN GLN A . n 
A 1 163 THR 163 139 139 THR THR A . n 
A 1 164 LEU 164 140 140 LEU LEU A . n 
A 1 165 ARG 165 141 141 ARG ARG A . n 
A 1 166 GLN 166 142 142 GLN GLN A . n 
A 1 167 MET 167 143 143 MET MET A . n 
A 1 168 ILE 168 144 144 ILE ILE A . n 
A 1 169 ASP 169 145 145 ASP ASP A . n 
A 1 170 LEU 170 146 146 LEU LEU A . n 
A 1 171 HIS 171 147 147 HIS HIS A . n 
A 1 172 VAL 172 148 148 VAL VAL A . n 
A 1 173 HIS 173 149 149 HIS HIS A . n 
A 1 174 VAL 174 150 ?   ?   ?   A . n 
A 1 175 PRO 175 151 ?   ?   ?   A . n 
A 1 176 VAL 176 152 ?   ?   ?   A . n 
A 1 177 GLU 177 153 ?   ?   ?   A . n 
A 1 178 GLU 178 154 ?   ?   ?   A . n 
A 1 179 PRO 179 155 ?   ?   ?   A . n 
A 1 180 GLU 180 156 ?   ?   ?   A . n 
A 1 181 GLU 181 157 ?   ?   ?   A . n 
A 1 182 ASP 182 158 ?   ?   ?   A . n 
# 
loop_
_pdbx_nonpoly_scheme.asym_id 
_pdbx_nonpoly_scheme.entity_id 
_pdbx_nonpoly_scheme.mon_id 
_pdbx_nonpoly_scheme.ndb_seq_num 
_pdbx_nonpoly_scheme.pdb_seq_num 
_pdbx_nonpoly_scheme.auth_seq_num 
_pdbx_nonpoly_scheme.pdb_mon_id 
_pdbx_nonpoly_scheme.auth_mon_id 
_pdbx_nonpoly_scheme.pdb_strand_id 
_pdbx_nonpoly_scheme.pdb_ins_code 
B 2 IAC 1   201 1   IAC IAA A . 
C 3 SO4 1   202 1   SO4 SO4 A . 
D 3 SO4 1   203 2   SO4 SO4 A . 
E 3 SO4 1   204 3   SO4 SO4 A . 
F 3 SO4 1   205 4   SO4 SO4 A . 
G 4 HOH 1   301 145 HOH HOH A . 
G 4 HOH 2   302 156 HOH HOH A . 
G 4 HOH 3   303 150 HOH HOH A . 
G 4 HOH 4   304 85  HOH HOH A . 
G 4 HOH 5   305 144 HOH HOH A . 
G 4 HOH 6   306 149 HOH HOH A . 
G 4 HOH 7   307 157 HOH HOH A . 
G 4 HOH 8   308 15  HOH HOH A . 
G 4 HOH 9   309 55  HOH HOH A . 
G 4 HOH 10  310 147 HOH HOH A . 
G 4 HOH 11  311 148 HOH HOH A . 
G 4 HOH 12  312 8   HOH HOH A . 
G 4 HOH 13  313 71  HOH HOH A . 
G 4 HOH 14  314 58  HOH HOH A . 
G 4 HOH 15  315 6   HOH HOH A . 
G 4 HOH 16  316 36  HOH HOH A . 
G 4 HOH 17  317 155 HOH HOH A . 
G 4 HOH 18  318 102 HOH HOH A . 
G 4 HOH 19  319 21  HOH HOH A . 
G 4 HOH 20  320 18  HOH HOH A . 
G 4 HOH 21  321 62  HOH HOH A . 
G 4 HOH 22  322 13  HOH HOH A . 
G 4 HOH 23  323 122 HOH HOH A . 
G 4 HOH 24  324 31  HOH HOH A . 
G 4 HOH 25  325 34  HOH HOH A . 
G 4 HOH 26  326 29  HOH HOH A . 
G 4 HOH 27  327 2   HOH HOH A . 
G 4 HOH 28  328 87  HOH HOH A . 
G 4 HOH 29  329 42  HOH HOH A . 
G 4 HOH 30  330 77  HOH HOH A . 
G 4 HOH 31  331 20  HOH HOH A . 
G 4 HOH 32  332 69  HOH HOH A . 
G 4 HOH 33  333 1   HOH HOH A . 
G 4 HOH 34  334 56  HOH HOH A . 
G 4 HOH 35  335 38  HOH HOH A . 
G 4 HOH 36  336 12  HOH HOH A . 
G 4 HOH 37  337 94  HOH HOH A . 
G 4 HOH 38  338 59  HOH HOH A . 
G 4 HOH 39  339 73  HOH HOH A . 
G 4 HOH 40  340 67  HOH HOH A . 
G 4 HOH 41  341 123 HOH HOH A . 
G 4 HOH 42  342 37  HOH HOH A . 
G 4 HOH 43  343 53  HOH HOH A . 
G 4 HOH 44  344 11  HOH HOH A . 
G 4 HOH 45  345 17  HOH HOH A . 
G 4 HOH 46  346 90  HOH HOH A . 
G 4 HOH 47  347 16  HOH HOH A . 
G 4 HOH 48  348 60  HOH HOH A . 
G 4 HOH 49  349 50  HOH HOH A . 
G 4 HOH 50  350 3   HOH HOH A . 
G 4 HOH 51  351 63  HOH HOH A . 
G 4 HOH 52  352 76  HOH HOH A . 
G 4 HOH 53  353 68  HOH HOH A . 
G 4 HOH 54  354 81  HOH HOH A . 
G 4 HOH 55  355 48  HOH HOH A . 
G 4 HOH 56  356 66  HOH HOH A . 
G 4 HOH 57  357 25  HOH HOH A . 
G 4 HOH 58  358 30  HOH HOH A . 
G 4 HOH 59  359 92  HOH HOH A . 
G 4 HOH 60  360 22  HOH HOH A . 
G 4 HOH 61  361 32  HOH HOH A . 
G 4 HOH 62  362 47  HOH HOH A . 
G 4 HOH 63  363 82  HOH HOH A . 
G 4 HOH 64  364 52  HOH HOH A . 
G 4 HOH 65  365 5   HOH HOH A . 
G 4 HOH 66  366 14  HOH HOH A . 
G 4 HOH 67  367 27  HOH HOH A . 
G 4 HOH 68  368 35  HOH HOH A . 
G 4 HOH 69  369 7   HOH HOH A . 
G 4 HOH 70  370 113 HOH HOH A . 
G 4 HOH 71  371 33  HOH HOH A . 
G 4 HOH 72  372 9   HOH HOH A . 
G 4 HOH 73  373 96  HOH HOH A . 
G 4 HOH 74  374 112 HOH HOH A . 
G 4 HOH 75  375 39  HOH HOH A . 
G 4 HOH 76  376 4   HOH HOH A . 
G 4 HOH 77  377 41  HOH HOH A . 
G 4 HOH 78  378 107 HOH HOH A . 
G 4 HOH 79  379 136 HOH HOH A . 
G 4 HOH 80  380 80  HOH HOH A . 
G 4 HOH 81  381 65  HOH HOH A . 
G 4 HOH 82  382 91  HOH HOH A . 
G 4 HOH 83  383 108 HOH HOH A . 
G 4 HOH 84  384 89  HOH HOH A . 
G 4 HOH 85  385 45  HOH HOH A . 
G 4 HOH 86  386 100 HOH HOH A . 
G 4 HOH 87  387 19  HOH HOH A . 
G 4 HOH 88  388 54  HOH HOH A . 
G 4 HOH 89  389 23  HOH HOH A . 
G 4 HOH 90  390 106 HOH HOH A . 
G 4 HOH 91  391 95  HOH HOH A . 
G 4 HOH 92  392 133 HOH HOH A . 
G 4 HOH 93  393 84  HOH HOH A . 
G 4 HOH 94  394 153 HOH HOH A . 
G 4 HOH 95  395 126 HOH HOH A . 
G 4 HOH 96  396 142 HOH HOH A . 
G 4 HOH 97  397 64  HOH HOH A . 
G 4 HOH 98  398 61  HOH HOH A . 
G 4 HOH 99  399 57  HOH HOH A . 
G 4 HOH 100 400 97  HOH HOH A . 
G 4 HOH 101 401 131 HOH HOH A . 
G 4 HOH 102 402 111 HOH HOH A . 
G 4 HOH 103 403 93  HOH HOH A . 
G 4 HOH 104 404 120 HOH HOH A . 
G 4 HOH 105 405 152 HOH HOH A . 
G 4 HOH 106 406 115 HOH HOH A . 
G 4 HOH 107 407 158 HOH HOH A . 
G 4 HOH 108 408 83  HOH HOH A . 
G 4 HOH 109 409 119 HOH HOH A . 
G 4 HOH 110 410 88  HOH HOH A . 
G 4 HOH 111 411 141 HOH HOH A . 
G 4 HOH 112 412 10  HOH HOH A . 
G 4 HOH 113 413 72  HOH HOH A . 
G 4 HOH 114 414 110 HOH HOH A . 
G 4 HOH 115 415 98  HOH HOH A . 
G 4 HOH 116 416 151 HOH HOH A . 
G 4 HOH 117 417 43  HOH HOH A . 
G 4 HOH 118 418 134 HOH HOH A . 
G 4 HOH 119 419 70  HOH HOH A . 
G 4 HOH 120 420 44  HOH HOH A . 
G 4 HOH 121 421 40  HOH HOH A . 
G 4 HOH 122 422 75  HOH HOH A . 
G 4 HOH 123 423 117 HOH HOH A . 
G 4 HOH 124 424 86  HOH HOH A . 
G 4 HOH 125 425 26  HOH HOH A . 
G 4 HOH 126 426 103 HOH HOH A . 
G 4 HOH 127 427 105 HOH HOH A . 
# 
_pdbx_struct_assembly.id                   1 
_pdbx_struct_assembly.details              author_defined_assembly 
_pdbx_struct_assembly.method_details       ? 
_pdbx_struct_assembly.oligomeric_details   dimeric 
_pdbx_struct_assembly.oligomeric_count     2 
# 
loop_
_pdbx_struct_assembly_gen.assembly_id 
_pdbx_struct_assembly_gen.oper_expression 
_pdbx_struct_assembly_gen.asym_id_list 
1 1 A,B,C,D,E,F,G 
1 2 A,B,C,D,E,F,G 
# 
loop_
_pdbx_struct_oper_list.id 
_pdbx_struct_oper_list.type 
_pdbx_struct_oper_list.name 
_pdbx_struct_oper_list.symmetry_operation 
_pdbx_struct_oper_list.matrix[1][1] 
_pdbx_struct_oper_list.matrix[1][2] 
_pdbx_struct_oper_list.matrix[1][3] 
_pdbx_struct_oper_list.vector[1] 
_pdbx_struct_oper_list.matrix[2][1] 
_pdbx_struct_oper_list.matrix[2][2] 
_pdbx_struct_oper_list.matrix[2][3] 
_pdbx_struct_oper_list.vector[2] 
_pdbx_struct_oper_list.matrix[3][1] 
_pdbx_struct_oper_list.matrix[3][2] 
_pdbx_struct_oper_list.matrix[3][3] 
_pdbx_struct_oper_list.vector[3] 
1 'identity operation'         1_555 x,y,z     1.0000000000 0.0000000000  0.0000000000 0.0000000000 0.0000000000  1.0000000000  0.0000000000  0.0000000000   0.0000000000 0.0000000000  1.0000000000  0.0000000000   
2 'crystal symmetry operation' 2_565 -x,-y+1,z 0.8411184076 -0.1247940903 0.5262568379 2.9230822592 -0.1247940903 -0.9915412475 -0.0356705702 -15.9695320983 0.5262568379 -0.0356705702 -0.8495771601 -14.0133928043 
# 
loop_
_pdbx_struct_special_symmetry.id 
_pdbx_struct_special_symmetry.PDB_model_num 
_pdbx_struct_special_symmetry.auth_asym_id 
_pdbx_struct_special_symmetry.auth_comp_id 
_pdbx_struct_special_symmetry.auth_seq_id 
_pdbx_struct_special_symmetry.PDB_ins_code 
_pdbx_struct_special_symmetry.label_asym_id 
_pdbx_struct_special_symmetry.label_comp_id 
_pdbx_struct_special_symmetry.label_seq_id 
1 1 A HOH 386 ? G HOH . 
2 1 A HOH 412 ? G HOH . 
3 1 A HOH 420 ? G HOH . 
# 
loop_
_pdbx_audit_revision_history.ordinal 
_pdbx_audit_revision_history.data_content_type 
_pdbx_audit_revision_history.major_revision 
_pdbx_audit_revision_history.minor_revision 
_pdbx_audit_revision_history.revision_date 
1 'Structure model' 1 0 2021-11-10 
2 'Structure model' 1 1 2022-11-23 
3 'Structure model' 1 2 2023-10-25 
# 
_pdbx_audit_revision_details.ordinal             1 
_pdbx_audit_revision_details.revision_ordinal    1 
_pdbx_audit_revision_details.data_content_type   'Structure model' 
_pdbx_audit_revision_details.provider            repository 
_pdbx_audit_revision_details.type                'Initial release' 
_pdbx_audit_revision_details.description         ? 
_pdbx_audit_revision_details.details             ? 
# 
loop_
_pdbx_audit_revision_group.ordinal 
_pdbx_audit_revision_group.revision_ordinal 
_pdbx_audit_revision_group.data_content_type 
_pdbx_audit_revision_group.group 
1 2 'Structure model' 'Database references'    
2 3 'Structure model' 'Data collection'        
3 3 'Structure model' 'Refinement description' 
# 
loop_
_pdbx_audit_revision_category.ordinal 
_pdbx_audit_revision_category.revision_ordinal 
_pdbx_audit_revision_category.data_content_type 
_pdbx_audit_revision_category.category 
1 2 'Structure model' citation                      
2 2 'Structure model' citation_author               
3 3 'Structure model' chem_comp_atom                
4 3 'Structure model' chem_comp_bond                
5 3 'Structure model' pdbx_initial_refinement_model 
# 
loop_
_pdbx_audit_revision_item.ordinal 
_pdbx_audit_revision_item.revision_ordinal 
_pdbx_audit_revision_item.data_content_type 
_pdbx_audit_revision_item.item 
1  2 'Structure model' '_citation.country'                 
2  2 'Structure model' '_citation.journal_abbrev'          
3  2 'Structure model' '_citation.journal_id_CSD'          
4  2 'Structure model' '_citation.journal_id_ISSN'         
5  2 'Structure model' '_citation.journal_volume'          
6  2 'Structure model' '_citation.page_first'              
7  2 'Structure model' '_citation.page_last'               
8  2 'Structure model' '_citation.pdbx_database_id_DOI'    
9  2 'Structure model' '_citation.pdbx_database_id_PubMed' 
10 2 'Structure model' '_citation.title'                   
11 2 'Structure model' '_citation.year'                    
# 
loop_
_space_group_symop.id 
_space_group_symop.operation_xyz 
1  x,y,z           
2  x,-y,-z         
3  -x,y,-z         
4  -x,-y,z         
5  x,y+1/2,z+1/2   
6  x,-y+1/2,-z+1/2 
7  -x,y+1/2,-z+1/2 
8  -x,-y+1/2,z+1/2 
9  x+1/2,y,z+1/2   
10 x+1/2,-y,-z+1/2 
11 -x+1/2,y,-z+1/2 
12 -x+1/2,-y,z+1/2 
13 x+1/2,y+1/2,z   
14 x+1/2,-y+1/2,-z 
15 -x+1/2,y+1/2,-z 
16 -x+1/2,-y+1/2,z 
# 
loop_
_software.citation_id 
_software.classification 
_software.compiler_name 
_software.compiler_version 
_software.contact_author 
_software.contact_author_email 
_software.date 
_software.description 
_software.dependencies 
_software.hardware 
_software.language 
_software.location 
_software.mods 
_software.name 
_software.os 
_software.os_version 
_software.type 
_software.version 
_software.pdbx_ordinal 
? refinement       ? ? ? ? ? ? ? ? ? ? ? PHENIX  ? ? ? 1.17.1_3660 1 
? 'data reduction' ? ? ? ? ? ? ? ? ? ? ? XDS     ? ? ? .           2 
? 'data scaling'   ? ? ? ? ? ? ? ? ? ? ? Aimless ? ? ? .           3 
? phasing          ? ? ? ? ? ? ? ? ? ? ? PHENIX  ? ? ? .           4 
# 
_pdbx_entry_details.entry_id                 7KFO 
_pdbx_entry_details.has_ligand_of_interest   Y 
_pdbx_entry_details.compound_details         ? 
_pdbx_entry_details.source_details           ? 
_pdbx_entry_details.nonpolymer_details       ? 
_pdbx_entry_details.sequence_details         ? 
# 
loop_
_pdbx_validate_close_contact.id 
_pdbx_validate_close_contact.PDB_model_num 
_pdbx_validate_close_contact.auth_atom_id_1 
_pdbx_validate_close_contact.auth_asym_id_1 
_pdbx_validate_close_contact.auth_comp_id_1 
_pdbx_validate_close_contact.auth_seq_id_1 
_pdbx_validate_close_contact.PDB_ins_code_1 
_pdbx_validate_close_contact.label_alt_id_1 
_pdbx_validate_close_contact.auth_atom_id_2 
_pdbx_validate_close_contact.auth_asym_id_2 
_pdbx_validate_close_contact.auth_comp_id_2 
_pdbx_validate_close_contact.auth_seq_id_2 
_pdbx_validate_close_contact.PDB_ins_code_2 
_pdbx_validate_close_contact.label_alt_id_2 
_pdbx_validate_close_contact.dist 
1 1 O   A HOH 384 ? ? O A HOH 405 ? ? 2.05 
2 1 OE2 A GLU 111 ? B O A HOH 301 ? ? 2.10 
3 1 NH1 A ARG 83  ? ? O A HOH 302 ? ? 2.12 
4 1 O1  A SO4 205 ? ? O A HOH 303 ? ? 2.19 
# 
_pdbx_validate_symm_contact.id                1 
_pdbx_validate_symm_contact.PDB_model_num     1 
_pdbx_validate_symm_contact.auth_atom_id_1    O 
_pdbx_validate_symm_contact.auth_asym_id_1    A 
_pdbx_validate_symm_contact.auth_comp_id_1    HOH 
_pdbx_validate_symm_contact.auth_seq_id_1     383 
_pdbx_validate_symm_contact.PDB_ins_code_1    ? 
_pdbx_validate_symm_contact.label_alt_id_1    ? 
_pdbx_validate_symm_contact.site_symmetry_1   1_555 
_pdbx_validate_symm_contact.auth_atom_id_2    O 
_pdbx_validate_symm_contact.auth_asym_id_2    A 
_pdbx_validate_symm_contact.auth_comp_id_2    HOH 
_pdbx_validate_symm_contact.auth_seq_id_2     383 
_pdbx_validate_symm_contact.PDB_ins_code_2    ? 
_pdbx_validate_symm_contact.label_alt_id_2    ? 
_pdbx_validate_symm_contact.site_symmetry_2   14_555 
_pdbx_validate_symm_contact.dist              2.16 
# 
loop_
_pdbx_unobs_or_zero_occ_residues.id 
_pdbx_unobs_or_zero_occ_residues.PDB_model_num 
_pdbx_unobs_or_zero_occ_residues.polymer_flag 
_pdbx_unobs_or_zero_occ_residues.occupancy_flag 
_pdbx_unobs_or_zero_occ_residues.auth_asym_id 
_pdbx_unobs_or_zero_occ_residues.auth_comp_id 
_pdbx_unobs_or_zero_occ_residues.auth_seq_id 
_pdbx_unobs_or_zero_occ_residues.PDB_ins_code 
_pdbx_unobs_or_zero_occ_residues.label_asym_id 
_pdbx_unobs_or_zero_occ_residues.label_comp_id 
_pdbx_unobs_or_zero_occ_residues.label_seq_id 
1  1 Y 1 A MET -23 ? A MET 1   
2  1 Y 1 A HIS -22 ? A HIS 2   
3  1 Y 1 A HIS -21 ? A HIS 3   
4  1 Y 1 A HIS -20 ? A HIS 4   
5  1 Y 1 A HIS -19 ? A HIS 5   
6  1 Y 1 A HIS -18 ? A HIS 6   
7  1 Y 1 A HIS -17 ? A HIS 7   
8  1 Y 1 A SER -16 ? A SER 8   
9  1 Y 1 A SER -15 ? A SER 9   
10 1 Y 1 A GLY -14 ? A GLY 10  
11 1 Y 1 A VAL -13 ? A VAL 11  
12 1 Y 1 A ASP -12 ? A ASP 12  
13 1 Y 1 A LEU -11 ? A LEU 13  
14 1 Y 1 A GLY -10 ? A GLY 14  
15 1 Y 1 A THR -9  ? A THR 15  
16 1 Y 1 A GLU -8  ? A GLU 16  
17 1 Y 1 A ASN -7  ? A ASN 17  
18 1 Y 1 A LEU -6  ? A LEU 18  
19 1 Y 1 A TYR -5  ? A TYR 19  
20 1 Y 1 A PHE -4  ? A PHE 20  
21 1 Y 1 A GLN -3  ? A GLN 21  
22 1 Y 1 A SER -2  ? A SER 22  
23 1 Y 1 A ASN -1  ? A ASN 23  
24 1 Y 1 A ALA 0   ? A ALA 24  
25 1 Y 1 A MET 1   ? A MET 25  
26 1 Y 1 A ALA 2   ? A ALA 26  
27 1 Y 1 A GLU 3   ? A GLU 27  
28 1 Y 1 A GLN 4   ? A GLN 28  
29 1 Y 1 A PRO 5   ? A PRO 29  
30 1 Y 1 A PRO 6   ? A PRO 30  
31 1 Y 1 A GLU 7   ? A GLU 31  
32 1 Y 1 A THR 8   ? A THR 32  
33 1 Y 1 A HIS 9   ? A HIS 33  
34 1 Y 1 A HIS 91  ? A HIS 115 
35 1 Y 1 A GLU 92  ? A GLU 116 
36 1 Y 1 A SER 93  ? A SER 117 
37 1 Y 1 A ASP 94  ? A ASP 118 
38 1 Y 1 A ARG 95  ? A ARG 119 
39 1 Y 1 A ARG 96  ? A ARG 120 
40 1 Y 1 A VAL 150 ? A VAL 174 
41 1 Y 1 A PRO 151 ? A PRO 175 
42 1 Y 1 A VAL 152 ? A VAL 176 
43 1 Y 1 A GLU 153 ? A GLU 177 
44 1 Y 1 A GLU 154 ? A GLU 178 
45 1 Y 1 A PRO 155 ? A PRO 179 
46 1 Y 1 A GLU 156 ? A GLU 180 
47 1 Y 1 A GLU 157 ? A GLU 181 
48 1 Y 1 A ASP 158 ? A ASP 182 
# 
loop_
_chem_comp_atom.comp_id 
_chem_comp_atom.atom_id 
_chem_comp_atom.type_symbol 
_chem_comp_atom.pdbx_aromatic_flag 
_chem_comp_atom.pdbx_stereo_config 
_chem_comp_atom.pdbx_ordinal 
ALA N    N N N 1   
ALA CA   C N S 2   
ALA C    C N N 3   
ALA O    O N N 4   
ALA CB   C N N 5   
ALA OXT  O N N 6   
ALA H    H N N 7   
ALA H2   H N N 8   
ALA HA   H N N 9   
ALA HB1  H N N 10  
ALA HB2  H N N 11  
ALA HB3  H N N 12  
ALA HXT  H N N 13  
ARG N    N N N 14  
ARG CA   C N S 15  
ARG C    C N N 16  
ARG O    O N N 17  
ARG CB   C N N 18  
ARG CG   C N N 19  
ARG CD   C N N 20  
ARG NE   N N N 21  
ARG CZ   C N N 22  
ARG NH1  N N N 23  
ARG NH2  N N N 24  
ARG OXT  O N N 25  
ARG H    H N N 26  
ARG H2   H N N 27  
ARG HA   H N N 28  
ARG HB2  H N N 29  
ARG HB3  H N N 30  
ARG HG2  H N N 31  
ARG HG3  H N N 32  
ARG HD2  H N N 33  
ARG HD3  H N N 34  
ARG HE   H N N 35  
ARG HH11 H N N 36  
ARG HH12 H N N 37  
ARG HH21 H N N 38  
ARG HH22 H N N 39  
ARG HXT  H N N 40  
ASN N    N N N 41  
ASN CA   C N S 42  
ASN C    C N N 43  
ASN O    O N N 44  
ASN CB   C N N 45  
ASN CG   C N N 46  
ASN OD1  O N N 47  
ASN ND2  N N N 48  
ASN OXT  O N N 49  
ASN H    H N N 50  
ASN H2   H N N 51  
ASN HA   H N N 52  
ASN HB2  H N N 53  
ASN HB3  H N N 54  
ASN HD21 H N N 55  
ASN HD22 H N N 56  
ASN HXT  H N N 57  
ASP N    N N N 58  
ASP CA   C N S 59  
ASP C    C N N 60  
ASP O    O N N 61  
ASP CB   C N N 62  
ASP CG   C N N 63  
ASP OD1  O N N 64  
ASP OD2  O N N 65  
ASP OXT  O N N 66  
ASP H    H N N 67  
ASP H2   H N N 68  
ASP HA   H N N 69  
ASP HB2  H N N 70  
ASP HB3  H N N 71  
ASP HD2  H N N 72  
ASP HXT  H N N 73  
GLN N    N N N 74  
GLN CA   C N S 75  
GLN C    C N N 76  
GLN O    O N N 77  
GLN CB   C N N 78  
GLN CG   C N N 79  
GLN CD   C N N 80  
GLN OE1  O N N 81  
GLN NE2  N N N 82  
GLN OXT  O N N 83  
GLN H    H N N 84  
GLN H2   H N N 85  
GLN HA   H N N 86  
GLN HB2  H N N 87  
GLN HB3  H N N 88  
GLN HG2  H N N 89  
GLN HG3  H N N 90  
GLN HE21 H N N 91  
GLN HE22 H N N 92  
GLN HXT  H N N 93  
GLU N    N N N 94  
GLU CA   C N S 95  
GLU C    C N N 96  
GLU O    O N N 97  
GLU CB   C N N 98  
GLU CG   C N N 99  
GLU CD   C N N 100 
GLU OE1  O N N 101 
GLU OE2  O N N 102 
GLU OXT  O N N 103 
GLU H    H N N 104 
GLU H2   H N N 105 
GLU HA   H N N 106 
GLU HB2  H N N 107 
GLU HB3  H N N 108 
GLU HG2  H N N 109 
GLU HG3  H N N 110 
GLU HE2  H N N 111 
GLU HXT  H N N 112 
GLY N    N N N 113 
GLY CA   C N N 114 
GLY C    C N N 115 
GLY O    O N N 116 
GLY OXT  O N N 117 
GLY H    H N N 118 
GLY H2   H N N 119 
GLY HA2  H N N 120 
GLY HA3  H N N 121 
GLY HXT  H N N 122 
HIS N    N N N 123 
HIS CA   C N S 124 
HIS C    C N N 125 
HIS O    O N N 126 
HIS CB   C N N 127 
HIS CG   C Y N 128 
HIS ND1  N Y N 129 
HIS CD2  C Y N 130 
HIS CE1  C Y N 131 
HIS NE2  N Y N 132 
HIS OXT  O N N 133 
HIS H    H N N 134 
HIS H2   H N N 135 
HIS HA   H N N 136 
HIS HB2  H N N 137 
HIS HB3  H N N 138 
HIS HD1  H N N 139 
HIS HD2  H N N 140 
HIS HE1  H N N 141 
HIS HE2  H N N 142 
HIS HXT  H N N 143 
HOH O    O N N 144 
HOH H1   H N N 145 
HOH H2   H N N 146 
IAC C    C Y N 147 
IAC C1   C Y N 148 
IAC C2   C Y N 149 
IAC C3   C Y N 150 
IAC C4   C Y N 151 
IAC C5   C Y N 152 
IAC C7   C Y N 153 
IAC C8   C Y N 154 
IAC C17  C N N 155 
IAC C18  C N N 156 
IAC N    N Y N 157 
IAC O2   O N N 158 
IAC O3   O N N 159 
IAC H2   H N N 160 
IAC H3   H N N 161 
IAC H4   H N N 162 
IAC H5   H N N 163 
IAC H8   H N N 164 
IAC H171 H N N 165 
IAC H172 H N N 166 
IAC HN   H N N 167 
IAC HO2  H N N 168 
ILE N    N N N 169 
ILE CA   C N S 170 
ILE C    C N N 171 
ILE O    O N N 172 
ILE CB   C N S 173 
ILE CG1  C N N 174 
ILE CG2  C N N 175 
ILE CD1  C N N 176 
ILE OXT  O N N 177 
ILE H    H N N 178 
ILE H2   H N N 179 
ILE HA   H N N 180 
ILE HB   H N N 181 
ILE HG12 H N N 182 
ILE HG13 H N N 183 
ILE HG21 H N N 184 
ILE HG22 H N N 185 
ILE HG23 H N N 186 
ILE HD11 H N N 187 
ILE HD12 H N N 188 
ILE HD13 H N N 189 
ILE HXT  H N N 190 
LEU N    N N N 191 
LEU CA   C N S 192 
LEU C    C N N 193 
LEU O    O N N 194 
LEU CB   C N N 195 
LEU CG   C N N 196 
LEU CD1  C N N 197 
LEU CD2  C N N 198 
LEU OXT  O N N 199 
LEU H    H N N 200 
LEU H2   H N N 201 
LEU HA   H N N 202 
LEU HB2  H N N 203 
LEU HB3  H N N 204 
LEU HG   H N N 205 
LEU HD11 H N N 206 
LEU HD12 H N N 207 
LEU HD13 H N N 208 
LEU HD21 H N N 209 
LEU HD22 H N N 210 
LEU HD23 H N N 211 
LEU HXT  H N N 212 
LYS N    N N N 213 
LYS CA   C N S 214 
LYS C    C N N 215 
LYS O    O N N 216 
LYS CB   C N N 217 
LYS CG   C N N 218 
LYS CD   C N N 219 
LYS CE   C N N 220 
LYS NZ   N N N 221 
LYS OXT  O N N 222 
LYS H    H N N 223 
LYS H2   H N N 224 
LYS HA   H N N 225 
LYS HB2  H N N 226 
LYS HB3  H N N 227 
LYS HG2  H N N 228 
LYS HG3  H N N 229 
LYS HD2  H N N 230 
LYS HD3  H N N 231 
LYS HE2  H N N 232 
LYS HE3  H N N 233 
LYS HZ1  H N N 234 
LYS HZ2  H N N 235 
LYS HZ3  H N N 236 
LYS HXT  H N N 237 
MET N    N N N 238 
MET CA   C N S 239 
MET C    C N N 240 
MET O    O N N 241 
MET CB   C N N 242 
MET CG   C N N 243 
MET SD   S N N 244 
MET CE   C N N 245 
MET OXT  O N N 246 
MET H    H N N 247 
MET H2   H N N 248 
MET HA   H N N 249 
MET HB2  H N N 250 
MET HB3  H N N 251 
MET HG2  H N N 252 
MET HG3  H N N 253 
MET HE1  H N N 254 
MET HE2  H N N 255 
MET HE3  H N N 256 
MET HXT  H N N 257 
PHE N    N N N 258 
PHE CA   C N S 259 
PHE C    C N N 260 
PHE O    O N N 261 
PHE CB   C N N 262 
PHE CG   C Y N 263 
PHE CD1  C Y N 264 
PHE CD2  C Y N 265 
PHE CE1  C Y N 266 
PHE CE2  C Y N 267 
PHE CZ   C Y N 268 
PHE OXT  O N N 269 
PHE H    H N N 270 
PHE H2   H N N 271 
PHE HA   H N N 272 
PHE HB2  H N N 273 
PHE HB3  H N N 274 
PHE HD1  H N N 275 
PHE HD2  H N N 276 
PHE HE1  H N N 277 
PHE HE2  H N N 278 
PHE HZ   H N N 279 
PHE HXT  H N N 280 
PRO N    N N N 281 
PRO CA   C N S 282 
PRO C    C N N 283 
PRO O    O N N 284 
PRO CB   C N N 285 
PRO CG   C N N 286 
PRO CD   C N N 287 
PRO OXT  O N N 288 
PRO H    H N N 289 
PRO HA   H N N 290 
PRO HB2  H N N 291 
PRO HB3  H N N 292 
PRO HG2  H N N 293 
PRO HG3  H N N 294 
PRO HD2  H N N 295 
PRO HD3  H N N 296 
PRO HXT  H N N 297 
SER N    N N N 298 
SER CA   C N S 299 
SER C    C N N 300 
SER O    O N N 301 
SER CB   C N N 302 
SER OG   O N N 303 
SER OXT  O N N 304 
SER H    H N N 305 
SER H2   H N N 306 
SER HA   H N N 307 
SER HB2  H N N 308 
SER HB3  H N N 309 
SER HG   H N N 310 
SER HXT  H N N 311 
SO4 S    S N N 312 
SO4 O1   O N N 313 
SO4 O2   O N N 314 
SO4 O3   O N N 315 
SO4 O4   O N N 316 
THR N    N N N 317 
THR CA   C N S 318 
THR C    C N N 319 
THR O    O N N 320 
THR CB   C N R 321 
THR OG1  O N N 322 
THR CG2  C N N 323 
THR OXT  O N N 324 
THR H    H N N 325 
THR H2   H N N 326 
THR HA   H N N 327 
THR HB   H N N 328 
THR HG1  H N N 329 
THR HG21 H N N 330 
THR HG22 H N N 331 
THR HG23 H N N 332 
THR HXT  H N N 333 
TRP N    N N N 334 
TRP CA   C N S 335 
TRP C    C N N 336 
TRP O    O N N 337 
TRP CB   C N N 338 
TRP CG   C Y N 339 
TRP CD1  C Y N 340 
TRP CD2  C Y N 341 
TRP NE1  N Y N 342 
TRP CE2  C Y N 343 
TRP CE3  C Y N 344 
TRP CZ2  C Y N 345 
TRP CZ3  C Y N 346 
TRP CH2  C Y N 347 
TRP OXT  O N N 348 
TRP H    H N N 349 
TRP H2   H N N 350 
TRP HA   H N N 351 
TRP HB2  H N N 352 
TRP HB3  H N N 353 
TRP HD1  H N N 354 
TRP HE1  H N N 355 
TRP HE3  H N N 356 
TRP HZ2  H N N 357 
TRP HZ3  H N N 358 
TRP HH2  H N N 359 
TRP HXT  H N N 360 
TYR N    N N N 361 
TYR CA   C N S 362 
TYR C    C N N 363 
TYR O    O N N 364 
TYR CB   C N N 365 
TYR CG   C Y N 366 
TYR CD1  C Y N 367 
TYR CD2  C Y N 368 
TYR CE1  C Y N 369 
TYR CE2  C Y N 370 
TYR CZ   C Y N 371 
TYR OH   O N N 372 
TYR OXT  O N N 373 
TYR H    H N N 374 
TYR H2   H N N 375 
TYR HA   H N N 376 
TYR HB2  H N N 377 
TYR HB3  H N N 378 
TYR HD1  H N N 379 
TYR HD2  H N N 380 
TYR HE1  H N N 381 
TYR HE2  H N N 382 
TYR HH   H N N 383 
TYR HXT  H N N 384 
VAL N    N N N 385 
VAL CA   C N S 386 
VAL C    C N N 387 
VAL O    O N N 388 
VAL CB   C N N 389 
VAL CG1  C N N 390 
VAL CG2  C N N 391 
VAL OXT  O N N 392 
VAL H    H N N 393 
VAL H2   H N N 394 
VAL HA   H N N 395 
VAL HB   H N N 396 
VAL HG11 H N N 397 
VAL HG12 H N N 398 
VAL HG13 H N N 399 
VAL HG21 H N N 400 
VAL HG22 H N N 401 
VAL HG23 H N N 402 
VAL HXT  H N N 403 
# 
loop_
_chem_comp_bond.comp_id 
_chem_comp_bond.atom_id_1 
_chem_comp_bond.atom_id_2 
_chem_comp_bond.value_order 
_chem_comp_bond.pdbx_aromatic_flag 
_chem_comp_bond.pdbx_stereo_config 
_chem_comp_bond.pdbx_ordinal 
ALA N   CA   sing N N 1   
ALA N   H    sing N N 2   
ALA N   H2   sing N N 3   
ALA CA  C    sing N N 4   
ALA CA  CB   sing N N 5   
ALA CA  HA   sing N N 6   
ALA C   O    doub N N 7   
ALA C   OXT  sing N N 8   
ALA CB  HB1  sing N N 9   
ALA CB  HB2  sing N N 10  
ALA CB  HB3  sing N N 11  
ALA OXT HXT  sing N N 12  
ARG N   CA   sing N N 13  
ARG N   H    sing N N 14  
ARG N   H2   sing N N 15  
ARG CA  C    sing N N 16  
ARG CA  CB   sing N N 17  
ARG CA  HA   sing N N 18  
ARG C   O    doub N N 19  
ARG C   OXT  sing N N 20  
ARG CB  CG   sing N N 21  
ARG CB  HB2  sing N N 22  
ARG CB  HB3  sing N N 23  
ARG CG  CD   sing N N 24  
ARG CG  HG2  sing N N 25  
ARG CG  HG3  sing N N 26  
ARG CD  NE   sing N N 27  
ARG CD  HD2  sing N N 28  
ARG CD  HD3  sing N N 29  
ARG NE  CZ   sing N N 30  
ARG NE  HE   sing N N 31  
ARG CZ  NH1  sing N N 32  
ARG CZ  NH2  doub N N 33  
ARG NH1 HH11 sing N N 34  
ARG NH1 HH12 sing N N 35  
ARG NH2 HH21 sing N N 36  
ARG NH2 HH22 sing N N 37  
ARG OXT HXT  sing N N 38  
ASN N   CA   sing N N 39  
ASN N   H    sing N N 40  
ASN N   H2   sing N N 41  
ASN CA  C    sing N N 42  
ASN CA  CB   sing N N 43  
ASN CA  HA   sing N N 44  
ASN C   O    doub N N 45  
ASN C   OXT  sing N N 46  
ASN CB  CG   sing N N 47  
ASN CB  HB2  sing N N 48  
ASN CB  HB3  sing N N 49  
ASN CG  OD1  doub N N 50  
ASN CG  ND2  sing N N 51  
ASN ND2 HD21 sing N N 52  
ASN ND2 HD22 sing N N 53  
ASN OXT HXT  sing N N 54  
ASP N   CA   sing N N 55  
ASP N   H    sing N N 56  
ASP N   H2   sing N N 57  
ASP CA  C    sing N N 58  
ASP CA  CB   sing N N 59  
ASP CA  HA   sing N N 60  
ASP C   O    doub N N 61  
ASP C   OXT  sing N N 62  
ASP CB  CG   sing N N 63  
ASP CB  HB2  sing N N 64  
ASP CB  HB3  sing N N 65  
ASP CG  OD1  doub N N 66  
ASP CG  OD2  sing N N 67  
ASP OD2 HD2  sing N N 68  
ASP OXT HXT  sing N N 69  
GLN N   CA   sing N N 70  
GLN N   H    sing N N 71  
GLN N   H2   sing N N 72  
GLN CA  C    sing N N 73  
GLN CA  CB   sing N N 74  
GLN CA  HA   sing N N 75  
GLN C   O    doub N N 76  
GLN C   OXT  sing N N 77  
GLN CB  CG   sing N N 78  
GLN CB  HB2  sing N N 79  
GLN CB  HB3  sing N N 80  
GLN CG  CD   sing N N 81  
GLN CG  HG2  sing N N 82  
GLN CG  HG3  sing N N 83  
GLN CD  OE1  doub N N 84  
GLN CD  NE2  sing N N 85  
GLN NE2 HE21 sing N N 86  
GLN NE2 HE22 sing N N 87  
GLN OXT HXT  sing N N 88  
GLU N   CA   sing N N 89  
GLU N   H    sing N N 90  
GLU N   H2   sing N N 91  
GLU CA  C    sing N N 92  
GLU CA  CB   sing N N 93  
GLU CA  HA   sing N N 94  
GLU C   O    doub N N 95  
GLU C   OXT  sing N N 96  
GLU CB  CG   sing N N 97  
GLU CB  HB2  sing N N 98  
GLU CB  HB3  sing N N 99  
GLU CG  CD   sing N N 100 
GLU CG  HG2  sing N N 101 
GLU CG  HG3  sing N N 102 
GLU CD  OE1  doub N N 103 
GLU CD  OE2  sing N N 104 
GLU OE2 HE2  sing N N 105 
GLU OXT HXT  sing N N 106 
GLY N   CA   sing N N 107 
GLY N   H    sing N N 108 
GLY N   H2   sing N N 109 
GLY CA  C    sing N N 110 
GLY CA  HA2  sing N N 111 
GLY CA  HA3  sing N N 112 
GLY C   O    doub N N 113 
GLY C   OXT  sing N N 114 
GLY OXT HXT  sing N N 115 
HIS N   CA   sing N N 116 
HIS N   H    sing N N 117 
HIS N   H2   sing N N 118 
HIS CA  C    sing N N 119 
HIS CA  CB   sing N N 120 
HIS CA  HA   sing N N 121 
HIS C   O    doub N N 122 
HIS C   OXT  sing N N 123 
HIS CB  CG   sing N N 124 
HIS CB  HB2  sing N N 125 
HIS CB  HB3  sing N N 126 
HIS CG  ND1  sing Y N 127 
HIS CG  CD2  doub Y N 128 
HIS ND1 CE1  doub Y N 129 
HIS ND1 HD1  sing N N 130 
HIS CD2 NE2  sing Y N 131 
HIS CD2 HD2  sing N N 132 
HIS CE1 NE2  sing Y N 133 
HIS CE1 HE1  sing N N 134 
HIS NE2 HE2  sing N N 135 
HIS OXT HXT  sing N N 136 
HOH O   H1   sing N N 137 
HOH O   H2   sing N N 138 
IAC C   N    sing Y N 139 
IAC C   C1   doub Y N 140 
IAC C   C5   sing Y N 141 
IAC C1  C7   sing Y N 142 
IAC C1  C2   sing Y N 143 
IAC C2  C3   doub Y N 144 
IAC C2  H2   sing N N 145 
IAC C3  C4   sing Y N 146 
IAC C3  H3   sing N N 147 
IAC C4  C5   doub Y N 148 
IAC C4  H4   sing N N 149 
IAC C5  H5   sing N N 150 
IAC C7  C17  sing N N 151 
IAC C7  C8   doub Y N 152 
IAC C8  N    sing Y N 153 
IAC C8  H8   sing N N 154 
IAC C17 C18  sing N N 155 
IAC C17 H171 sing N N 156 
IAC C17 H172 sing N N 157 
IAC C18 O3   doub N N 158 
IAC C18 O2   sing N N 159 
IAC N   HN   sing N N 160 
IAC O2  HO2  sing N N 161 
ILE N   CA   sing N N 162 
ILE N   H    sing N N 163 
ILE N   H2   sing N N 164 
ILE CA  C    sing N N 165 
ILE CA  CB   sing N N 166 
ILE CA  HA   sing N N 167 
ILE C   O    doub N N 168 
ILE C   OXT  sing N N 169 
ILE CB  CG1  sing N N 170 
ILE CB  CG2  sing N N 171 
ILE CB  HB   sing N N 172 
ILE CG1 CD1  sing N N 173 
ILE CG1 HG12 sing N N 174 
ILE CG1 HG13 sing N N 175 
ILE CG2 HG21 sing N N 176 
ILE CG2 HG22 sing N N 177 
ILE CG2 HG23 sing N N 178 
ILE CD1 HD11 sing N N 179 
ILE CD1 HD12 sing N N 180 
ILE CD1 HD13 sing N N 181 
ILE OXT HXT  sing N N 182 
LEU N   CA   sing N N 183 
LEU N   H    sing N N 184 
LEU N   H2   sing N N 185 
LEU CA  C    sing N N 186 
LEU CA  CB   sing N N 187 
LEU CA  HA   sing N N 188 
LEU C   O    doub N N 189 
LEU C   OXT  sing N N 190 
LEU CB  CG   sing N N 191 
LEU CB  HB2  sing N N 192 
LEU CB  HB3  sing N N 193 
LEU CG  CD1  sing N N 194 
LEU CG  CD2  sing N N 195 
LEU CG  HG   sing N N 196 
LEU CD1 HD11 sing N N 197 
LEU CD1 HD12 sing N N 198 
LEU CD1 HD13 sing N N 199 
LEU CD2 HD21 sing N N 200 
LEU CD2 HD22 sing N N 201 
LEU CD2 HD23 sing N N 202 
LEU OXT HXT  sing N N 203 
LYS N   CA   sing N N 204 
LYS N   H    sing N N 205 
LYS N   H2   sing N N 206 
LYS CA  C    sing N N 207 
LYS CA  CB   sing N N 208 
LYS CA  HA   sing N N 209 
LYS C   O    doub N N 210 
LYS C   OXT  sing N N 211 
LYS CB  CG   sing N N 212 
LYS CB  HB2  sing N N 213 
LYS CB  HB3  sing N N 214 
LYS CG  CD   sing N N 215 
LYS CG  HG2  sing N N 216 
LYS CG  HG3  sing N N 217 
LYS CD  CE   sing N N 218 
LYS CD  HD2  sing N N 219 
LYS CD  HD3  sing N N 220 
LYS CE  NZ   sing N N 221 
LYS CE  HE2  sing N N 222 
LYS CE  HE3  sing N N 223 
LYS NZ  HZ1  sing N N 224 
LYS NZ  HZ2  sing N N 225 
LYS NZ  HZ3  sing N N 226 
LYS OXT HXT  sing N N 227 
MET N   CA   sing N N 228 
MET N   H    sing N N 229 
MET N   H2   sing N N 230 
MET CA  C    sing N N 231 
MET CA  CB   sing N N 232 
MET CA  HA   sing N N 233 
MET C   O    doub N N 234 
MET C   OXT  sing N N 235 
MET CB  CG   sing N N 236 
MET CB  HB2  sing N N 237 
MET CB  HB3  sing N N 238 
MET CG  SD   sing N N 239 
MET CG  HG2  sing N N 240 
MET CG  HG3  sing N N 241 
MET SD  CE   sing N N 242 
MET CE  HE1  sing N N 243 
MET CE  HE2  sing N N 244 
MET CE  HE3  sing N N 245 
MET OXT HXT  sing N N 246 
PHE N   CA   sing N N 247 
PHE N   H    sing N N 248 
PHE N   H2   sing N N 249 
PHE CA  C    sing N N 250 
PHE CA  CB   sing N N 251 
PHE CA  HA   sing N N 252 
PHE C   O    doub N N 253 
PHE C   OXT  sing N N 254 
PHE CB  CG   sing N N 255 
PHE CB  HB2  sing N N 256 
PHE CB  HB3  sing N N 257 
PHE CG  CD1  doub Y N 258 
PHE CG  CD2  sing Y N 259 
PHE CD1 CE1  sing Y N 260 
PHE CD1 HD1  sing N N 261 
PHE CD2 CE2  doub Y N 262 
PHE CD2 HD2  sing N N 263 
PHE CE1 CZ   doub Y N 264 
PHE CE1 HE1  sing N N 265 
PHE CE2 CZ   sing Y N 266 
PHE CE2 HE2  sing N N 267 
PHE CZ  HZ   sing N N 268 
PHE OXT HXT  sing N N 269 
PRO N   CA   sing N N 270 
PRO N   CD   sing N N 271 
PRO N   H    sing N N 272 
PRO CA  C    sing N N 273 
PRO CA  CB   sing N N 274 
PRO CA  HA   sing N N 275 
PRO C   O    doub N N 276 
PRO C   OXT  sing N N 277 
PRO CB  CG   sing N N 278 
PRO CB  HB2  sing N N 279 
PRO CB  HB3  sing N N 280 
PRO CG  CD   sing N N 281 
PRO CG  HG2  sing N N 282 
PRO CG  HG3  sing N N 283 
PRO CD  HD2  sing N N 284 
PRO CD  HD3  sing N N 285 
PRO OXT HXT  sing N N 286 
SER N   CA   sing N N 287 
SER N   H    sing N N 288 
SER N   H2   sing N N 289 
SER CA  C    sing N N 290 
SER CA  CB   sing N N 291 
SER CA  HA   sing N N 292 
SER C   O    doub N N 293 
SER C   OXT  sing N N 294 
SER CB  OG   sing N N 295 
SER CB  HB2  sing N N 296 
SER CB  HB3  sing N N 297 
SER OG  HG   sing N N 298 
SER OXT HXT  sing N N 299 
SO4 S   O1   doub N N 300 
SO4 S   O2   doub N N 301 
SO4 S   O3   sing N N 302 
SO4 S   O4   sing N N 303 
THR N   CA   sing N N 304 
THR N   H    sing N N 305 
THR N   H2   sing N N 306 
THR CA  C    sing N N 307 
THR CA  CB   sing N N 308 
THR CA  HA   sing N N 309 
THR C   O    doub N N 310 
THR C   OXT  sing N N 311 
THR CB  OG1  sing N N 312 
THR CB  CG2  sing N N 313 
THR CB  HB   sing N N 314 
THR OG1 HG1  sing N N 315 
THR CG2 HG21 sing N N 316 
THR CG2 HG22 sing N N 317 
THR CG2 HG23 sing N N 318 
THR OXT HXT  sing N N 319 
TRP N   CA   sing N N 320 
TRP N   H    sing N N 321 
TRP N   H2   sing N N 322 
TRP CA  C    sing N N 323 
TRP CA  CB   sing N N 324 
TRP CA  HA   sing N N 325 
TRP C   O    doub N N 326 
TRP C   OXT  sing N N 327 
TRP CB  CG   sing N N 328 
TRP CB  HB2  sing N N 329 
TRP CB  HB3  sing N N 330 
TRP CG  CD1  doub Y N 331 
TRP CG  CD2  sing Y N 332 
TRP CD1 NE1  sing Y N 333 
TRP CD1 HD1  sing N N 334 
TRP CD2 CE2  doub Y N 335 
TRP CD2 CE3  sing Y N 336 
TRP NE1 CE2  sing Y N 337 
TRP NE1 HE1  sing N N 338 
TRP CE2 CZ2  sing Y N 339 
TRP CE3 CZ3  doub Y N 340 
TRP CE3 HE3  sing N N 341 
TRP CZ2 CH2  doub Y N 342 
TRP CZ2 HZ2  sing N N 343 
TRP CZ3 CH2  sing Y N 344 
TRP CZ3 HZ3  sing N N 345 
TRP CH2 HH2  sing N N 346 
TRP OXT HXT  sing N N 347 
TYR N   CA   sing N N 348 
TYR N   H    sing N N 349 
TYR N   H2   sing N N 350 
TYR CA  C    sing N N 351 
TYR CA  CB   sing N N 352 
TYR CA  HA   sing N N 353 
TYR C   O    doub N N 354 
TYR C   OXT  sing N N 355 
TYR CB  CG   sing N N 356 
TYR CB  HB2  sing N N 357 
TYR CB  HB3  sing N N 358 
TYR CG  CD1  doub Y N 359 
TYR CG  CD2  sing Y N 360 
TYR CD1 CE1  sing Y N 361 
TYR CD1 HD1  sing N N 362 
TYR CD2 CE2  doub Y N 363 
TYR CD2 HD2  sing N N 364 
TYR CE1 CZ   doub Y N 365 
TYR CE1 HE1  sing N N 366 
TYR CE2 CZ   sing Y N 367 
TYR CE2 HE2  sing N N 368 
TYR CZ  OH   sing N N 369 
TYR OH  HH   sing N N 370 
TYR OXT HXT  sing N N 371 
VAL N   CA   sing N N 372 
VAL N   H    sing N N 373 
VAL N   H2   sing N N 374 
VAL CA  C    sing N N 375 
VAL CA  CB   sing N N 376 
VAL CA  HA   sing N N 377 
VAL C   O    doub N N 378 
VAL C   OXT  sing N N 379 
VAL CB  CG1  sing N N 380 
VAL CB  CG2  sing N N 381 
VAL CB  HB   sing N N 382 
VAL CG1 HG11 sing N N 383 
VAL CG1 HG12 sing N N 384 
VAL CG1 HG13 sing N N 385 
VAL CG2 HG21 sing N N 386 
VAL CG2 HG22 sing N N 387 
VAL CG2 HG23 sing N N 388 
VAL OXT HXT  sing N N 389 
# 
_pdbx_audit_support.funding_organization   'National Science Foundation (NSF, United States)' 
_pdbx_audit_support.country                'United States' 
_pdbx_audit_support.grant_number           IOS-1917270 
_pdbx_audit_support.ordinal                1 
# 
_pdbx_entity_instance_feature.ordinal        1 
_pdbx_entity_instance_feature.comp_id        IAC 
_pdbx_entity_instance_feature.asym_id        ? 
_pdbx_entity_instance_feature.seq_num        ? 
_pdbx_entity_instance_feature.auth_comp_id   IAC 
_pdbx_entity_instance_feature.auth_asym_id   ? 
_pdbx_entity_instance_feature.auth_seq_num   ? 
_pdbx_entity_instance_feature.feature_type   'SUBJECT OF INVESTIGATION' 
_pdbx_entity_instance_feature.details        ? 
# 
loop_
_pdbx_entity_nonpoly.entity_id 
_pdbx_entity_nonpoly.name 
_pdbx_entity_nonpoly.comp_id 
2 '1H-INDOL-3-YLACETIC ACID' IAC 
3 'SULFATE ION'              SO4 
4 water                      HOH 
# 
_pdbx_initial_refinement_model.id               1 
_pdbx_initial_refinement_model.entity_id_list   ? 
_pdbx_initial_refinement_model.type             'experimental model' 
_pdbx_initial_refinement_model.source_name      PDB 
_pdbx_initial_refinement_model.accession_code   3CDH 
_pdbx_initial_refinement_model.details          ? 
# 
_pdbx_struct_assembly_auth_evidence.id                     1 
_pdbx_struct_assembly_auth_evidence.assembly_id            1 
_pdbx_struct_assembly_auth_evidence.experimental_support   'gel filtration' 
_pdbx_struct_assembly_auth_evidence.details                ? 
# 
_space_group.name_H-M_alt     'F 2 2 2' 
_space_group.name_Hall        'F 2 2' 
_space_group.IT_number        22 
_space_group.crystal_system   orthorhombic 
_space_group.id               1 
# 
